data_5Y0E
#
_entry.id   5Y0E
#
_cell.length_a   151.832
_cell.length_b   151.832
_cell.length_c   313.195
_cell.angle_alpha   90.00
_cell.angle_beta   90.00
_cell.angle_gamma   120.00
#
_symmetry.space_group_name_H-M   'P 65 2 2'
#
loop_
_entity.id
_entity.type
_entity.pdbx_description
1 polymer TssK
2 non-polymer 'SULFATE ION'
3 water water
#
_entity_poly.entity_id   1
_entity_poly.type   'polypeptide(L)'
_entity_poly.pdbx_seq_one_letter_code
;MKDAHKVVWTEGMFLRPHHFQQAENYLEGYMRNWGQAHSGCFWGFLTLDLDQTLLRQGKIALNAASGIMPDGTPFRFSGA
QQAPAPLAIADNKTGENVVLALPTYRAGREDVIFQESPEALARYLAYENEVDDLNAVSVGSAALQFGRLRLRLMLESELN
AEWTALGVTRVLEKRGDNSLRLDTAQIPPMLNCQGNPVLKTFINDLQGLLQQRSQQMSQRLLQPGRGGSSEMVDFMLLQL
INRHLGQVSHAYHLDHLHPERLFADWLQFATELASFSAQRTPEGRLPVYDHDNLALCFGKLMLLLRQGLSVVLEDNAIQL
TLVERSHGLNVATVQDTKMMRDFGFVLAVRADVAAEVLLTHFPAQMKIAPVTRIRDLVQLQLPGIGLRTMPVAPRQIPYH
AGYTYFELEKGGDLWKQMEKSSAFALHLAGEFPGLDMEFWAIRSHTDRLEHHHHHH
;
_entity_poly.pdbx_strand_id   A,B,C
#
loop_
_chem_comp.id
_chem_comp.type
_chem_comp.name
_chem_comp.formula
SO4 non-polymer 'SULFATE ION' 'O4 S -2'
#
# COMPACT_ATOMS: atom_id res chain seq x y z
N ASP A 3 7.68 -21.77 26.79
CA ASP A 3 7.61 -23.20 26.98
C ASP A 3 6.35 -23.66 27.71
N ALA A 4 5.17 -23.35 27.20
CA ALA A 4 3.92 -23.79 27.80
C ALA A 4 3.42 -25.01 27.05
N HIS A 5 3.70 -26.19 27.59
CA HIS A 5 3.34 -27.43 26.93
C HIS A 5 1.92 -27.86 27.30
N LYS A 6 1.40 -28.79 26.52
CA LYS A 6 0.09 -29.34 26.68
C LYS A 6 -0.04 -30.27 27.87
N VAL A 7 -1.20 -30.22 28.50
CA VAL A 7 -1.47 -31.02 29.66
C VAL A 7 -2.09 -32.35 29.26
N VAL A 8 -1.62 -33.44 29.86
CA VAL A 8 -2.18 -34.76 29.58
C VAL A 8 -3.24 -35.10 30.61
N TRP A 9 -4.49 -35.13 30.17
CA TRP A 9 -5.60 -35.50 31.01
C TRP A 9 -5.80 -37.00 30.90
N THR A 10 -5.39 -37.72 31.94
CA THR A 10 -5.50 -39.16 32.01
C THR A 10 -6.75 -39.55 32.78
N GLU A 11 -7.07 -40.83 32.72
CA GLU A 11 -8.23 -41.36 33.43
C GLU A 11 -7.84 -41.65 34.87
N GLY A 12 -8.63 -41.14 35.81
CA GLY A 12 -8.30 -41.28 37.21
C GLY A 12 -7.28 -40.31 37.74
N MET A 13 -6.82 -39.37 36.92
CA MET A 13 -5.94 -38.34 37.41
C MET A 13 -6.62 -37.58 38.54
N PHE A 14 -5.87 -37.18 39.54
CA PHE A 14 -6.42 -36.33 40.56
C PHE A 14 -6.31 -34.87 40.13
N LEU A 15 -7.43 -34.16 40.06
CA LEU A 15 -7.38 -32.80 39.60
C LEU A 15 -6.91 -31.80 40.62
N ARG A 16 -6.04 -30.91 40.19
CA ARG A 16 -5.55 -29.84 41.03
C ARG A 16 -5.61 -28.53 40.26
N PRO A 17 -5.37 -27.41 40.93
CA PRO A 17 -5.49 -26.13 40.24
C PRO A 17 -4.46 -26.01 39.14
N HIS A 18 -3.31 -26.53 39.39
CA HIS A 18 -2.22 -26.51 38.46
C HIS A 18 -2.58 -26.96 37.04
N HIS A 19 -3.40 -27.99 36.90
CA HIS A 19 -3.83 -28.43 35.61
C HIS A 19 -4.46 -27.31 34.81
N PHE A 20 -5.45 -26.66 35.37
CA PHE A 20 -6.10 -25.61 34.65
C PHE A 20 -5.17 -24.45 34.39
N GLN A 21 -4.31 -24.18 35.33
CA GLN A 21 -3.35 -23.10 35.18
C GLN A 21 -2.42 -23.34 34.00
N GLN A 22 -1.74 -24.49 33.99
CA GLN A 22 -0.84 -24.78 32.89
C GLN A 22 -1.58 -24.91 31.57
N ALA A 23 -2.84 -25.31 31.62
CA ALA A 23 -3.61 -25.46 30.41
C ALA A 23 -3.90 -24.12 29.79
N GLU A 24 -4.24 -23.14 30.60
CA GLU A 24 -4.42 -21.79 30.09
C GLU A 24 -3.10 -21.23 29.58
N ASN A 25 -1.99 -21.53 30.28
CA ASN A 25 -0.69 -21.15 29.75
C ASN A 25 -0.47 -21.73 28.36
N TYR A 26 -0.66 -23.02 28.22
CA TYR A 26 -0.45 -23.66 26.95
C TYR A 26 -1.29 -23.07 25.84
N LEU A 27 -2.55 -22.86 26.12
CA LEU A 27 -3.44 -22.33 25.09
C LEU A 27 -3.09 -20.90 24.75
N GLU A 28 -2.83 -20.07 25.77
CA GLU A 28 -2.38 -18.71 25.52
C GLU A 28 -1.15 -18.71 24.64
N GLY A 29 -0.20 -19.58 24.94
CA GLY A 29 1.01 -19.64 24.14
C GLY A 29 0.76 -20.10 22.73
N TYR A 30 -0.22 -20.99 22.54
CA TYR A 30 -0.59 -21.42 21.20
C TYR A 30 -1.00 -20.22 20.36
N MET A 31 -1.96 -19.45 20.87
CA MET A 31 -2.50 -18.33 20.12
C MET A 31 -1.45 -17.26 19.93
N ARG A 32 -0.65 -17.02 20.95
CA ARG A 32 0.39 -16.01 20.85
C ARG A 32 1.41 -16.41 19.80
N ASN A 33 1.76 -17.68 19.75
CA ASN A 33 2.69 -18.09 18.72
C ASN A 33 2.08 -17.98 17.33
N TRP A 34 0.82 -18.35 17.19
CA TRP A 34 0.15 -18.12 15.92
C TRP A 34 0.20 -16.65 15.55
N GLY A 35 -0.26 -15.80 16.45
CA GLY A 35 -0.35 -14.38 16.14
C GLY A 35 0.99 -13.79 15.81
N GLN A 36 1.98 -14.03 16.66
CA GLN A 36 3.27 -13.42 16.44
C GLN A 36 3.94 -13.96 15.18
N ALA A 37 3.62 -15.19 14.81
CA ALA A 37 4.23 -15.73 13.60
C ALA A 37 3.77 -15.02 12.35
N HIS A 38 2.67 -14.28 12.40
CA HIS A 38 2.18 -13.66 11.17
C HIS A 38 2.04 -12.15 11.27
N SER A 39 2.63 -11.52 12.28
CA SER A 39 2.59 -10.06 12.40
C SER A 39 3.90 -9.59 13.00
N GLY A 40 4.69 -8.87 12.23
CA GLY A 40 5.68 -8.00 12.82
C GLY A 40 5.02 -6.76 13.40
N CYS A 41 5.67 -6.19 14.40
CA CYS A 41 5.19 -4.98 15.05
C CYS A 41 3.80 -5.18 15.60
N PHE A 42 3.64 -6.29 16.33
CA PHE A 42 2.34 -6.77 16.78
C PHE A 42 1.84 -6.09 18.05
N TRP A 43 2.69 -5.35 18.75
CA TRP A 43 2.33 -4.66 19.97
C TRP A 43 1.95 -3.22 19.68
N GLY A 44 1.15 -2.64 20.54
CA GLY A 44 0.83 -1.24 20.48
C GLY A 44 -0.60 -1.02 20.87
N PHE A 45 -1.07 0.19 20.68
CA PHE A 45 -2.45 0.56 20.99
C PHE A 45 -3.31 0.51 19.74
N LEU A 46 -4.52 -0.02 19.91
CA LEU A 46 -5.61 0.21 18.98
C LEU A 46 -6.36 1.47 19.34
N THR A 47 -6.54 1.70 20.62
CA THR A 47 -7.27 2.84 21.12
C THR A 47 -6.57 3.34 22.38
N LEU A 48 -6.68 4.64 22.61
CA LEU A 48 -5.99 5.27 23.73
C LEU A 48 -6.74 6.56 24.02
N ASP A 49 -7.31 6.66 25.22
CA ASP A 49 -8.03 7.86 25.61
C ASP A 49 -7.48 8.38 26.91
N LEU A 50 -6.71 9.45 26.83
CA LEU A 50 -6.15 10.07 28.02
C LEU A 50 -7.17 11.01 28.63
N ASP A 51 -7.28 10.99 29.95
CA ASP A 51 -8.21 11.90 30.62
C ASP A 51 -7.57 13.26 30.76
N GLN A 52 -8.11 14.23 30.05
CA GLN A 52 -7.54 15.57 30.06
C GLN A 52 -7.87 16.28 31.36
N THR A 53 -9.08 16.07 31.89
CA THR A 53 -9.50 16.71 33.11
C THR A 53 -8.52 16.44 34.24
N LEU A 54 -8.04 15.21 34.38
CA LEU A 54 -7.09 14.93 35.43
C LEU A 54 -5.69 15.43 35.12
N LEU A 55 -5.42 15.84 33.89
CA LEU A 55 -4.12 16.42 33.60
C LEU A 55 -3.86 17.61 34.49
N ARG A 56 -4.92 18.26 34.94
CA ARG A 56 -4.80 19.49 35.69
C ARG A 56 -4.42 19.26 37.13
N GLN A 57 -4.12 18.03 37.52
CA GLN A 57 -3.72 17.81 38.90
C GLN A 57 -2.42 17.02 38.97
N GLY A 58 -1.61 17.09 37.92
CA GLY A 58 -0.38 16.36 37.94
C GLY A 58 -0.56 14.88 37.82
N LYS A 59 -1.68 14.45 37.25
CA LYS A 59 -1.98 13.04 37.12
C LYS A 59 -2.10 12.69 35.64
N ILE A 60 -1.44 11.59 35.26
CA ILE A 60 -1.71 10.92 34.00
C ILE A 60 -2.75 9.84 34.24
N ALA A 61 -3.87 9.92 33.57
CA ALA A 61 -4.91 8.92 33.69
C ALA A 61 -5.45 8.53 32.32
N LEU A 62 -5.66 7.25 32.12
CA LEU A 62 -6.26 6.73 30.89
C LEU A 62 -7.73 6.47 31.11
N ASN A 63 -8.58 7.19 30.39
CA ASN A 63 -10.01 6.85 30.36
C ASN A 63 -10.22 5.42 29.88
N ALA A 64 -9.56 5.03 28.79
CA ALA A 64 -9.79 3.78 28.11
C ALA A 64 -8.58 3.49 27.24
N ALA A 65 -8.36 2.22 26.93
CA ALA A 65 -7.29 1.84 26.03
C ALA A 65 -7.46 0.37 25.64
N SER A 66 -6.90 0.02 24.48
CA SER A 66 -6.87 -1.38 24.08
C SER A 66 -5.67 -1.60 23.17
N GLY A 67 -5.18 -2.82 23.15
CA GLY A 67 -4.02 -3.08 22.35
C GLY A 67 -3.35 -4.37 22.78
N ILE A 68 -2.06 -4.45 22.53
CA ILE A 68 -1.25 -5.63 22.81
C ILE A 68 0.10 -5.19 23.37
N MET A 69 0.51 -5.81 24.46
CA MET A 69 1.77 -5.50 25.08
C MET A 69 2.90 -6.19 24.34
N PRO A 70 4.12 -5.72 24.53
CA PRO A 70 5.24 -6.31 23.79
C PRO A 70 5.42 -7.78 24.05
N ASP A 71 4.98 -8.29 25.19
CA ASP A 71 5.12 -9.70 25.49
C ASP A 71 3.98 -10.53 24.93
N GLY A 72 3.06 -9.93 24.20
CA GLY A 72 1.99 -10.64 23.53
C GLY A 72 0.64 -10.51 24.19
N THR A 73 0.56 -9.81 25.30
CA THR A 73 -0.65 -9.85 26.10
C THR A 73 -1.65 -8.82 25.60
N PRO A 74 -2.81 -9.24 25.11
CA PRO A 74 -3.85 -8.28 24.76
C PRO A 74 -4.50 -7.70 26.00
N PHE A 75 -5.05 -6.51 25.85
CA PHE A 75 -5.69 -5.82 26.96
C PHE A 75 -6.75 -4.89 26.42
N ARG A 76 -7.69 -4.56 27.28
CA ARG A 76 -8.79 -3.66 26.97
C ARG A 76 -9.39 -3.23 28.30
N PHE A 77 -9.59 -1.92 28.48
CA PHE A 77 -10.24 -1.45 29.69
C PHE A 77 -10.96 -0.16 29.38
N SER A 78 -11.88 0.20 30.26
CA SER A 78 -12.61 1.45 30.12
C SER A 78 -13.18 1.82 31.46
N GLY A 79 -13.23 3.11 31.72
CA GLY A 79 -13.75 3.57 32.99
C GLY A 79 -12.70 3.52 34.07
N ALA A 80 -12.82 4.45 35.01
CA ALA A 80 -11.86 4.56 36.10
C ALA A 80 -11.83 3.29 36.95
N GLN A 81 -12.94 2.56 36.99
CA GLN A 81 -12.98 1.31 37.77
C GLN A 81 -11.96 0.31 37.26
N GLN A 82 -11.70 0.28 35.96
CA GLN A 82 -10.78 -0.69 35.38
C GLN A 82 -9.45 -0.09 34.96
N ALA A 83 -9.38 1.19 34.75
CA ALA A 83 -8.11 1.73 34.37
C ALA A 83 -7.06 1.57 35.44
N PRO A 84 -5.82 1.65 35.04
CA PRO A 84 -4.76 1.59 36.00
C PRO A 84 -4.76 2.83 36.89
N ALA A 85 -4.21 2.67 38.07
CA ALA A 85 -4.09 3.75 39.03
C ALA A 85 -3.38 4.90 38.38
N PRO A 86 -3.96 6.09 38.48
CA PRO A 86 -3.34 7.25 37.87
C PRO A 86 -1.97 7.55 38.44
N LEU A 87 -1.15 8.11 37.60
CA LEU A 87 0.19 8.38 37.97
C LEU A 87 0.43 9.82 38.28
N ALA A 88 0.76 10.08 39.52
CA ALA A 88 1.12 11.43 39.95
C ALA A 88 2.53 11.74 39.50
N ILE A 89 2.68 12.92 38.94
CA ILE A 89 3.96 13.36 38.46
C ILE A 89 4.52 14.29 39.50
N ALA A 90 5.73 14.02 39.93
CA ALA A 90 6.35 14.82 40.93
C ALA A 90 6.66 16.20 40.42
N ASP A 91 7.04 17.09 41.33
CA ASP A 91 7.32 18.47 40.96
C ASP A 91 8.49 18.66 39.98
N ASN A 92 9.46 17.76 40.02
CA ASN A 92 10.70 17.94 39.30
C ASN A 92 10.77 17.21 37.97
N LYS A 93 9.93 16.21 37.76
CA LYS A 93 10.02 15.47 36.52
C LYS A 93 9.65 16.39 35.41
N THR A 94 10.45 16.41 34.38
CA THR A 94 10.19 17.25 33.24
C THR A 94 10.86 16.55 32.09
N GLY A 95 10.19 16.48 30.96
CA GLY A 95 10.77 15.82 29.84
C GLY A 95 10.97 14.36 30.15
N GLU A 96 9.99 13.74 30.78
CA GLU A 96 10.09 12.33 31.08
C GLU A 96 8.99 11.55 30.37
N ASN A 97 9.29 10.32 30.00
CA ASN A 97 8.33 9.48 29.29
C ASN A 97 7.50 8.66 30.27
N VAL A 98 6.20 8.63 30.03
CA VAL A 98 5.25 7.83 30.79
C VAL A 98 4.81 6.65 29.94
N VAL A 99 4.76 5.48 30.56
CA VAL A 99 4.44 4.24 29.86
C VAL A 99 3.26 3.53 30.50
N LEU A 100 2.67 2.61 29.74
CA LEU A 100 1.75 1.61 30.26
C LEU A 100 2.51 0.30 30.35
N ALA A 101 2.58 -0.27 31.52
CA ALA A 101 3.37 -1.46 31.70
C ALA A 101 2.71 -2.63 32.34
N LEU A 102 3.32 -3.78 32.18
CA LEU A 102 2.82 -5.02 32.72
C LEU A 102 3.99 -5.87 33.01
N PRO A 103 3.95 -6.60 34.11
CA PRO A 103 5.05 -7.46 34.48
C PRO A 103 5.12 -8.65 33.56
N THR A 104 6.30 -9.13 33.33
CA THR A 104 6.48 -10.29 32.47
C THR A 104 6.16 -11.56 33.26
N TYR A 105 5.62 -12.55 32.55
CA TYR A 105 5.36 -13.84 33.18
C TYR A 105 6.67 -14.54 33.49
N ARG A 106 6.83 -14.97 34.74
CA ARG A 106 7.96 -15.81 35.10
C ARG A 106 7.49 -16.93 36.00
N ALA A 107 7.93 -18.15 35.70
CA ALA A 107 7.48 -19.30 36.46
C ALA A 107 8.00 -19.28 37.89
N GLY A 108 9.12 -18.61 38.13
CA GLY A 108 9.69 -18.47 39.47
C GLY A 108 8.95 -17.52 40.39
N ARG A 109 7.89 -16.87 39.93
CA ARG A 109 7.16 -15.90 40.73
C ARG A 109 5.68 -16.20 40.62
N GLU A 110 4.96 -15.88 41.68
CA GLU A 110 3.52 -16.04 41.65
C GLU A 110 2.91 -15.11 40.62
N ASP A 111 1.83 -15.57 39.99
CA ASP A 111 1.20 -14.84 38.90
C ASP A 111 -0.13 -14.23 39.27
N VAL A 112 -0.73 -14.66 40.37
CA VAL A 112 -1.99 -14.13 40.86
C VAL A 112 -1.78 -13.71 42.30
N ILE A 113 -2.33 -12.57 42.66
CA ILE A 113 -2.33 -12.08 44.02
C ILE A 113 -3.76 -11.73 44.35
N PHE A 114 -4.06 -11.77 45.63
CA PHE A 114 -5.40 -11.50 46.11
C PHE A 114 -5.45 -10.18 46.87
N GLN A 115 -4.29 -9.62 47.10
CA GLN A 115 -4.14 -8.40 47.83
C GLN A 115 -3.17 -7.53 47.10
N GLU A 116 -3.64 -6.35 46.71
CA GLU A 116 -2.84 -5.41 46.01
C GLU A 116 -1.71 -5.02 46.89
N SER A 117 -0.59 -4.85 46.26
CA SER A 117 0.57 -4.46 46.95
C SER A 117 1.43 -3.71 45.95
N PRO A 118 2.38 -2.91 46.44
CA PRO A 118 3.28 -2.24 45.53
C PRO A 118 4.42 -3.20 45.20
N GLU A 119 5.18 -2.94 44.17
CA GLU A 119 6.32 -3.80 43.90
C GLU A 119 6.10 -5.31 43.79
N ALA A 120 4.97 -5.77 43.30
CA ALA A 120 4.72 -7.17 43.18
C ALA A 120 4.57 -7.46 41.72
N LEU A 121 5.39 -8.36 41.23
CA LEU A 121 5.35 -8.69 39.83
C LEU A 121 4.35 -9.71 39.36
N ALA A 122 3.18 -9.69 39.96
CA ALA A 122 2.14 -10.60 39.55
C ALA A 122 1.39 -9.98 38.39
N ARG A 123 0.94 -10.80 37.48
CA ARG A 123 0.23 -10.28 36.34
C ARG A 123 -1.23 -10.09 36.62
N TYR A 124 -1.75 -10.79 37.60
CA TYR A 124 -3.15 -10.67 37.87
C TYR A 124 -3.52 -10.40 39.30
N LEU A 125 -4.64 -9.73 39.47
CA LEU A 125 -5.19 -9.45 40.77
C LEU A 125 -6.54 -10.10 40.77
N ALA A 126 -6.76 -10.99 41.72
CA ALA A 126 -8.00 -11.74 41.77
C ALA A 126 -9.12 -10.93 42.41
N TYR A 127 -10.31 -11.04 41.85
CA TYR A 127 -11.49 -10.37 42.38
C TYR A 127 -12.69 -11.29 42.22
N GLU A 128 -13.73 -11.01 42.99
CA GLU A 128 -14.87 -11.90 43.04
C GLU A 128 -16.01 -11.35 42.22
N ASN A 129 -16.72 -12.24 41.52
CA ASN A 129 -17.89 -11.88 40.74
C ASN A 129 -18.77 -13.11 40.59
N GLU A 130 -20.06 -12.87 40.36
CA GLU A 130 -21.01 -13.97 40.22
C GLU A 130 -21.69 -13.93 38.86
N VAL A 131 -21.84 -15.10 38.26
CA VAL A 131 -22.26 -15.23 36.87
C VAL A 131 -23.32 -16.32 36.75
N ASP A 132 -24.33 -16.07 35.92
CA ASP A 132 -25.31 -17.08 35.60
C ASP A 132 -24.66 -18.23 34.82
N ASP A 133 -25.32 -19.37 34.87
CA ASP A 133 -25.02 -20.45 33.97
C ASP A 133 -25.40 -20.04 32.55
N LEU A 134 -24.61 -20.46 31.57
CA LEU A 134 -24.92 -20.15 30.19
C LEU A 134 -25.98 -21.08 29.59
N ASN A 135 -26.20 -22.25 30.19
CA ASN A 135 -27.23 -23.19 29.77
C ASN A 135 -28.59 -22.80 30.35
N ALA A 136 -29.64 -23.42 29.81
CA ALA A 136 -30.96 -23.35 30.41
C ALA A 136 -31.24 -24.49 31.37
N VAL A 137 -30.33 -25.47 31.48
CA VAL A 137 -30.43 -26.51 32.50
C VAL A 137 -29.89 -25.93 33.81
N SER A 138 -29.87 -24.61 33.88
CA SER A 138 -29.21 -23.90 34.97
C SER A 138 -29.93 -24.10 36.30
N VAL A 139 -29.14 -24.31 37.36
CA VAL A 139 -29.67 -24.17 38.71
C VAL A 139 -29.67 -22.70 39.13
N GLY A 140 -28.57 -22.00 38.88
CA GLY A 140 -28.45 -20.63 39.31
C GLY A 140 -27.05 -20.12 39.12
N SER A 141 -26.88 -18.85 39.46
CA SER A 141 -25.58 -18.21 39.32
C SER A 141 -24.58 -18.81 40.29
N ALA A 142 -23.31 -18.52 40.03
CA ALA A 142 -22.23 -19.08 40.82
C ALA A 142 -21.15 -18.01 40.97
N ALA A 143 -20.52 -17.98 42.14
CA ALA A 143 -19.54 -16.96 42.46
C ALA A 143 -18.16 -17.47 42.09
N LEU A 144 -17.45 -16.73 41.24
CA LEU A 144 -16.10 -17.13 40.84
C LEU A 144 -15.10 -16.04 41.15
N GLN A 145 -13.84 -16.44 41.22
CA GLN A 145 -12.73 -15.51 41.27
C GLN A 145 -12.14 -15.34 39.87
N PHE A 146 -12.24 -14.12 39.35
CA PHE A 146 -11.65 -13.77 38.07
C PHE A 146 -10.29 -13.13 38.26
N GLY A 147 -9.59 -12.98 37.16
CA GLY A 147 -8.28 -12.34 37.14
C GLY A 147 -8.33 -11.04 36.37
N ARG A 148 -7.64 -10.06 36.88
CA ARG A 148 -7.62 -8.76 36.28
C ARG A 148 -6.19 -8.36 36.08
N LEU A 149 -5.90 -7.90 34.88
CA LEU A 149 -4.56 -7.51 34.48
C LEU A 149 -4.00 -6.36 35.26
N ARG A 150 -2.84 -6.54 35.83
CA ARG A 150 -2.20 -5.53 36.61
C ARG A 150 -1.38 -4.55 35.80
N LEU A 151 -2.08 -3.77 35.01
CA LEU A 151 -1.51 -2.77 34.18
C LEU A 151 -1.16 -1.62 35.06
N ARG A 152 -0.15 -0.89 34.68
CA ARG A 152 0.28 0.19 35.49
C ARG A 152 0.94 1.32 34.74
N LEU A 153 0.57 2.55 35.06
CA LEU A 153 1.21 3.70 34.46
C LEU A 153 2.44 4.04 35.26
N MET A 154 3.56 4.27 34.60
CA MET A 154 4.80 4.58 35.28
C MET A 154 5.79 5.37 34.43
N LEU A 155 6.92 5.74 34.99
CA LEU A 155 7.94 6.48 34.26
C LEU A 155 8.84 5.53 33.50
N GLU A 156 9.25 5.95 32.31
CA GLU A 156 10.16 5.12 31.54
C GLU A 156 11.42 4.81 32.34
N SER A 157 11.85 5.74 33.19
CA SER A 157 13.05 5.50 33.99
C SER A 157 12.85 4.42 35.04
N GLU A 158 11.62 4.14 35.44
CA GLU A 158 11.38 3.13 36.48
C GLU A 158 11.30 1.71 35.93
N LEU A 159 11.53 1.52 34.64
CA LEU A 159 11.38 0.21 34.02
C LEU A 159 12.59 -0.67 34.27
N ASN A 160 12.37 -1.98 34.17
CA ASN A 160 13.45 -2.94 34.05
C ASN A 160 12.94 -4.14 33.28
N ALA A 161 13.78 -5.16 33.15
CA ALA A 161 13.48 -6.35 32.36
C ALA A 161 12.31 -7.16 32.91
N GLU A 162 11.80 -6.85 34.09
CA GLU A 162 10.64 -7.58 34.59
C GLU A 162 9.35 -6.98 34.10
N TRP A 163 9.40 -6.04 33.17
CA TRP A 163 8.21 -5.43 32.63
C TRP A 163 8.35 -5.32 31.13
N THR A 164 7.22 -5.36 30.44
CA THR A 164 7.14 -4.78 29.11
C THR A 164 6.21 -3.58 29.20
N ALA A 165 6.31 -2.70 28.23
CA ALA A 165 5.57 -1.46 28.34
C ALA A 165 5.34 -0.87 26.96
N LEU A 166 4.28 -0.09 26.87
CA LEU A 166 3.99 0.71 25.69
C LEU A 166 4.03 2.17 26.08
N GLY A 167 4.63 3.01 25.24
CA GLY A 167 4.72 4.42 25.56
C GLY A 167 3.39 5.12 25.38
N VAL A 168 3.07 6.00 26.31
CA VAL A 168 1.78 6.70 26.31
C VAL A 168 1.94 8.18 25.97
N THR A 169 2.94 8.85 26.53
CA THR A 169 3.04 10.29 26.43
C THR A 169 4.33 10.76 27.07
N ARG A 170 4.62 12.04 26.90
CA ARG A 170 5.77 12.67 27.53
C ARG A 170 5.33 13.93 28.25
N VAL A 171 5.74 14.06 29.51
CA VAL A 171 5.51 15.27 30.27
C VAL A 171 6.62 16.25 29.97
N LEU A 172 6.26 17.44 29.50
CA LEU A 172 7.26 18.46 29.23
C LEU A 172 7.44 19.40 30.41
N GLU A 173 6.34 19.79 31.04
CA GLU A 173 6.37 20.83 32.06
C GLU A 173 5.21 20.59 33.02
N LYS A 174 5.47 20.78 34.31
CA LYS A 174 4.44 20.79 35.32
C LYS A 174 4.26 22.23 35.74
N ARG A 175 3.15 22.84 35.31
CA ARG A 175 2.95 24.26 35.53
C ARG A 175 2.85 24.57 37.01
N GLY A 176 2.79 25.87 37.31
CA GLY A 176 2.71 26.29 38.69
C GLY A 176 1.48 25.76 39.39
N ASP A 177 0.35 25.71 38.69
CA ASP A 177 -0.90 25.21 39.24
C ASP A 177 -0.98 23.70 39.24
N ASN A 178 0.15 23.00 39.19
CA ASN A 178 0.25 21.54 39.20
C ASN A 178 -0.34 20.87 37.97
N SER A 179 -0.93 21.61 37.03
CA SER A 179 -1.33 21.00 35.78
C SER A 179 -0.12 20.62 34.95
N LEU A 180 -0.33 19.69 34.02
CA LEU A 180 0.74 19.18 33.19
C LEU A 180 0.51 19.57 31.74
N ARG A 181 1.59 19.94 31.06
CA ARG A 181 1.58 20.12 29.62
C ARG A 181 2.31 18.94 29.00
N LEU A 182 1.69 18.32 28.00
CA LEU A 182 2.22 17.12 27.38
C LEU A 182 2.79 17.44 26.01
N ASP A 183 3.79 16.66 25.63
CA ASP A 183 4.34 16.76 24.28
C ASP A 183 3.36 16.10 23.31
N THR A 184 2.46 16.90 22.75
CA THR A 184 1.48 16.38 21.81
C THR A 184 2.09 15.85 20.52
N ALA A 185 3.37 16.00 20.29
CA ALA A 185 3.91 15.48 19.05
C ALA A 185 4.27 14.02 19.13
N GLN A 186 4.43 13.48 20.32
CA GLN A 186 4.85 12.09 20.46
C GLN A 186 3.68 11.17 20.14
N ILE A 187 3.98 10.09 19.42
CA ILE A 187 2.99 9.15 18.95
C ILE A 187 3.25 7.81 19.62
N PRO A 188 2.30 7.25 20.34
CA PRO A 188 2.47 5.93 20.93
C PRO A 188 2.65 4.87 19.87
N PRO A 189 3.24 3.73 20.20
CA PRO A 189 3.19 2.60 19.28
C PRO A 189 1.74 2.23 19.03
N MET A 190 1.35 2.28 17.76
CA MET A 190 -0.05 2.23 17.36
C MET A 190 -0.29 1.03 16.48
N LEU A 191 -1.38 0.32 16.72
CA LEU A 191 -1.77 -0.75 15.82
C LEU A 191 -2.72 -0.29 14.75
N ASN A 192 -3.41 0.81 14.94
CA ASN A 192 -4.27 1.37 13.92
C ASN A 192 -3.98 2.86 13.80
N CYS A 193 -3.62 3.29 12.60
CA CYS A 193 -3.42 4.70 12.37
C CYS A 193 -4.63 5.51 12.79
N GLN A 194 -5.81 4.95 12.70
CA GLN A 194 -6.99 5.73 13.04
C GLN A 194 -7.18 5.88 14.54
N GLY A 195 -6.38 5.21 15.35
CA GLY A 195 -6.47 5.41 16.78
C GLY A 195 -5.69 6.58 17.33
N ASN A 196 -4.98 7.31 16.48
CA ASN A 196 -4.11 8.36 16.93
C ASN A 196 -4.39 9.61 16.09
N PRO A 197 -4.63 10.74 16.73
CA PRO A 197 -4.91 11.96 15.95
C PRO A 197 -3.75 12.44 15.11
N VAL A 198 -2.51 12.25 15.54
CA VAL A 198 -1.42 12.80 14.77
C VAL A 198 -1.26 12.04 13.47
N LEU A 199 -1.24 10.72 13.54
CA LEU A 199 -1.26 9.92 12.33
C LEU A 199 -2.40 10.30 11.40
N LYS A 200 -3.59 10.53 11.95
CA LYS A 200 -4.71 10.84 11.08
C LYS A 200 -4.46 12.12 10.30
N THR A 201 -3.86 13.12 10.94
CA THR A 201 -3.66 14.37 10.22
C THR A 201 -2.50 14.28 9.23
N PHE A 202 -1.50 13.45 9.49
CA PHE A 202 -0.52 13.14 8.44
C PHE A 202 -1.24 12.70 7.17
N ILE A 203 -2.17 11.76 7.30
CA ILE A 203 -2.90 11.28 6.14
C ILE A 203 -3.71 12.41 5.54
N ASN A 204 -4.43 13.13 6.37
CA ASN A 204 -5.33 14.13 5.84
C ASN A 204 -4.55 15.27 5.21
N ASP A 205 -3.43 15.64 5.80
CA ASP A 205 -2.59 16.66 5.19
C ASP A 205 -2.03 16.21 3.85
N LEU A 206 -1.46 15.01 3.80
CA LEU A 206 -0.85 14.57 2.56
C LEU A 206 -1.89 14.49 1.44
N GLN A 207 -3.12 14.11 1.77
CA GLN A 207 -4.13 14.03 0.74
C GLN A 207 -4.44 15.40 0.18
N GLY A 208 -4.55 16.41 1.03
CA GLY A 208 -4.86 17.73 0.55
C GLY A 208 -3.75 18.32 -0.29
N LEU A 209 -2.51 18.06 0.09
CA LEU A 209 -1.40 18.46 -0.76
C LEU A 209 -1.51 17.78 -2.11
N LEU A 210 -1.73 16.47 -2.10
CA LEU A 210 -1.82 15.78 -3.38
C LEU A 210 -3.01 16.28 -4.19
N GLN A 211 -4.10 16.65 -3.53
CA GLN A 211 -5.20 17.19 -4.31
C GLN A 211 -4.83 18.54 -4.89
N GLN A 212 -4.08 19.34 -4.13
CA GLN A 212 -3.72 20.66 -4.61
C GLN A 212 -2.77 20.56 -5.80
N ARG A 213 -1.72 19.76 -5.67
CA ARG A 213 -0.74 19.74 -6.75
C ARG A 213 -1.30 19.07 -7.98
N SER A 214 -2.14 18.07 -7.79
CA SER A 214 -2.81 17.40 -8.88
C SER A 214 -3.68 18.37 -9.68
N GLN A 215 -4.48 19.15 -8.99
CA GLN A 215 -5.36 20.10 -9.67
C GLN A 215 -4.53 21.08 -10.49
N GLN A 216 -3.54 21.65 -9.87
CA GLN A 216 -2.75 22.63 -10.54
C GLN A 216 -1.92 22.08 -11.67
N MET A 217 -1.22 21.00 -11.46
CA MET A 217 -0.41 20.48 -12.52
C MET A 217 -1.20 20.02 -13.72
N SER A 218 -2.34 19.41 -13.50
CA SER A 218 -3.17 18.95 -14.58
C SER A 218 -3.67 20.08 -15.43
N GLN A 219 -4.01 21.19 -14.83
CA GLN A 219 -4.47 22.30 -15.60
C GLN A 219 -3.41 22.93 -16.46
N ARG A 220 -2.16 22.88 -16.04
CA ARG A 220 -1.08 23.41 -16.79
C ARG A 220 -0.77 22.46 -17.93
N LEU A 221 -0.90 21.17 -17.71
CA LEU A 221 -0.64 20.20 -18.75
C LEU A 221 -1.75 20.06 -19.76
N LEU A 222 -2.92 20.61 -19.49
CA LEU A 222 -3.99 20.63 -20.43
C LEU A 222 -3.62 21.53 -21.56
N GLN A 223 -3.02 22.65 -21.25
CA GLN A 223 -2.60 23.60 -22.25
C GLN A 223 -1.42 23.09 -22.96
N PRO A 224 -1.38 23.27 -24.27
CA PRO A 224 -0.25 22.75 -24.98
C PRO A 224 1.00 23.50 -24.60
N GLY A 225 2.09 22.77 -24.49
CA GLY A 225 3.36 23.35 -24.14
C GLY A 225 4.38 23.31 -25.24
N ARG A 226 5.64 23.31 -24.87
CA ARG A 226 6.71 23.32 -25.83
C ARG A 226 7.06 21.95 -26.30
N GLY A 227 6.58 20.95 -25.59
CA GLY A 227 6.84 19.58 -25.96
C GLY A 227 8.25 19.16 -25.72
N GLY A 228 8.91 19.77 -24.77
CA GLY A 228 10.27 19.43 -24.49
C GLY A 228 10.39 18.55 -23.30
N SER A 229 11.60 18.36 -22.83
CA SER A 229 11.84 17.50 -21.69
C SER A 229 11.31 18.04 -20.39
N SER A 230 11.20 19.34 -20.27
CA SER A 230 10.70 19.91 -19.06
C SER A 230 9.21 19.62 -18.88
N GLU A 231 8.47 19.53 -19.95
CA GLU A 231 7.07 19.20 -19.88
C GLU A 231 6.92 17.72 -19.57
N MET A 232 7.84 16.91 -20.03
CA MET A 232 7.80 15.50 -19.74
C MET A 232 8.06 15.26 -18.28
N VAL A 233 8.96 16.03 -17.69
CA VAL A 233 9.27 15.92 -16.31
C VAL A 233 8.04 16.23 -15.50
N ASP A 234 7.35 17.28 -15.85
CA ASP A 234 6.15 17.64 -15.16
C ASP A 234 5.13 16.54 -15.27
N PHE A 235 4.96 15.98 -16.45
CA PHE A 235 4.01 14.93 -16.66
C PHE A 235 4.39 13.71 -15.87
N MET A 236 5.66 13.38 -15.80
CA MET A 236 6.08 12.26 -14.96
C MET A 236 5.73 12.47 -13.51
N LEU A 237 5.70 13.72 -13.05
CA LEU A 237 5.47 13.98 -11.64
C LEU A 237 4.00 13.96 -11.31
N LEU A 238 3.17 14.54 -12.17
CA LEU A 238 1.74 14.40 -12.02
C LEU A 238 1.33 12.92 -11.99
N GLN A 239 1.95 12.11 -12.84
CA GLN A 239 1.75 10.67 -12.77
C GLN A 239 2.02 10.14 -11.40
N LEU A 240 3.16 10.54 -10.82
CA LEU A 240 3.54 10.06 -9.50
C LEU A 240 2.59 10.58 -8.45
N ILE A 241 2.16 11.82 -8.59
CA ILE A 241 1.14 12.36 -7.72
C ILE A 241 -0.17 11.58 -7.90
N ASN A 242 -0.51 11.20 -9.12
CA ASN A 242 -1.80 10.57 -9.37
C ASN A 242 -1.88 9.18 -8.75
N ARG A 243 -0.81 8.41 -8.83
CA ARG A 243 -0.77 7.12 -8.15
C ARG A 243 -1.08 7.24 -6.67
N HIS A 244 -0.55 8.27 -6.02
CA HIS A 244 -0.72 8.42 -4.59
C HIS A 244 -2.02 9.11 -4.20
N LEU A 245 -2.68 9.81 -5.11
CA LEU A 245 -4.07 10.19 -4.89
C LEU A 245 -4.91 8.98 -4.50
N GLY A 246 -4.69 7.86 -5.18
CA GLY A 246 -5.45 6.68 -4.91
C GLY A 246 -4.97 6.00 -3.67
N GLN A 247 -3.66 5.94 -3.52
CA GLN A 247 -3.06 5.29 -2.36
C GLN A 247 -3.50 5.95 -1.07
N VAL A 248 -3.51 7.28 -1.05
CA VAL A 248 -3.79 7.97 0.20
C VAL A 248 -5.29 8.00 0.44
N SER A 249 -6.08 8.08 -0.62
CA SER A 249 -7.52 7.93 -0.49
C SER A 249 -7.89 6.62 0.19
N HIS A 250 -7.29 5.53 -0.24
CA HIS A 250 -7.54 4.27 0.42
C HIS A 250 -7.15 4.35 1.89
N ALA A 251 -5.97 4.89 2.17
CA ALA A 251 -5.55 5.05 3.55
C ALA A 251 -6.52 5.89 4.34
N TYR A 252 -6.97 6.98 3.76
CA TYR A 252 -7.85 7.90 4.44
C TYR A 252 -9.17 7.25 4.80
N HIS A 253 -9.65 6.33 3.98
CA HIS A 253 -10.95 5.75 4.22
C HIS A 253 -10.90 4.45 5.00
N LEU A 254 -9.75 3.78 5.06
CA LEU A 254 -9.67 2.53 5.78
C LEU A 254 -10.01 2.74 7.24
N ASP A 255 -10.85 1.86 7.78
CA ASP A 255 -11.13 1.88 9.21
C ASP A 255 -9.99 1.35 10.02
N HIS A 256 -9.14 0.52 9.43
CA HIS A 256 -8.05 -0.08 10.16
C HIS A 256 -6.83 -0.16 9.25
N LEU A 257 -5.71 0.40 9.70
CA LEU A 257 -4.49 0.45 8.91
C LEU A 257 -3.29 0.52 9.83
N HIS A 258 -2.43 -0.49 9.77
CA HIS A 258 -1.23 -0.51 10.58
C HIS A 258 -0.20 0.51 10.06
N PRO A 259 0.45 1.25 10.95
CA PRO A 259 1.42 2.28 10.54
C PRO A 259 2.56 1.79 9.69
N GLU A 260 3.04 0.57 9.90
CA GLU A 260 4.16 0.11 9.13
C GLU A 260 3.78 0.00 7.67
N ARG A 261 2.54 -0.34 7.39
CA ARG A 261 2.14 -0.43 6.02
C ARG A 261 2.09 0.95 5.38
N LEU A 262 1.59 1.92 6.10
CA LEU A 262 1.55 3.27 5.57
C LEU A 262 2.95 3.83 5.36
N PHE A 263 3.87 3.51 6.26
CA PHE A 263 5.21 4.05 6.17
C PHE A 263 5.90 3.53 4.93
N ALA A 264 5.81 2.22 4.70
CA ALA A 264 6.46 1.62 3.56
C ALA A 264 6.00 2.25 2.25
N ASP A 265 4.73 2.60 2.16
CA ASP A 265 4.28 3.28 0.96
C ASP A 265 4.89 4.68 0.85
N TRP A 266 4.92 5.42 1.94
CA TRP A 266 5.35 6.80 1.89
C TRP A 266 6.87 6.90 1.69
N LEU A 267 7.62 5.95 2.22
CA LEU A 267 9.05 5.94 1.99
C LEU A 267 9.37 5.79 0.52
N GLN A 268 8.68 4.88 -0.17
CA GLN A 268 8.89 4.71 -1.59
C GLN A 268 8.49 5.96 -2.34
N PHE A 269 7.34 6.53 -2.00
CA PHE A 269 6.97 7.82 -2.54
C PHE A 269 8.13 8.80 -2.41
N ALA A 270 8.73 8.90 -1.23
CA ALA A 270 9.80 9.87 -1.02
C ALA A 270 11.00 9.55 -1.89
N THR A 271 11.46 8.30 -1.85
CA THR A 271 12.68 8.01 -2.58
C THR A 271 12.50 8.15 -4.09
N GLU A 272 11.29 7.92 -4.62
CA GLU A 272 11.10 8.20 -6.03
C GLU A 272 10.99 9.71 -6.28
N LEU A 273 10.50 10.46 -5.31
CA LEU A 273 10.39 11.90 -5.47
C LEU A 273 11.77 12.57 -5.55
N ALA A 274 12.76 12.02 -4.85
CA ALA A 274 14.13 12.48 -4.96
C ALA A 274 14.61 12.54 -6.39
N SER A 275 14.03 11.75 -7.29
CA SER A 275 14.36 11.86 -8.69
C SER A 275 14.20 13.29 -9.19
N PHE A 276 13.24 14.01 -8.64
CA PHE A 276 12.95 15.35 -9.08
C PHE A 276 13.70 16.42 -8.32
N SER A 277 14.55 16.04 -7.39
CA SER A 277 15.31 16.99 -6.61
C SER A 277 16.59 17.33 -7.33
N ALA A 278 17.28 18.36 -6.83
CA ALA A 278 18.57 18.71 -7.40
C ALA A 278 19.55 17.56 -7.32
N GLN A 279 19.49 16.77 -6.24
CA GLN A 279 20.39 15.64 -6.06
C GLN A 279 20.02 14.43 -6.93
N ARG A 280 18.80 14.38 -7.45
CA ARG A 280 18.37 13.33 -8.37
C ARG A 280 18.24 11.94 -7.75
N THR A 281 18.67 11.78 -6.50
CA THR A 281 18.67 10.48 -5.86
C THR A 281 18.80 10.73 -4.37
N PRO A 282 18.25 9.87 -3.53
CA PRO A 282 18.29 10.14 -2.10
C PRO A 282 19.71 10.25 -1.58
N GLU A 283 19.90 11.21 -0.72
CA GLU A 283 21.20 11.48 -0.17
C GLU A 283 21.08 11.41 1.34
N GLY A 284 22.03 10.77 1.96
CA GLY A 284 21.98 10.61 3.38
C GLY A 284 21.32 9.30 3.79
N ARG A 285 21.17 9.15 5.09
CA ARG A 285 20.50 7.99 5.64
C ARG A 285 19.01 8.07 5.33
N LEU A 286 18.46 6.97 4.81
CA LEU A 286 17.03 6.89 4.63
C LEU A 286 16.32 6.79 5.96
N PRO A 287 15.14 7.37 6.08
CA PRO A 287 14.34 7.18 7.28
C PRO A 287 13.96 5.71 7.46
N VAL A 288 14.06 5.21 8.68
CA VAL A 288 13.85 3.80 8.98
C VAL A 288 12.64 3.66 9.89
N TYR A 289 11.69 2.83 9.49
CA TYR A 289 10.51 2.60 10.33
C TYR A 289 10.92 2.18 11.74
N ASP A 290 10.35 2.85 12.72
CA ASP A 290 10.59 2.53 14.12
C ASP A 290 9.22 2.51 14.76
N HIS A 291 8.75 1.31 15.11
CA HIS A 291 7.41 1.20 15.66
C HIS A 291 7.27 1.97 16.96
N ASP A 292 8.34 2.09 17.74
CA ASP A 292 8.27 2.74 19.03
C ASP A 292 8.77 4.19 18.99
N ASN A 293 8.88 4.78 17.80
CA ASN A 293 9.14 6.20 17.70
C ASN A 293 8.57 6.75 16.40
N LEU A 294 7.25 6.73 16.29
CA LEU A 294 6.63 7.04 15.01
C LEU A 294 6.72 8.50 14.67
N ALA A 295 6.68 9.38 15.66
CA ALA A 295 6.84 10.81 15.41
C ALA A 295 8.18 11.12 14.75
N LEU A 296 9.24 10.49 15.21
CA LEU A 296 10.54 10.72 14.59
C LEU A 296 10.55 10.26 13.14
N CYS A 297 10.27 8.98 12.91
CA CYS A 297 10.46 8.43 11.58
C CYS A 297 9.41 8.95 10.61
N PHE A 298 8.17 9.11 11.05
CA PHE A 298 7.22 9.78 10.16
C PHE A 298 7.57 11.24 9.98
N GLY A 299 8.13 11.86 11.02
CA GLY A 299 8.50 13.25 10.90
C GLY A 299 9.48 13.47 9.77
N LYS A 300 10.46 12.60 9.66
CA LYS A 300 11.42 12.75 8.58
C LYS A 300 10.77 12.53 7.23
N LEU A 301 9.86 11.58 7.16
CA LEU A 301 9.19 11.27 5.90
C LEU A 301 8.29 12.41 5.46
N MET A 302 7.51 12.96 6.39
CA MET A 302 6.62 14.04 6.02
C MET A 302 7.41 15.23 5.50
N LEU A 303 8.58 15.46 6.07
CA LEU A 303 9.43 16.54 5.60
C LEU A 303 9.82 16.32 4.15
N LEU A 304 10.40 15.17 3.85
CA LEU A 304 10.77 14.89 2.47
C LEU A 304 9.60 15.08 1.52
N LEU A 305 8.40 14.68 1.91
CA LEU A 305 7.30 14.78 0.98
C LEU A 305 6.89 16.22 0.80
N ARG A 306 6.92 17.01 1.88
CA ARG A 306 6.60 18.41 1.73
C ARG A 306 7.64 19.13 0.90
N GLN A 307 8.92 18.79 1.05
CA GLN A 307 9.92 19.42 0.23
C GLN A 307 9.70 19.12 -1.24
N GLY A 308 9.35 17.87 -1.55
CA GLY A 308 9.18 17.49 -2.93
C GLY A 308 7.95 18.05 -3.58
N LEU A 309 6.95 18.40 -2.79
CA LEU A 309 5.67 18.82 -3.31
C LEU A 309 5.36 20.30 -3.11
N SER A 310 6.07 20.98 -2.23
CA SER A 310 5.73 22.37 -1.96
C SER A 310 6.10 23.28 -3.13
N VAL A 311 5.29 24.30 -3.33
CA VAL A 311 5.50 25.31 -4.35
C VAL A 311 5.56 26.72 -3.75
N VAL A 312 5.82 26.80 -2.45
CA VAL A 312 6.00 28.06 -1.76
C VAL A 312 7.24 27.96 -0.90
N LEU A 313 7.71 29.10 -0.43
CA LEU A 313 8.93 29.16 0.34
C LEU A 313 8.72 28.82 1.80
N GLU A 314 9.28 27.68 2.23
CA GLU A 314 9.17 27.24 3.62
C GLU A 314 7.71 27.29 3.95
N ASP A 315 7.35 28.03 4.99
CA ASP A 315 5.96 28.15 5.41
C ASP A 315 5.40 29.57 5.35
N ASN A 316 5.92 30.40 4.43
CA ASN A 316 5.34 31.72 4.26
C ASN A 316 3.87 31.69 3.89
N ALA A 317 3.37 30.55 3.44
CA ALA A 317 2.01 30.46 2.95
C ALA A 317 1.58 29.00 2.99
N ILE A 318 0.27 28.77 3.03
CA ILE A 318 -0.29 27.46 3.10
C ILE A 318 -1.59 27.43 2.35
N GLN A 319 -1.78 26.48 1.47
CA GLN A 319 -3.00 26.43 0.71
C GLN A 319 -4.09 25.72 1.45
N LEU A 320 -5.31 26.19 1.33
CA LEU A 320 -6.38 25.55 2.02
C LEU A 320 -7.25 24.88 1.01
N THR A 321 -7.64 23.65 1.26
CA THR A 321 -8.47 22.93 0.34
C THR A 321 -9.92 23.32 0.43
N LEU A 322 -10.51 23.68 -0.68
CA LEU A 322 -11.88 24.04 -0.70
C LEU A 322 -12.65 22.77 -0.93
N VAL A 323 -13.28 22.28 0.12
CA VAL A 323 -14.04 21.05 0.06
C VAL A 323 -15.50 21.40 -0.22
N GLU A 324 -16.00 20.91 -1.34
CA GLU A 324 -17.37 21.18 -1.72
C GLU A 324 -18.33 20.35 -0.87
N ARG A 325 -19.34 20.99 -0.30
CA ARG A 325 -20.29 20.27 0.54
C ARG A 325 -21.74 20.59 0.21
N SER A 326 -21.99 21.38 -0.83
CA SER A 326 -23.34 21.62 -1.31
C SER A 326 -23.23 22.03 -2.76
N HIS A 327 -24.20 22.78 -3.25
CA HIS A 327 -24.03 23.49 -4.51
C HIS A 327 -23.64 24.92 -4.20
N GLY A 328 -22.54 25.38 -4.81
CA GLY A 328 -22.02 26.69 -4.54
C GLY A 328 -21.41 26.88 -3.17
N LEU A 329 -21.58 25.94 -2.26
CA LEU A 329 -21.02 26.03 -0.93
C LEU A 329 -19.73 25.22 -0.87
N ASN A 330 -18.68 25.84 -0.33
CA ASN A 330 -17.42 25.17 -0.03
C ASN A 330 -17.02 25.46 1.40
N VAL A 331 -16.17 24.60 1.94
CA VAL A 331 -15.71 24.74 3.31
C VAL A 331 -14.20 24.56 3.31
N ALA A 332 -13.50 25.54 3.84
CA ALA A 332 -12.06 25.51 3.97
C ALA A 332 -11.74 25.39 5.45
N THR A 333 -11.41 24.20 5.92
CA THR A 333 -11.08 24.10 7.30
C THR A 333 -9.72 24.70 7.46
N VAL A 334 -9.47 25.39 8.55
CA VAL A 334 -8.14 25.92 8.80
C VAL A 334 -7.52 24.99 9.81
N GLN A 335 -6.23 24.79 9.75
CA GLN A 335 -5.61 23.83 10.68
C GLN A 335 -5.12 24.35 11.99
N ASP A 336 -5.60 25.51 12.40
CA ASP A 336 -5.13 26.10 13.63
C ASP A 336 -6.05 27.18 14.10
N THR A 337 -6.05 27.43 15.39
CA THR A 337 -6.83 28.52 15.91
C THR A 337 -6.00 29.80 15.83
N LYS A 338 -4.69 29.65 15.69
CA LYS A 338 -3.80 30.78 15.59
C LYS A 338 -3.84 31.28 14.17
N MET A 339 -4.01 30.35 13.25
CA MET A 339 -4.06 30.65 11.84
C MET A 339 -4.85 31.89 11.46
N MET A 340 -5.94 32.13 12.14
CA MET A 340 -6.78 33.24 11.77
C MET A 340 -6.36 34.59 12.27
N ARG A 341 -5.23 34.65 12.94
CA ARG A 341 -4.74 35.90 13.44
C ARG A 341 -3.34 36.16 12.92
N ASP A 342 -2.69 35.13 12.40
CA ASP A 342 -1.34 35.26 11.85
C ASP A 342 -1.27 35.25 10.34
N PHE A 343 -2.37 34.95 9.68
CA PHE A 343 -2.36 34.83 8.25
C PHE A 343 -3.32 35.70 7.50
N GLY A 344 -2.93 36.06 6.30
CA GLY A 344 -3.79 36.79 5.40
C GLY A 344 -4.56 35.74 4.61
N PHE A 345 -5.54 36.17 3.85
CA PHE A 345 -6.32 35.18 3.12
C PHE A 345 -6.68 35.71 1.75
N VAL A 346 -6.44 34.89 0.72
CA VAL A 346 -6.62 35.31 -0.67
C VAL A 346 -7.36 34.23 -1.44
N LEU A 347 -8.16 34.66 -2.38
CA LEU A 347 -8.88 33.77 -3.25
C LEU A 347 -8.39 33.98 -4.67
N ALA A 348 -7.83 32.95 -5.29
CA ALA A 348 -7.36 33.05 -6.64
C ALA A 348 -8.53 32.56 -7.43
N VAL A 349 -9.03 33.37 -8.35
CA VAL A 349 -10.21 33.03 -9.09
C VAL A 349 -10.10 33.23 -10.59
N ARG A 350 -10.69 32.32 -11.37
CA ARG A 350 -10.76 32.43 -12.81
C ARG A 350 -12.09 31.83 -13.21
N ALA A 351 -12.72 32.38 -14.22
CA ALA A 351 -13.99 31.87 -14.66
C ALA A 351 -14.22 32.25 -16.09
N ASP A 352 -15.21 31.65 -16.72
CA ASP A 352 -15.49 31.97 -18.10
C ASP A 352 -16.51 33.06 -18.25
N VAL A 353 -16.28 34.17 -17.58
CA VAL A 353 -17.17 35.31 -17.68
C VAL A 353 -16.37 36.51 -18.17
N ALA A 354 -17.02 37.64 -18.38
CA ALA A 354 -16.30 38.83 -18.78
C ALA A 354 -15.60 39.44 -17.58
N ALA A 355 -14.45 40.05 -17.84
CA ALA A 355 -13.64 40.58 -16.75
C ALA A 355 -14.41 41.58 -15.91
N GLU A 356 -15.16 42.44 -16.56
CA GLU A 356 -15.92 43.44 -15.85
C GLU A 356 -17.00 42.83 -15.01
N VAL A 357 -17.44 41.65 -15.39
CA VAL A 357 -18.47 40.97 -14.65
C VAL A 357 -17.84 40.32 -13.46
N LEU A 358 -16.70 39.71 -13.65
CA LEU A 358 -16.01 39.04 -12.59
C LEU A 358 -15.56 40.00 -11.53
N LEU A 359 -15.14 41.19 -11.90
CA LEU A 359 -14.70 42.11 -10.90
C LEU A 359 -15.81 42.69 -10.08
N THR A 360 -17.01 42.70 -10.62
CA THR A 360 -18.11 43.26 -9.89
C THR A 360 -18.97 42.21 -9.25
N HIS A 361 -19.46 41.27 -10.01
CA HIS A 361 -20.33 40.28 -9.44
C HIS A 361 -19.71 39.32 -8.45
N PHE A 362 -18.49 38.89 -8.67
CA PHE A 362 -17.91 37.92 -7.76
C PHE A 362 -17.82 38.37 -6.33
N PRO A 363 -17.31 39.57 -6.10
CA PRO A 363 -17.16 40.07 -4.74
C PRO A 363 -18.47 40.27 -4.03
N ALA A 364 -19.56 40.45 -4.75
CA ALA A 364 -20.87 40.60 -4.17
C ALA A 364 -21.52 39.25 -3.97
N GLN A 365 -21.44 38.40 -4.98
CA GLN A 365 -22.08 37.10 -4.90
C GLN A 365 -21.34 36.02 -4.14
N MET A 366 -20.18 36.32 -3.61
CA MET A 366 -19.47 35.33 -2.84
C MET A 366 -19.51 35.80 -1.43
N LYS A 367 -20.28 35.11 -0.62
CA LYS A 367 -20.42 35.45 0.77
C LYS A 367 -19.56 34.53 1.58
N ILE A 368 -18.71 35.11 2.39
CA ILE A 368 -17.82 34.31 3.18
C ILE A 368 -18.07 34.52 4.66
N ALA A 369 -18.21 33.41 5.37
CA ALA A 369 -18.45 33.41 6.79
C ALA A 369 -18.16 32.06 7.37
N PRO A 370 -18.39 31.90 8.67
CA PRO A 370 -18.17 30.66 9.40
C PRO A 370 -19.37 29.78 9.22
N VAL A 371 -19.18 28.48 9.20
CA VAL A 371 -20.26 27.54 8.94
C VAL A 371 -21.52 27.73 9.72
N THR A 372 -21.38 28.00 11.02
CA THR A 372 -22.51 28.21 11.91
C THR A 372 -23.30 29.40 11.41
N ARG A 373 -22.59 30.49 11.18
CA ARG A 373 -23.19 31.77 10.77
C ARG A 373 -23.38 32.03 9.30
N ILE A 374 -23.33 31.02 8.47
CA ILE A 374 -23.48 31.27 7.04
C ILE A 374 -24.86 31.48 6.47
N ARG A 375 -25.63 30.39 6.42
CA ARG A 375 -27.01 30.32 5.90
C ARG A 375 -27.97 31.52 6.10
N ASP A 376 -28.03 32.06 7.30
CA ASP A 376 -28.88 33.20 7.58
C ASP A 376 -28.56 34.30 6.64
N LEU A 377 -27.27 34.61 6.61
CA LEU A 377 -26.81 35.68 5.76
C LEU A 377 -27.35 35.55 4.38
N VAL A 378 -27.39 34.32 3.88
CA VAL A 378 -27.91 34.18 2.55
C VAL A 378 -29.39 34.53 2.41
N GLN A 379 -30.18 34.10 3.39
CA GLN A 379 -31.60 34.38 3.38
C GLN A 379 -31.84 35.76 3.94
N LEU A 380 -30.92 36.20 4.79
CA LEU A 380 -31.01 37.50 5.38
C LEU A 380 -30.48 38.60 4.46
N GLN A 381 -29.80 38.19 3.39
CA GLN A 381 -29.20 39.06 2.41
C GLN A 381 -28.35 40.06 3.09
N LEU A 382 -27.46 39.61 3.95
CA LEU A 382 -26.58 40.54 4.59
C LEU A 382 -25.19 40.31 4.04
N PRO A 383 -24.28 41.19 4.39
CA PRO A 383 -22.95 41.01 3.83
C PRO A 383 -22.16 39.98 4.58
N GLY A 384 -21.05 39.61 3.97
CA GLY A 384 -20.12 38.68 4.55
C GLY A 384 -18.77 39.35 4.62
N ILE A 385 -17.73 38.58 4.81
CA ILE A 385 -16.41 39.20 4.84
C ILE A 385 -16.11 39.81 3.46
N GLY A 386 -15.56 41.02 3.46
CA GLY A 386 -15.32 41.70 2.21
C GLY A 386 -14.15 41.14 1.46
N LEU A 387 -14.23 41.25 0.15
CA LEU A 387 -13.21 40.81 -0.78
C LEU A 387 -12.67 42.02 -1.52
N ARG A 388 -11.37 42.23 -1.44
CA ARG A 388 -10.71 43.36 -2.06
C ARG A 388 -9.84 42.82 -3.19
N THR A 389 -10.03 43.38 -4.38
CA THR A 389 -9.18 43.02 -5.51
C THR A 389 -7.73 43.39 -5.23
N MET A 390 -6.84 42.54 -5.60
CA MET A 390 -5.46 42.88 -5.39
C MET A 390 -4.83 43.26 -6.72
N PRO A 391 -4.20 44.39 -6.81
CA PRO A 391 -3.67 44.83 -8.10
C PRO A 391 -2.38 44.14 -8.49
N VAL A 392 -1.60 43.70 -7.50
CA VAL A 392 -0.51 42.78 -7.75
C VAL A 392 -0.73 41.54 -6.90
N ALA A 393 -0.46 40.42 -7.48
CA ALA A 393 -0.69 39.19 -6.77
C ALA A 393 0.42 38.97 -5.76
N PRO A 394 0.11 38.31 -4.67
CA PRO A 394 1.11 38.08 -3.62
C PRO A 394 2.36 37.37 -4.15
N ARG A 395 3.50 37.79 -3.62
CA ARG A 395 4.72 37.09 -3.92
C ARG A 395 4.85 35.76 -3.18
N GLN A 396 3.99 35.48 -2.20
CA GLN A 396 4.14 34.27 -1.41
C GLN A 396 3.45 33.07 -2.01
N ILE A 397 2.52 33.25 -2.93
CA ILE A 397 1.82 32.13 -3.53
C ILE A 397 2.06 32.19 -5.03
N PRO A 398 1.83 31.09 -5.74
CA PRO A 398 2.03 31.13 -7.19
C PRO A 398 1.00 32.03 -7.83
N TYR A 399 1.40 32.72 -8.87
CA TYR A 399 0.51 33.59 -9.60
C TYR A 399 0.19 32.97 -10.95
N HIS A 400 -1.07 32.64 -11.17
CA HIS A 400 -1.54 32.17 -12.46
C HIS A 400 -2.03 33.35 -13.28
N ALA A 401 -1.34 33.62 -14.38
CA ALA A 401 -1.75 34.66 -15.30
C ALA A 401 -3.14 34.36 -15.81
N GLY A 402 -4.01 35.35 -15.73
CA GLY A 402 -5.41 35.17 -16.04
C GLY A 402 -6.31 34.96 -14.85
N TYR A 403 -5.76 34.79 -13.66
CA TYR A 403 -6.57 34.75 -12.46
C TYR A 403 -6.64 36.13 -11.82
N THR A 404 -7.69 36.33 -11.06
CA THR A 404 -7.87 37.51 -10.25
C THR A 404 -7.74 37.10 -8.81
N TYR A 405 -7.12 37.97 -8.02
CA TYR A 405 -6.77 37.67 -6.65
C TYR A 405 -7.50 38.65 -5.76
N PHE A 406 -8.32 38.11 -4.87
CA PHE A 406 -9.10 38.90 -3.95
C PHE A 406 -8.56 38.66 -2.55
N GLU A 407 -8.16 39.71 -1.89
CA GLU A 407 -7.84 39.61 -0.47
C GLU A 407 -9.15 39.74 0.33
N LEU A 408 -9.24 38.97 1.40
CA LEU A 408 -10.34 39.12 2.34
C LEU A 408 -10.09 40.33 3.23
N GLU A 409 -11.13 41.16 3.38
CA GLU A 409 -11.00 42.36 4.17
C GLU A 409 -11.11 41.99 5.59
N LYS A 410 -10.11 42.37 6.35
CA LYS A 410 -10.09 42.09 7.76
C LYS A 410 -10.67 43.31 8.44
N GLY A 411 -11.26 43.10 9.59
CA GLY A 411 -11.88 44.18 10.30
C GLY A 411 -13.35 43.90 10.43
N GLY A 412 -14.04 44.71 11.22
CA GLY A 412 -15.46 44.51 11.42
C GLY A 412 -15.67 43.59 12.60
N ASP A 413 -16.93 43.28 12.87
CA ASP A 413 -17.24 42.40 13.97
C ASP A 413 -17.31 40.97 13.46
N LEU A 414 -17.61 40.80 12.18
CA LEU A 414 -17.70 39.44 11.61
C LEU A 414 -16.39 38.71 11.65
N TRP A 415 -15.30 39.44 11.48
CA TRP A 415 -13.99 38.86 11.57
C TRP A 415 -13.77 38.08 12.89
N LYS A 416 -14.19 38.65 14.02
CA LYS A 416 -14.04 38.00 15.32
C LYS A 416 -14.70 36.65 15.40
N GLN A 417 -15.86 36.51 14.79
CA GLN A 417 -16.52 35.24 14.82
C GLN A 417 -15.64 34.22 14.12
N MET A 418 -15.11 34.59 12.96
CA MET A 418 -14.22 33.72 12.25
C MET A 418 -13.03 33.32 13.12
N GLU A 419 -12.35 34.31 13.69
CA GLU A 419 -11.16 34.10 14.54
C GLU A 419 -11.31 32.97 15.53
N LYS A 420 -12.48 32.89 16.12
CA LYS A 420 -12.83 31.81 17.02
C LYS A 420 -13.47 30.63 16.31
N SER A 421 -13.57 30.67 14.99
CA SER A 421 -14.07 29.52 14.25
C SER A 421 -12.91 28.69 13.73
N SER A 422 -13.26 27.54 13.15
CA SER A 422 -12.25 26.59 12.69
C SER A 422 -12.39 26.27 11.21
N ALA A 423 -13.15 27.06 10.46
CA ALA A 423 -13.31 26.78 9.04
C ALA A 423 -14.01 27.95 8.40
N PHE A 424 -13.59 28.27 7.19
CA PHE A 424 -14.33 29.22 6.39
C PHE A 424 -15.47 28.52 5.68
N ALA A 425 -16.56 29.22 5.52
CA ALA A 425 -17.64 28.78 4.65
C ALA A 425 -17.78 29.80 3.53
N LEU A 426 -17.88 29.30 2.30
CA LEU A 426 -18.01 30.15 1.13
C LEU A 426 -19.19 29.65 0.32
N HIS A 427 -20.09 30.57 -0.02
CA HIS A 427 -21.26 30.29 -0.84
C HIS A 427 -21.28 31.31 -1.94
N LEU A 428 -21.60 30.89 -3.15
CA LEU A 428 -21.53 31.80 -4.28
C LEU A 428 -22.77 31.66 -5.15
N ALA A 429 -23.40 32.78 -5.46
CA ALA A 429 -24.55 32.80 -6.36
C ALA A 429 -24.16 32.42 -7.78
N GLY A 430 -24.34 31.14 -8.15
CA GLY A 430 -23.61 30.52 -9.25
C GLY A 430 -24.01 30.79 -10.69
N GLU A 431 -23.47 31.85 -11.27
CA GLU A 431 -23.59 32.13 -12.68
C GLU A 431 -22.22 32.10 -13.38
N PHE A 432 -21.31 31.22 -12.94
CA PHE A 432 -19.90 31.36 -13.28
C PHE A 432 -19.37 30.11 -13.97
N PRO A 433 -19.61 29.97 -15.26
CA PRO A 433 -19.06 28.83 -15.98
C PRO A 433 -17.55 28.78 -15.89
N GLY A 434 -17.03 27.57 -15.73
CA GLY A 434 -15.61 27.37 -15.76
C GLY A 434 -14.89 27.72 -14.48
N LEU A 435 -15.61 28.06 -13.43
CA LEU A 435 -14.99 28.54 -12.21
C LEU A 435 -13.87 27.63 -11.75
N ASP A 436 -12.74 28.23 -11.40
CA ASP A 436 -11.67 27.54 -10.71
C ASP A 436 -11.19 28.47 -9.61
N MET A 437 -10.97 27.93 -8.43
CA MET A 437 -10.57 28.75 -7.31
C MET A 437 -9.45 28.10 -6.53
N GLU A 438 -8.67 28.94 -5.89
CA GLU A 438 -7.67 28.52 -4.94
C GLU A 438 -7.81 29.41 -3.72
N PHE A 439 -7.61 28.85 -2.55
CA PHE A 439 -7.75 29.55 -1.30
C PHE A 439 -6.44 29.44 -0.57
N TRP A 440 -5.82 30.57 -0.31
CA TRP A 440 -4.50 30.59 0.31
C TRP A 440 -4.52 31.40 1.59
N ALA A 441 -3.67 30.99 2.52
CA ALA A 441 -3.41 31.74 3.74
C ALA A 441 -1.94 32.15 3.73
N ILE A 442 -1.67 33.41 4.03
CA ILE A 442 -0.33 33.98 3.87
C ILE A 442 0.13 34.57 5.19
N ARG A 443 1.24 34.06 5.70
CA ARG A 443 1.72 34.49 7.00
C ARG A 443 2.13 35.96 6.97
N SER A 444 1.88 36.66 8.07
CA SER A 444 2.19 38.08 8.15
C SER A 444 3.50 38.34 8.87
N ASP B 3 -16.88 -8.27 27.78
CA ASP B 3 -15.49 -8.37 28.19
C ASP B 3 -15.26 -9.50 29.18
N ALA B 4 -14.65 -10.58 28.71
CA ALA B 4 -14.53 -11.81 29.45
C ALA B 4 -13.17 -11.90 30.13
N HIS B 5 -13.17 -12.18 31.42
CA HIS B 5 -11.94 -12.22 32.19
C HIS B 5 -11.49 -13.63 32.49
N LYS B 6 -10.24 -13.72 32.91
CA LYS B 6 -9.60 -15.00 33.15
C LYS B 6 -10.01 -15.56 34.50
N VAL B 7 -10.26 -16.85 34.53
CA VAL B 7 -10.69 -17.54 35.72
C VAL B 7 -9.49 -17.81 36.59
N VAL B 8 -9.63 -17.62 37.90
CA VAL B 8 -8.63 -18.02 38.86
C VAL B 8 -9.02 -19.38 39.40
N TRP B 9 -8.07 -20.29 39.45
CA TRP B 9 -8.31 -21.63 39.93
C TRP B 9 -7.56 -21.80 41.25
N THR B 10 -8.27 -21.93 42.34
CA THR B 10 -7.65 -22.05 43.64
C THR B 10 -7.71 -23.44 44.18
N GLU B 11 -6.84 -23.74 45.12
CA GLU B 11 -6.84 -25.03 45.73
C GLU B 11 -8.04 -25.12 46.63
N GLY B 12 -8.72 -26.24 46.52
CA GLY B 12 -9.89 -26.51 47.30
C GLY B 12 -11.13 -26.01 46.63
N MET B 13 -11.01 -25.54 45.40
CA MET B 13 -12.15 -25.00 44.69
C MET B 13 -13.08 -26.07 44.20
N PHE B 14 -14.37 -25.77 44.28
CA PHE B 14 -15.37 -26.67 43.85
C PHE B 14 -15.70 -26.33 42.43
N LEU B 15 -15.36 -27.22 41.51
CA LEU B 15 -15.61 -26.96 40.10
C LEU B 15 -17.05 -26.99 39.78
N ARG B 16 -17.48 -26.01 39.02
CA ARG B 16 -18.85 -25.86 38.58
C ARG B 16 -18.83 -25.63 37.10
N PRO B 17 -19.92 -25.85 36.39
CA PRO B 17 -19.88 -25.66 34.95
C PRO B 17 -19.42 -24.26 34.58
N HIS B 18 -19.80 -23.26 35.39
CA HIS B 18 -19.47 -21.88 35.10
C HIS B 18 -17.97 -21.68 34.87
N HIS B 19 -17.15 -22.39 35.64
CA HIS B 19 -15.71 -22.21 35.51
C HIS B 19 -15.26 -22.43 34.08
N PHE B 20 -15.60 -23.58 33.53
CA PHE B 20 -15.25 -23.88 32.14
C PHE B 20 -15.94 -22.92 31.19
N GLN B 21 -17.21 -22.60 31.44
CA GLN B 21 -17.91 -21.69 30.55
C GLN B 21 -17.18 -20.36 30.46
N GLN B 22 -16.84 -19.79 31.62
CA GLN B 22 -16.14 -18.51 31.64
C GLN B 22 -14.73 -18.65 31.13
N ALA B 23 -14.06 -19.76 31.43
CA ALA B 23 -12.73 -19.92 30.91
C ALA B 23 -12.73 -20.06 29.41
N GLU B 24 -13.84 -20.50 28.83
CA GLU B 24 -13.88 -20.58 27.38
C GLU B 24 -14.12 -19.20 26.81
N ASN B 25 -15.04 -18.48 27.43
CA ASN B 25 -15.32 -17.11 27.02
C ASN B 25 -14.06 -16.27 26.96
N TYR B 26 -13.16 -16.48 27.93
CA TYR B 26 -11.98 -15.64 28.04
C TYR B 26 -10.96 -16.00 26.98
N LEU B 27 -10.70 -17.30 26.80
CA LEU B 27 -9.74 -17.70 25.78
C LEU B 27 -10.25 -17.38 24.39
N GLU B 28 -11.56 -17.38 24.19
CA GLU B 28 -12.08 -16.98 22.90
C GLU B 28 -11.84 -15.50 22.69
N GLY B 29 -12.16 -14.69 23.70
CA GLY B 29 -11.89 -13.26 23.59
C GLY B 29 -10.42 -12.96 23.38
N TYR B 30 -9.56 -13.77 23.97
CA TYR B 30 -8.16 -13.58 23.85
C TYR B 30 -7.72 -13.71 22.43
N MET B 31 -8.17 -14.75 21.76
CA MET B 31 -7.81 -14.99 20.38
C MET B 31 -8.52 -14.01 19.47
N ARG B 32 -9.72 -13.63 19.81
CA ARG B 32 -10.45 -12.69 19.01
C ARG B 32 -9.86 -11.31 19.11
N ASN B 33 -9.32 -10.98 20.26
CA ASN B 33 -8.70 -9.70 20.43
C ASN B 33 -7.42 -9.66 19.68
N TRP B 34 -6.70 -10.75 19.64
CA TRP B 34 -5.45 -10.80 18.93
C TRP B 34 -5.69 -10.71 17.46
N GLY B 35 -6.72 -11.35 16.99
CA GLY B 35 -7.03 -11.35 15.59
C GLY B 35 -7.58 -10.06 15.09
N GLN B 36 -8.41 -9.44 15.88
CA GLN B 36 -9.01 -8.21 15.46
C GLN B 36 -8.05 -7.05 15.55
N ALA B 37 -7.01 -7.19 16.32
CA ALA B 37 -6.02 -6.13 16.41
C ALA B 37 -5.14 -6.09 15.18
N HIS B 38 -5.07 -7.17 14.42
CA HIS B 38 -4.17 -7.22 13.28
C HIS B 38 -4.87 -7.48 11.95
N SER B 39 -6.19 -7.37 11.87
CA SER B 39 -6.89 -7.55 10.61
C SER B 39 -8.07 -6.62 10.58
N GLY B 40 -8.17 -5.82 9.54
CA GLY B 40 -9.12 -4.74 9.58
C GLY B 40 -10.44 -5.08 8.98
N CYS B 41 -10.47 -6.01 8.05
CA CYS B 41 -11.74 -6.47 7.49
C CYS B 41 -11.81 -7.97 7.70
N PHE B 42 -11.95 -8.36 8.97
CA PHE B 42 -11.69 -9.72 9.42
C PHE B 42 -12.86 -10.69 9.21
N TRP B 43 -14.04 -10.21 8.82
CA TRP B 43 -15.23 -11.04 8.67
C TRP B 43 -15.58 -11.29 7.22
N GLY B 44 -16.21 -12.43 6.98
CA GLY B 44 -16.72 -12.77 5.67
C GLY B 44 -16.46 -14.23 5.40
N PHE B 45 -16.59 -14.59 4.13
CA PHE B 45 -16.52 -15.99 3.75
C PHE B 45 -15.15 -16.35 3.24
N LEU B 46 -14.60 -17.45 3.73
CA LEU B 46 -13.53 -18.11 3.01
C LEU B 46 -14.06 -18.94 1.85
N THR B 47 -15.20 -19.61 2.05
CA THR B 47 -15.83 -20.48 1.06
C THR B 47 -17.33 -20.42 1.25
N LEU B 48 -18.05 -20.57 0.17
CA LEU B 48 -19.47 -20.50 0.20
C LEU B 48 -20.06 -21.18 -1.00
N ASP B 49 -20.73 -22.30 -0.78
CA ASP B 49 -21.35 -23.09 -1.84
C ASP B 49 -22.85 -23.16 -1.70
N LEU B 50 -23.55 -22.41 -2.51
CA LEU B 50 -24.99 -22.37 -2.46
C LEU B 50 -25.57 -23.53 -3.25
N ASP B 51 -26.70 -24.07 -2.81
CA ASP B 51 -27.29 -25.19 -3.52
C ASP B 51 -28.15 -24.74 -4.66
N GLN B 52 -27.72 -25.08 -5.86
CA GLN B 52 -28.43 -24.63 -7.05
C GLN B 52 -29.71 -25.42 -7.30
N THR B 53 -29.72 -26.71 -7.00
CA THR B 53 -30.91 -27.51 -7.24
C THR B 53 -32.04 -27.08 -6.33
N LEU B 54 -31.79 -27.07 -5.03
CA LEU B 54 -32.74 -26.55 -4.05
C LEU B 54 -33.30 -25.21 -4.47
N LEU B 55 -32.54 -24.45 -5.25
CA LEU B 55 -32.96 -23.13 -5.68
C LEU B 55 -34.17 -23.18 -6.62
N ARG B 56 -34.39 -24.31 -7.28
CA ARG B 56 -35.55 -24.42 -8.15
C ARG B 56 -36.84 -24.43 -7.35
N GLN B 57 -36.78 -24.89 -6.10
CA GLN B 57 -37.94 -25.02 -5.24
C GLN B 57 -38.19 -23.78 -4.40
N GLY B 58 -37.67 -22.63 -4.81
CA GLY B 58 -37.98 -21.40 -4.10
C GLY B 58 -37.37 -21.29 -2.72
N LYS B 59 -36.23 -21.95 -2.50
CA LYS B 59 -35.55 -21.84 -1.22
C LYS B 59 -34.05 -21.67 -1.47
N ILE B 60 -33.38 -21.05 -0.50
CA ILE B 60 -31.95 -20.83 -0.54
C ILE B 60 -31.30 -21.77 0.45
N ALA B 61 -30.43 -22.63 -0.04
CA ALA B 61 -29.72 -23.57 0.81
C ALA B 61 -28.24 -23.41 0.59
N LEU B 62 -27.47 -23.79 1.60
CA LEU B 62 -26.03 -23.72 1.55
C LEU B 62 -25.47 -25.11 1.73
N ASN B 63 -24.80 -25.61 0.70
CA ASN B 63 -24.16 -26.91 0.83
C ASN B 63 -23.00 -26.86 1.80
N ALA B 64 -22.26 -25.75 1.79
CA ALA B 64 -21.10 -25.58 2.65
C ALA B 64 -20.75 -24.09 2.70
N ALA B 65 -19.99 -23.72 3.72
CA ALA B 65 -19.53 -22.35 3.90
C ALA B 65 -18.54 -22.34 5.03
N SER B 66 -17.76 -21.27 5.09
CA SER B 66 -16.79 -21.10 6.15
C SER B 66 -16.47 -19.63 6.24
N GLY B 67 -16.19 -19.17 7.45
CA GLY B 67 -15.72 -17.79 7.57
C GLY B 67 -15.71 -17.29 8.97
N ILE B 68 -15.91 -15.99 9.09
CA ILE B 68 -15.90 -15.30 10.36
C ILE B 68 -17.12 -14.43 10.40
N MET B 69 -17.82 -14.40 11.50
CA MET B 69 -18.96 -13.52 11.54
C MET B 69 -18.50 -12.15 11.95
N PRO B 70 -19.35 -11.15 11.81
CA PRO B 70 -19.01 -9.80 12.23
C PRO B 70 -18.62 -9.64 13.70
N ASP B 71 -19.09 -10.48 14.60
CA ASP B 71 -18.69 -10.44 15.98
C ASP B 71 -17.41 -11.22 16.26
N GLY B 72 -16.80 -11.79 15.24
CA GLY B 72 -15.56 -12.51 15.42
C GLY B 72 -15.65 -14.00 15.51
N THR B 73 -16.85 -14.52 15.39
CA THR B 73 -17.03 -15.95 15.48
C THR B 73 -16.69 -16.70 14.23
N PRO B 74 -15.77 -17.64 14.34
CA PRO B 74 -15.44 -18.45 13.16
C PRO B 74 -16.43 -19.60 12.99
N PHE B 75 -16.60 -20.01 11.73
CA PHE B 75 -17.57 -21.04 11.42
C PHE B 75 -17.18 -21.77 10.15
N ARG B 76 -17.83 -22.90 9.94
CA ARG B 76 -17.47 -23.86 8.92
C ARG B 76 -18.48 -25.01 8.98
N PHE B 77 -19.15 -25.31 7.87
CA PHE B 77 -20.10 -26.40 7.85
C PHE B 77 -20.13 -26.99 6.46
N SER B 78 -20.32 -28.30 6.39
CA SER B 78 -20.28 -29.00 5.11
C SER B 78 -21.30 -30.14 5.16
N GLY B 79 -22.45 -29.95 4.55
CA GLY B 79 -23.46 -30.98 4.55
C GLY B 79 -24.77 -30.47 5.06
N ALA B 80 -25.87 -31.05 4.60
CA ALA B 80 -27.19 -30.61 5.02
C ALA B 80 -27.49 -30.87 6.49
N GLN B 81 -26.89 -31.89 7.04
CA GLN B 81 -27.06 -32.17 8.44
C GLN B 81 -26.42 -31.05 9.28
N GLN B 82 -25.29 -30.52 8.83
CA GLN B 82 -24.58 -29.45 9.51
C GLN B 82 -25.03 -28.04 9.15
N ALA B 83 -25.73 -27.88 8.05
CA ALA B 83 -26.09 -26.56 7.63
C ALA B 83 -27.33 -26.00 8.23
N PRO B 84 -27.51 -24.71 8.08
CA PRO B 84 -28.65 -23.95 8.53
C PRO B 84 -29.87 -24.34 7.77
N ALA B 85 -31.00 -24.19 8.41
CA ALA B 85 -32.24 -24.54 7.77
C ALA B 85 -32.34 -23.77 6.47
N PRO B 86 -32.64 -24.43 5.37
CA PRO B 86 -32.97 -23.70 4.15
C PRO B 86 -34.07 -22.68 4.39
N LEU B 87 -34.07 -21.63 3.60
CA LEU B 87 -34.97 -20.52 3.81
C LEU B 87 -35.88 -20.40 2.59
N ALA B 88 -37.19 -20.49 2.81
CA ALA B 88 -38.13 -20.36 1.72
C ALA B 88 -38.48 -18.92 1.48
N ILE B 89 -38.82 -18.60 0.23
CA ILE B 89 -39.11 -17.23 -0.17
C ILE B 89 -40.59 -17.10 -0.47
N ALA B 90 -41.16 -15.98 -0.02
CA ALA B 90 -42.57 -15.67 -0.28
C ALA B 90 -42.85 -15.67 -1.76
N ASP B 91 -44.11 -15.86 -2.12
CA ASP B 91 -44.52 -15.79 -3.52
C ASP B 91 -44.85 -14.37 -3.95
N ASN B 92 -44.69 -13.39 -3.07
CA ASN B 92 -44.92 -12.00 -3.46
C ASN B 92 -43.71 -11.12 -3.21
N LYS B 93 -42.95 -11.35 -2.13
CA LYS B 93 -41.82 -10.50 -1.82
C LYS B 93 -40.78 -10.56 -2.93
N THR B 94 -40.08 -9.45 -3.12
CA THR B 94 -39.19 -9.33 -4.28
C THR B 94 -38.12 -8.30 -3.97
N GLY B 95 -36.95 -8.49 -4.57
CA GLY B 95 -35.83 -7.61 -4.35
C GLY B 95 -35.46 -7.54 -2.89
N GLU B 96 -35.08 -8.67 -2.32
CA GLU B 96 -34.74 -8.76 -0.91
C GLU B 96 -33.36 -9.38 -0.76
N ASN B 97 -32.58 -8.86 0.17
CA ASN B 97 -31.25 -9.39 0.42
C ASN B 97 -31.34 -10.50 1.46
N VAL B 98 -30.72 -11.61 1.15
CA VAL B 98 -30.65 -12.73 2.08
C VAL B 98 -29.28 -12.72 2.72
N VAL B 99 -29.22 -13.15 3.98
CA VAL B 99 -28.01 -13.06 4.80
C VAL B 99 -27.83 -14.36 5.57
N LEU B 100 -26.67 -14.50 6.18
CA LEU B 100 -26.41 -15.62 7.10
C LEU B 100 -26.05 -15.04 8.46
N ALA B 101 -26.93 -15.23 9.43
CA ALA B 101 -26.89 -14.48 10.67
C ALA B 101 -26.68 -15.40 11.86
N LEU B 102 -26.29 -14.79 12.96
CA LEU B 102 -25.99 -15.48 14.19
C LEU B 102 -26.21 -14.51 15.32
N PRO B 103 -26.77 -14.99 16.41
CA PRO B 103 -27.06 -14.16 17.57
C PRO B 103 -25.83 -13.61 18.23
N THR B 104 -25.89 -12.37 18.64
CA THR B 104 -24.78 -11.77 19.32
C THR B 104 -24.75 -12.33 20.71
N TYR B 105 -23.59 -12.56 21.26
CA TYR B 105 -23.49 -13.08 22.60
C TYR B 105 -24.00 -12.07 23.60
N ARG B 106 -24.63 -12.58 24.65
CA ARG B 106 -25.09 -11.71 25.71
C ARG B 106 -25.17 -12.54 27.00
N ALA B 107 -24.65 -11.98 28.07
CA ALA B 107 -24.70 -12.68 29.35
C ALA B 107 -26.05 -12.55 30.02
N GLY B 108 -26.81 -11.50 29.70
CA GLY B 108 -28.16 -11.36 30.18
C GLY B 108 -29.15 -12.35 29.61
N ARG B 109 -28.69 -13.27 28.79
CA ARG B 109 -29.59 -14.26 28.21
C ARG B 109 -28.87 -15.55 27.99
N GLU B 110 -29.63 -16.63 27.97
CA GLU B 110 -29.05 -17.95 27.85
C GLU B 110 -28.31 -18.11 26.56
N ASP B 111 -27.20 -18.82 26.63
CA ASP B 111 -26.36 -19.03 25.48
C ASP B 111 -26.58 -20.34 24.82
N VAL B 112 -26.78 -21.37 25.61
CA VAL B 112 -27.01 -22.69 25.08
C VAL B 112 -28.37 -23.24 25.39
N ILE B 113 -28.99 -23.82 24.39
CA ILE B 113 -30.30 -24.45 24.50
C ILE B 113 -30.22 -25.88 23.99
N PHE B 114 -31.11 -26.71 24.51
CA PHE B 114 -31.13 -28.13 24.22
C PHE B 114 -32.27 -28.54 23.32
N GLN B 115 -33.23 -27.65 23.10
CA GLN B 115 -34.36 -27.89 22.23
C GLN B 115 -34.52 -26.67 21.36
N GLU B 116 -34.61 -26.89 20.05
CA GLU B 116 -34.76 -25.77 19.14
C GLU B 116 -35.99 -24.96 19.49
N SER B 117 -35.98 -23.70 19.07
CA SER B 117 -37.08 -22.81 19.32
C SER B 117 -37.12 -21.76 18.23
N PRO B 118 -38.31 -21.39 17.77
CA PRO B 118 -38.43 -20.27 16.84
C PRO B 118 -37.94 -18.99 17.52
N GLU B 119 -36.94 -18.37 16.91
CA GLU B 119 -36.35 -17.14 17.42
C GLU B 119 -36.07 -17.26 18.93
N ALA B 120 -35.11 -18.14 19.22
CA ALA B 120 -34.38 -18.15 20.47
C ALA B 120 -32.98 -17.65 20.18
N LEU B 121 -32.41 -16.89 21.10
CA LEU B 121 -31.16 -16.21 20.84
C LEU B 121 -29.95 -16.94 21.39
N ALA B 122 -30.08 -18.22 21.71
CA ALA B 122 -28.91 -18.97 22.10
C ALA B 122 -27.97 -19.13 20.92
N ARG B 123 -26.69 -19.17 21.19
CA ARG B 123 -25.73 -19.30 20.14
C ARG B 123 -25.45 -20.73 19.80
N TYR B 124 -25.74 -21.63 20.73
CA TYR B 124 -25.48 -23.03 20.48
C TYR B 124 -26.73 -23.87 20.71
N LEU B 125 -26.73 -25.03 20.05
CA LEU B 125 -27.71 -26.07 20.27
C LEU B 125 -26.96 -27.29 20.77
N ALA B 126 -27.41 -27.84 21.88
CA ALA B 126 -26.73 -28.99 22.46
C ALA B 126 -27.08 -30.25 21.70
N TYR B 127 -26.10 -31.13 21.53
CA TYR B 127 -26.28 -32.38 20.85
C TYR B 127 -25.26 -33.34 21.43
N GLU B 128 -25.49 -34.63 21.24
CA GLU B 128 -24.70 -35.64 21.91
C GLU B 128 -23.91 -36.47 20.91
N ASN B 129 -22.76 -36.94 21.34
CA ASN B 129 -21.88 -37.68 20.46
C ASN B 129 -20.93 -38.48 21.32
N GLU B 130 -20.67 -39.71 20.93
CA GLU B 130 -19.70 -40.55 21.61
C GLU B 130 -18.33 -40.26 21.03
N VAL B 131 -17.31 -40.20 21.91
CA VAL B 131 -15.96 -39.91 21.45
C VAL B 131 -14.96 -40.79 22.20
N ASP B 132 -13.89 -41.14 21.51
CA ASP B 132 -12.84 -41.92 22.12
C ASP B 132 -12.00 -41.07 23.06
N ASP B 133 -11.49 -41.72 24.10
CA ASP B 133 -10.36 -41.15 24.81
C ASP B 133 -9.25 -40.92 23.81
N LEU B 134 -8.31 -40.06 24.15
CA LEU B 134 -7.23 -39.75 23.23
C LEU B 134 -5.91 -40.35 23.64
N ASN B 135 -5.80 -40.92 24.83
CA ASN B 135 -4.54 -41.49 25.30
C ASN B 135 -4.43 -42.95 24.88
N ALA B 136 -3.19 -43.43 24.77
CA ALA B 136 -2.96 -44.85 24.53
C ALA B 136 -3.57 -45.69 25.65
N VAL B 137 -3.23 -45.36 26.89
CA VAL B 137 -3.88 -45.97 28.04
C VAL B 137 -5.18 -45.22 28.33
N SER B 138 -6.28 -45.97 28.45
CA SER B 138 -7.61 -45.40 28.64
C SER B 138 -8.56 -46.52 29.00
N VAL B 139 -9.82 -46.18 29.21
CA VAL B 139 -10.87 -47.18 29.38
C VAL B 139 -12.08 -46.81 28.54
N GLY B 140 -12.16 -47.30 27.31
CA GLY B 140 -13.38 -47.02 26.58
C GLY B 140 -13.60 -45.56 26.19
N SER B 141 -14.77 -45.33 25.61
CA SER B 141 -15.14 -44.02 25.13
C SER B 141 -16.05 -43.33 26.14
N ALA B 142 -16.72 -42.26 25.72
CA ALA B 142 -17.55 -41.48 26.62
C ALA B 142 -18.50 -40.64 25.77
N ALA B 143 -19.67 -40.36 26.32
CA ALA B 143 -20.70 -39.59 25.62
C ALA B 143 -20.68 -38.16 26.15
N LEU B 144 -20.44 -37.20 25.27
CA LEU B 144 -20.41 -35.80 25.65
C LEU B 144 -21.53 -35.04 24.97
N GLN B 145 -21.83 -33.87 25.51
CA GLN B 145 -22.68 -32.90 24.84
C GLN B 145 -21.82 -31.84 24.19
N PHE B 146 -22.13 -31.50 22.95
CA PHE B 146 -21.40 -30.51 22.18
C PHE B 146 -22.33 -29.39 21.77
N GLY B 147 -21.73 -28.29 21.34
CA GLY B 147 -22.45 -27.13 20.88
C GLY B 147 -22.47 -27.04 19.37
N ARG B 148 -23.59 -26.56 18.84
CA ARG B 148 -23.79 -26.43 17.41
C ARG B 148 -24.19 -24.99 17.19
N LEU B 149 -23.33 -24.22 16.56
CA LEU B 149 -23.64 -22.83 16.30
C LEU B 149 -24.97 -22.71 15.60
N ARG B 150 -25.81 -21.83 16.10
CA ARG B 150 -27.17 -21.70 15.57
C ARG B 150 -27.19 -20.72 14.40
N LEU B 151 -26.41 -21.05 13.38
CA LEU B 151 -26.43 -20.27 12.16
C LEU B 151 -27.81 -20.31 11.53
N ARG B 152 -28.12 -19.30 10.75
CA ARG B 152 -29.49 -19.11 10.32
C ARG B 152 -29.55 -18.26 9.06
N LEU B 153 -30.32 -18.71 8.07
CA LEU B 153 -30.55 -17.94 6.87
C LEU B 153 -31.83 -17.16 7.00
N MET B 154 -31.77 -15.87 6.71
CA MET B 154 -32.94 -15.03 6.88
C MET B 154 -32.82 -13.83 5.97
N LEU B 155 -33.88 -13.04 5.93
CA LEU B 155 -33.86 -11.83 5.13
C LEU B 155 -33.13 -10.74 5.88
N GLU B 156 -32.46 -9.87 5.12
CA GLU B 156 -31.86 -8.71 5.73
C GLU B 156 -32.91 -7.91 6.48
N SER B 157 -34.09 -7.74 5.89
CA SER B 157 -35.14 -6.99 6.53
C SER B 157 -35.51 -7.56 7.88
N GLU B 158 -35.30 -8.85 8.07
CA GLU B 158 -35.64 -9.46 9.34
C GLU B 158 -34.57 -9.27 10.39
N LEU B 159 -33.51 -8.53 10.07
CA LEU B 159 -32.41 -8.40 11.00
C LEU B 159 -32.70 -7.34 12.06
N ASN B 160 -32.04 -7.51 13.21
CA ASN B 160 -32.12 -6.56 14.31
C ASN B 160 -30.82 -6.62 15.10
N ALA B 161 -30.72 -5.76 16.10
CA ALA B 161 -29.48 -5.56 16.83
C ALA B 161 -29.00 -6.79 17.60
N GLU B 162 -29.73 -7.89 17.56
CA GLU B 162 -29.29 -9.07 18.28
C GLU B 162 -28.59 -10.07 17.38
N TRP B 163 -28.27 -9.69 16.15
CA TRP B 163 -27.60 -10.59 15.21
C TRP B 163 -26.39 -9.93 14.57
N THR B 164 -25.53 -10.75 14.01
CA THR B 164 -24.42 -10.36 13.14
C THR B 164 -24.63 -11.19 11.90
N ALA B 165 -24.44 -10.62 10.72
CA ALA B 165 -24.74 -11.32 9.49
C ALA B 165 -23.73 -11.02 8.38
N LEU B 166 -23.38 -12.05 7.63
CA LEU B 166 -22.70 -11.92 6.35
C LEU B 166 -23.74 -12.03 5.24
N GLY B 167 -23.70 -11.11 4.28
CA GLY B 167 -24.62 -11.18 3.17
C GLY B 167 -24.28 -12.33 2.24
N VAL B 168 -25.30 -13.02 1.76
CA VAL B 168 -25.12 -14.23 0.99
C VAL B 168 -25.57 -14.06 -0.45
N THR B 169 -26.72 -13.46 -0.66
CA THR B 169 -27.21 -13.26 -2.01
C THR B 169 -28.43 -12.36 -1.94
N ARG B 170 -29.05 -12.17 -3.08
CA ARG B 170 -30.23 -11.36 -3.21
C ARG B 170 -31.14 -12.04 -4.22
N VAL B 171 -32.40 -12.20 -3.89
CA VAL B 171 -33.36 -12.76 -4.83
C VAL B 171 -34.06 -11.61 -5.53
N LEU B 172 -34.19 -11.73 -6.84
CA LEU B 172 -34.90 -10.75 -7.63
C LEU B 172 -36.27 -11.21 -8.06
N GLU B 173 -36.53 -12.52 -8.03
CA GLU B 173 -37.76 -13.02 -8.61
C GLU B 173 -38.01 -14.42 -8.10
N LYS B 174 -39.24 -14.66 -7.67
CA LYS B 174 -39.78 -16.01 -7.54
C LYS B 174 -40.77 -16.16 -8.69
N ARG B 175 -40.41 -16.96 -9.67
CA ARG B 175 -41.21 -17.07 -10.87
C ARG B 175 -42.46 -17.90 -10.60
N GLY B 176 -43.24 -18.12 -11.66
CA GLY B 176 -44.41 -18.97 -11.53
C GLY B 176 -44.06 -20.36 -11.04
N ASP B 177 -43.08 -20.99 -11.68
CA ASP B 177 -42.73 -22.37 -11.38
C ASP B 177 -41.92 -22.53 -10.09
N ASN B 178 -41.95 -21.54 -9.19
CA ASN B 178 -41.27 -21.56 -7.90
C ASN B 178 -39.75 -21.50 -8.02
N SER B 179 -39.20 -21.16 -9.18
CA SER B 179 -37.76 -21.04 -9.27
C SER B 179 -37.32 -19.64 -8.83
N LEU B 180 -36.13 -19.59 -8.25
CA LEU B 180 -35.57 -18.35 -7.70
C LEU B 180 -34.61 -17.71 -8.68
N ARG B 181 -34.82 -16.44 -8.98
CA ARG B 181 -33.92 -15.70 -9.84
C ARG B 181 -33.00 -14.86 -8.96
N LEU B 182 -31.73 -15.25 -8.89
CA LEU B 182 -30.77 -14.57 -8.05
C LEU B 182 -30.02 -13.48 -8.81
N ASP B 183 -29.57 -12.47 -8.07
CA ASP B 183 -28.67 -11.46 -8.61
C ASP B 183 -27.26 -12.01 -8.53
N THR B 184 -26.78 -12.52 -9.65
CA THR B 184 -25.50 -13.20 -9.63
C THR B 184 -24.33 -12.23 -9.47
N ALA B 185 -24.62 -10.93 -9.48
CA ALA B 185 -23.63 -9.86 -9.37
C ALA B 185 -23.31 -9.48 -7.93
N GLN B 186 -24.28 -9.48 -7.03
CA GLN B 186 -23.99 -9.15 -5.64
C GLN B 186 -22.92 -10.09 -5.11
N ILE B 187 -21.93 -9.52 -4.42
CA ILE B 187 -20.78 -10.27 -3.92
C ILE B 187 -20.87 -10.26 -2.41
N PRO B 188 -20.61 -11.37 -1.75
CA PRO B 188 -20.62 -11.38 -0.30
C PRO B 188 -19.33 -10.80 0.25
N PRO B 189 -19.33 -10.42 1.51
CA PRO B 189 -18.06 -10.20 2.20
C PRO B 189 -17.17 -11.42 2.10
N MET B 190 -15.98 -11.23 1.55
CA MET B 190 -15.08 -12.31 1.22
C MET B 190 -13.75 -12.11 1.92
N LEU B 191 -13.24 -13.16 2.49
CA LEU B 191 -11.91 -13.13 3.03
C LEU B 191 -10.89 -13.61 2.02
N ASN B 192 -11.34 -14.13 0.90
CA ASN B 192 -10.43 -14.65 -0.11
C ASN B 192 -11.10 -14.49 -1.45
N CYS B 193 -10.47 -13.75 -2.34
CA CYS B 193 -11.00 -13.57 -3.68
C CYS B 193 -11.17 -14.90 -4.39
N GLN B 194 -10.30 -15.87 -4.10
CA GLN B 194 -10.37 -17.16 -4.77
C GLN B 194 -11.69 -17.87 -4.53
N GLY B 195 -12.35 -17.58 -3.43
CA GLY B 195 -13.59 -18.24 -3.14
C GLY B 195 -14.83 -17.56 -3.68
N ASN B 196 -14.71 -16.58 -4.55
CA ASN B 196 -15.90 -16.00 -5.15
C ASN B 196 -15.70 -15.91 -6.67
N PRO B 197 -16.67 -16.34 -7.46
CA PRO B 197 -16.45 -16.38 -8.92
C PRO B 197 -16.38 -15.02 -9.56
N VAL B 198 -17.07 -14.02 -9.06
CA VAL B 198 -17.00 -12.70 -9.67
C VAL B 198 -15.61 -12.11 -9.49
N LEU B 199 -15.10 -12.14 -8.26
CA LEU B 199 -13.75 -11.65 -8.02
C LEU B 199 -12.77 -12.35 -8.93
N LYS B 200 -12.89 -13.67 -9.05
CA LYS B 200 -11.92 -14.43 -9.82
C LYS B 200 -11.88 -13.97 -11.27
N THR B 201 -13.02 -13.56 -11.82
CA THR B 201 -12.97 -13.16 -13.21
C THR B 201 -12.74 -11.66 -13.37
N PHE B 202 -12.91 -10.88 -12.32
CA PHE B 202 -12.31 -9.55 -12.30
C PHE B 202 -10.82 -9.66 -12.57
N ILE B 203 -10.13 -10.44 -11.75
CA ILE B 203 -8.72 -10.67 -11.93
C ILE B 203 -8.43 -11.18 -13.33
N ASN B 204 -9.11 -12.26 -13.71
CA ASN B 204 -8.82 -12.91 -14.97
C ASN B 204 -9.03 -11.96 -16.13
N ASP B 205 -10.08 -11.14 -16.05
CA ASP B 205 -10.35 -10.18 -17.11
C ASP B 205 -9.27 -9.11 -17.18
N LEU B 206 -8.89 -8.53 -16.04
CA LEU B 206 -7.85 -7.50 -16.02
C LEU B 206 -6.55 -8.03 -16.61
N GLN B 207 -6.15 -9.24 -16.21
CA GLN B 207 -4.94 -9.78 -16.78
C GLN B 207 -5.03 -9.84 -18.29
N GLY B 208 -6.22 -10.06 -18.83
CA GLY B 208 -6.36 -10.13 -20.26
C GLY B 208 -6.24 -8.78 -20.93
N LEU B 209 -6.93 -7.79 -20.38
CA LEU B 209 -6.78 -6.44 -20.88
C LEU B 209 -5.31 -6.04 -20.91
N LEU B 210 -4.58 -6.42 -19.88
CA LEU B 210 -3.21 -5.98 -19.75
C LEU B 210 -2.30 -6.71 -20.74
N GLN B 211 -2.48 -8.01 -20.90
CA GLN B 211 -1.68 -8.71 -21.89
C GLN B 211 -1.97 -8.19 -23.28
N GLN B 212 -3.21 -7.81 -23.53
CA GLN B 212 -3.58 -7.37 -24.85
C GLN B 212 -2.94 -6.03 -25.18
N ARG B 213 -3.21 -5.02 -24.35
CA ARG B 213 -2.67 -3.72 -24.65
C ARG B 213 -1.15 -3.70 -24.49
N SER B 214 -0.62 -4.52 -23.60
CA SER B 214 0.81 -4.67 -23.52
C SER B 214 1.41 -5.07 -24.86
N GLN B 215 0.84 -6.08 -25.52
CA GLN B 215 1.44 -6.49 -26.78
C GLN B 215 1.13 -5.54 -27.92
N GLN B 216 -0.04 -4.89 -27.92
CA GLN B 216 -0.31 -3.89 -28.93
C GLN B 216 0.76 -2.82 -28.96
N MET B 217 1.07 -2.29 -27.78
CA MET B 217 2.01 -1.20 -27.61
C MET B 217 3.46 -1.55 -27.82
N SER B 218 3.92 -2.60 -27.20
CA SER B 218 5.29 -3.02 -27.39
C SER B 218 5.58 -3.25 -28.86
N GLN B 219 4.64 -3.84 -29.58
CA GLN B 219 4.86 -4.06 -31.01
C GLN B 219 5.03 -2.73 -31.73
N ARG B 220 4.16 -1.76 -31.43
CA ARG B 220 4.22 -0.51 -32.17
C ARG B 220 5.41 0.33 -31.72
N LEU B 221 5.76 0.28 -30.46
CA LEU B 221 6.93 1.02 -30.05
C LEU B 221 8.15 0.38 -30.66
N LEU B 222 8.03 -0.88 -31.04
CA LEU B 222 9.15 -1.56 -31.64
C LEU B 222 9.24 -1.24 -33.11
N GLN B 223 8.26 -0.58 -33.67
CA GLN B 223 8.27 -0.28 -35.09
C GLN B 223 7.78 1.13 -35.42
N PRO B 224 8.53 2.16 -35.05
CA PRO B 224 7.99 3.49 -35.34
C PRO B 224 7.90 3.75 -36.84
N GLY B 227 9.71 9.48 -32.32
CA GLY B 227 10.71 9.82 -31.34
C GLY B 227 10.14 11.04 -30.69
N GLY B 228 8.86 11.26 -30.95
CA GLY B 228 8.23 12.44 -30.38
C GLY B 228 7.84 12.30 -28.94
N SER B 229 7.02 13.24 -28.53
CA SER B 229 6.54 13.21 -27.18
C SER B 229 5.48 12.14 -27.23
N SER B 230 4.73 12.07 -28.33
CA SER B 230 3.73 11.02 -28.47
C SER B 230 4.34 9.66 -28.19
N GLU B 231 5.52 9.41 -28.71
CA GLU B 231 6.17 8.13 -28.45
C GLU B 231 6.53 7.98 -26.99
N MET B 232 6.99 9.05 -26.32
CA MET B 232 7.37 8.95 -24.92
C MET B 232 6.17 8.65 -24.04
N VAL B 233 5.09 9.38 -24.26
CA VAL B 233 3.87 9.16 -23.52
C VAL B 233 3.43 7.72 -23.64
N ASP B 234 3.52 7.14 -24.82
CA ASP B 234 3.13 5.76 -25.00
C ASP B 234 4.02 4.83 -24.20
N PHE B 235 5.32 5.02 -24.30
CA PHE B 235 6.27 4.28 -23.48
C PHE B 235 5.92 4.38 -22.00
N MET B 236 5.40 5.52 -21.57
CA MET B 236 5.07 5.68 -20.17
C MET B 236 3.90 4.81 -19.78
N LEU B 237 2.88 4.76 -20.64
CA LEU B 237 1.74 3.89 -20.42
C LEU B 237 2.14 2.44 -20.43
N LEU B 238 2.94 2.04 -21.42
CA LEU B 238 3.43 0.68 -21.47
C LEU B 238 4.15 0.32 -20.18
N GLN B 239 4.92 1.26 -19.65
CA GLN B 239 5.63 1.02 -18.41
C GLN B 239 4.65 0.73 -17.28
N LEU B 240 3.58 1.51 -17.21
CA LEU B 240 2.61 1.35 -16.15
C LEU B 240 1.86 0.03 -16.29
N ILE B 241 1.50 -0.32 -17.51
CA ILE B 241 0.92 -1.61 -17.77
C ILE B 241 1.88 -2.72 -17.37
N ASN B 242 3.14 -2.59 -17.77
CA ASN B 242 4.08 -3.66 -17.48
C ASN B 242 4.24 -3.91 -15.99
N ARG B 243 4.13 -2.88 -15.18
CA ARG B 243 4.22 -3.09 -13.74
C ARG B 243 3.06 -3.94 -13.26
N HIS B 244 1.90 -3.68 -13.81
CA HIS B 244 0.69 -4.35 -13.41
C HIS B 244 0.51 -5.69 -14.09
N LEU B 245 1.33 -6.03 -15.08
CA LEU B 245 1.41 -7.43 -15.49
C LEU B 245 1.92 -8.29 -14.34
N GLY B 246 3.02 -7.89 -13.73
CA GLY B 246 3.54 -8.64 -12.61
C GLY B 246 2.56 -8.66 -11.45
N GLN B 247 1.98 -7.52 -11.13
CA GLN B 247 1.13 -7.46 -9.94
C GLN B 247 -0.04 -8.40 -10.08
N VAL B 248 -0.76 -8.30 -11.19
CA VAL B 248 -1.95 -9.12 -11.39
C VAL B 248 -1.60 -10.57 -11.66
N SER B 249 -0.42 -10.87 -12.18
CA SER B 249 -0.04 -12.26 -12.28
C SER B 249 0.12 -12.85 -10.90
N HIS B 250 0.69 -12.10 -9.97
CA HIS B 250 0.77 -12.58 -8.61
C HIS B 250 -0.61 -12.83 -8.04
N ALA B 251 -1.54 -11.91 -8.27
CA ALA B 251 -2.89 -12.06 -7.76
C ALA B 251 -3.58 -13.24 -8.40
N TYR B 252 -3.24 -13.54 -9.65
CA TYR B 252 -3.89 -14.62 -10.38
C TYR B 252 -3.47 -15.99 -9.85
N HIS B 253 -2.26 -16.11 -9.33
CA HIS B 253 -1.73 -17.38 -8.88
C HIS B 253 -1.81 -17.58 -7.37
N LEU B 254 -2.22 -16.57 -6.64
CA LEU B 254 -2.20 -16.62 -5.19
C LEU B 254 -3.38 -17.46 -4.70
N ASP B 255 -3.09 -18.43 -3.83
CA ASP B 255 -4.17 -19.24 -3.26
C ASP B 255 -5.09 -18.42 -2.36
N HIS B 256 -4.53 -17.47 -1.61
CA HIS B 256 -5.27 -16.69 -0.64
C HIS B 256 -4.96 -15.22 -0.85
N LEU B 257 -5.98 -14.40 -1.04
CA LEU B 257 -5.76 -12.98 -1.28
C LEU B 257 -6.96 -12.20 -0.82
N HIS B 258 -6.78 -11.40 0.21
CA HIS B 258 -7.90 -10.64 0.72
C HIS B 258 -8.31 -9.56 -0.29
N PRO B 259 -9.59 -9.34 -0.49
CA PRO B 259 -10.01 -8.34 -1.48
C PRO B 259 -9.52 -6.94 -1.19
N GLU B 260 -9.35 -6.56 0.08
CA GLU B 260 -8.92 -5.20 0.39
C GLU B 260 -7.54 -4.95 -0.19
N ARG B 261 -6.64 -5.91 -0.04
CA ARG B 261 -5.32 -5.81 -0.62
C ARG B 261 -5.39 -5.64 -2.12
N LEU B 262 -6.22 -6.44 -2.77
CA LEU B 262 -6.39 -6.29 -4.22
C LEU B 262 -6.93 -4.93 -4.56
N PHE B 263 -7.90 -4.46 -3.82
CA PHE B 263 -8.52 -3.20 -4.14
C PHE B 263 -7.54 -2.03 -3.99
N ALA B 264 -6.62 -2.13 -3.04
CA ALA B 264 -5.69 -1.02 -2.82
C ALA B 264 -4.76 -0.88 -4.01
N ASP B 265 -4.14 -1.98 -4.44
CA ASP B 265 -3.34 -1.96 -5.64
C ASP B 265 -4.11 -1.39 -6.83
N TRP B 266 -5.34 -1.84 -7.04
CA TRP B 266 -6.01 -1.46 -8.28
C TRP B 266 -6.50 -0.03 -8.24
N LEU B 267 -6.83 0.47 -7.07
CA LEU B 267 -7.20 1.88 -6.99
C LEU B 267 -6.01 2.77 -7.35
N GLN B 268 -4.82 2.44 -6.86
CA GLN B 268 -3.62 3.19 -7.24
C GLN B 268 -3.41 3.15 -8.74
N PHE B 269 -3.58 1.96 -9.32
CA PHE B 269 -3.49 1.77 -10.76
C PHE B 269 -4.46 2.68 -11.49
N ALA B 270 -5.67 2.77 -10.99
CA ALA B 270 -6.68 3.54 -11.72
C ALA B 270 -6.41 5.03 -11.65
N THR B 271 -6.05 5.54 -10.47
CA THR B 271 -5.73 6.96 -10.36
C THR B 271 -4.45 7.31 -11.11
N GLU B 272 -3.47 6.43 -11.11
CA GLU B 272 -2.33 6.75 -11.93
C GLU B 272 -2.69 6.70 -13.41
N LEU B 273 -3.61 5.83 -13.78
CA LEU B 273 -4.06 5.73 -15.17
C LEU B 273 -4.72 7.01 -15.65
N ALA B 274 -5.46 7.68 -14.77
CA ALA B 274 -6.15 8.88 -15.19
C ALA B 274 -5.19 9.95 -15.72
N SER B 275 -3.91 9.83 -15.39
CA SER B 275 -2.91 10.72 -15.96
C SER B 275 -3.00 10.78 -17.47
N PHE B 276 -3.43 9.70 -18.11
CA PHE B 276 -3.48 9.66 -19.56
C PHE B 276 -4.83 10.03 -20.11
N SER B 277 -5.82 10.23 -19.26
CA SER B 277 -7.07 10.73 -19.75
C SER B 277 -6.88 12.17 -20.19
N ALA B 278 -7.85 12.69 -20.93
CA ALA B 278 -7.76 14.09 -21.30
C ALA B 278 -7.78 15.00 -20.09
N GLN B 279 -8.37 14.56 -18.99
CA GLN B 279 -8.42 15.41 -17.82
C GLN B 279 -7.12 15.39 -17.04
N ARG B 280 -6.31 14.33 -17.15
CA ARG B 280 -4.98 14.22 -16.60
C ARG B 280 -4.99 13.88 -15.12
N THR B 281 -6.15 13.86 -14.46
CA THR B 281 -6.29 13.63 -13.04
C THR B 281 -7.57 12.87 -12.82
N PRO B 282 -7.68 12.09 -11.75
CA PRO B 282 -8.99 11.50 -11.42
C PRO B 282 -10.08 12.56 -11.29
N GLU B 283 -11.26 12.21 -11.76
CA GLU B 283 -12.43 13.08 -11.73
C GLU B 283 -13.48 12.47 -10.82
N GLY B 284 -14.18 13.32 -10.09
CA GLY B 284 -15.27 12.87 -9.24
C GLY B 284 -14.79 11.99 -8.11
N ARG B 285 -15.75 11.64 -7.26
CA ARG B 285 -15.46 10.85 -6.08
C ARG B 285 -14.79 9.53 -6.46
N LEU B 286 -13.71 9.20 -5.78
CA LEU B 286 -13.06 7.93 -6.01
C LEU B 286 -13.87 6.81 -5.38
N PRO B 287 -13.83 5.61 -5.95
CA PRO B 287 -14.38 4.44 -5.29
C PRO B 287 -13.73 4.22 -3.93
N VAL B 288 -14.54 3.88 -2.94
CA VAL B 288 -14.09 3.61 -1.58
C VAL B 288 -14.34 2.16 -1.27
N TYR B 289 -13.36 1.48 -0.69
CA TYR B 289 -13.55 0.07 -0.39
C TYR B 289 -14.70 -0.11 0.59
N ASP B 290 -15.62 -1.00 0.26
CA ASP B 290 -16.71 -1.37 1.15
C ASP B 290 -16.75 -2.88 1.22
N HIS B 291 -16.31 -3.42 2.34
CA HIS B 291 -16.18 -4.86 2.47
C HIS B 291 -17.52 -5.58 2.38
N ASP B 292 -18.62 -4.89 2.67
CA ASP B 292 -19.94 -5.50 2.58
C ASP B 292 -20.72 -4.95 1.40
N ASN B 293 -20.03 -4.48 0.38
CA ASN B 293 -20.64 -4.14 -0.90
C ASN B 293 -19.52 -4.15 -1.94
N LEU B 294 -18.82 -5.27 -2.02
CA LEU B 294 -17.74 -5.37 -2.99
C LEU B 294 -18.24 -5.13 -4.41
N ALA B 295 -19.48 -5.46 -4.69
CA ALA B 295 -19.94 -5.35 -6.06
C ALA B 295 -20.07 -3.90 -6.47
N LEU B 296 -20.46 -3.05 -5.55
CA LEU B 296 -20.54 -1.63 -5.89
C LEU B 296 -19.14 -1.05 -6.09
N CYS B 297 -18.20 -1.41 -5.22
CA CYS B 297 -16.94 -0.69 -5.23
C CYS B 297 -16.02 -1.27 -6.28
N PHE B 298 -15.94 -2.59 -6.40
CA PHE B 298 -15.17 -3.10 -7.50
C PHE B 298 -15.82 -2.81 -8.84
N GLY B 299 -17.12 -2.54 -8.86
CA GLY B 299 -17.74 -2.24 -10.13
C GLY B 299 -17.28 -0.92 -10.68
N LYS B 300 -17.31 0.11 -9.84
CA LYS B 300 -16.82 1.41 -10.27
C LYS B 300 -15.34 1.34 -10.59
N LEU B 301 -14.57 0.62 -9.77
CA LEU B 301 -13.15 0.52 -9.98
C LEU B 301 -12.83 -0.14 -11.31
N MET B 302 -13.57 -1.18 -11.66
CA MET B 302 -13.33 -1.87 -12.91
C MET B 302 -13.72 -1.01 -14.10
N LEU B 303 -14.73 -0.17 -13.97
CA LEU B 303 -15.05 0.76 -15.05
C LEU B 303 -13.89 1.69 -15.33
N LEU B 304 -13.39 2.36 -14.29
CA LEU B 304 -12.23 3.22 -14.45
C LEU B 304 -11.07 2.46 -15.08
N LEU B 305 -10.81 1.25 -14.61
CA LEU B 305 -9.69 0.51 -15.18
C LEU B 305 -9.90 0.26 -16.66
N ARG B 306 -11.14 0.06 -17.08
CA ARG B 306 -11.37 -0.27 -18.47
C ARG B 306 -11.34 0.97 -19.33
N GLN B 307 -11.92 2.06 -18.85
CA GLN B 307 -11.73 3.35 -19.49
C GLN B 307 -10.26 3.65 -19.66
N GLY B 308 -9.51 3.51 -18.58
CA GLY B 308 -8.12 3.87 -18.62
C GLY B 308 -7.34 3.00 -19.59
N LEU B 309 -7.66 1.73 -19.64
CA LEU B 309 -6.85 0.85 -20.46
C LEU B 309 -7.28 0.88 -21.92
N SER B 310 -8.26 1.69 -22.24
CA SER B 310 -8.78 1.76 -23.59
C SER B 310 -8.60 3.14 -24.16
N VAL B 311 -8.02 4.06 -23.40
CA VAL B 311 -7.93 5.45 -23.84
C VAL B 311 -6.93 5.56 -24.97
N VAL B 312 -7.26 6.38 -25.93
CA VAL B 312 -6.32 6.74 -26.96
C VAL B 312 -5.60 8.00 -26.51
N LEU B 313 -4.28 7.96 -26.54
CA LEU B 313 -3.45 9.06 -26.09
C LEU B 313 -3.49 10.19 -27.11
N GLU B 314 -3.98 11.35 -26.69
CA GLU B 314 -4.29 12.38 -27.66
C GLU B 314 -4.16 13.76 -27.03
N ASP B 315 -3.82 14.72 -27.86
CA ASP B 315 -3.76 16.11 -27.44
C ASP B 315 -5.15 16.69 -27.31
N ASN B 316 -5.35 17.50 -26.28
CA ASN B 316 -6.60 18.18 -26.03
C ASN B 316 -6.69 19.53 -26.71
N ALA B 317 -5.54 20.12 -27.06
CA ALA B 317 -5.51 21.42 -27.68
C ALA B 317 -4.19 21.55 -28.42
N ILE B 318 -4.22 22.13 -29.60
CA ILE B 318 -2.99 22.39 -30.33
C ILE B 318 -3.11 23.70 -31.06
N GLN B 319 -1.97 24.34 -31.31
CA GLN B 319 -1.95 25.59 -32.04
C GLN B 319 -1.75 25.29 -33.51
N LEU B 320 -2.62 25.80 -34.34
CA LEU B 320 -2.40 25.64 -35.75
C LEU B 320 -1.51 26.76 -36.25
N THR B 321 -0.79 26.48 -37.31
CA THR B 321 0.21 27.38 -37.84
C THR B 321 -0.37 28.17 -38.99
N LEU B 322 -0.45 29.48 -38.85
CA LEU B 322 -0.89 30.32 -39.94
C LEU B 322 0.25 30.54 -40.92
N VAL B 323 0.03 30.20 -42.18
CA VAL B 323 1.02 30.34 -43.22
C VAL B 323 0.54 31.37 -44.22
N GLU B 324 1.38 32.38 -44.45
CA GLU B 324 0.99 33.49 -45.30
C GLU B 324 1.03 33.19 -46.78
N ARG B 325 -0.03 33.55 -47.48
CA ARG B 325 -0.11 33.40 -48.92
C ARG B 325 -0.17 34.76 -49.57
N SER B 326 -1.14 34.98 -50.45
CA SER B 326 -1.34 36.33 -50.91
C SER B 326 -1.57 37.31 -49.76
N HIS B 327 -1.48 38.60 -50.08
CA HIS B 327 -1.65 39.63 -49.08
C HIS B 327 -2.94 39.48 -48.27
N GLY B 328 -2.80 39.49 -46.95
CA GLY B 328 -3.93 39.35 -46.07
C GLY B 328 -4.43 37.95 -45.92
N LEU B 329 -3.87 37.00 -46.64
CA LEU B 329 -4.40 35.66 -46.72
C LEU B 329 -3.50 34.71 -45.95
N ASN B 330 -4.09 33.99 -45.02
CA ASN B 330 -3.41 32.97 -44.27
C ASN B 330 -4.12 31.63 -44.45
N VAL B 331 -3.37 30.56 -44.26
CA VAL B 331 -3.89 29.23 -44.38
C VAL B 331 -3.35 28.41 -43.22
N ALA B 332 -4.24 27.64 -42.60
CA ALA B 332 -3.86 26.78 -41.49
C ALA B 332 -4.29 25.36 -41.84
N THR B 333 -3.34 24.46 -41.91
CA THR B 333 -3.62 23.10 -42.29
C THR B 333 -4.01 22.28 -41.08
N VAL B 334 -5.09 21.57 -41.21
CA VAL B 334 -5.57 20.72 -40.14
C VAL B 334 -4.83 19.39 -40.20
N GLN B 335 -4.56 18.83 -39.04
CA GLN B 335 -3.77 17.61 -38.93
C GLN B 335 -4.27 16.41 -39.67
N ASP B 336 -5.56 16.16 -39.56
CA ASP B 336 -6.14 15.05 -40.25
C ASP B 336 -7.59 15.27 -40.37
N THR B 337 -8.12 14.39 -41.20
CA THR B 337 -9.52 14.28 -41.54
C THR B 337 -10.48 14.57 -40.40
N LYS B 338 -10.37 13.77 -39.36
CA LYS B 338 -11.22 13.86 -38.21
C LYS B 338 -11.11 15.08 -37.33
N MET B 339 -10.05 15.88 -37.47
CA MET B 339 -9.89 17.06 -36.63
C MET B 339 -11.03 18.06 -36.75
N MET B 340 -11.57 18.23 -37.95
CA MET B 340 -12.66 19.16 -38.19
C MET B 340 -13.89 18.89 -37.37
N ARG B 341 -14.21 17.63 -37.11
CA ARG B 341 -15.35 17.27 -36.32
C ARG B 341 -15.07 17.12 -34.86
N ASP B 342 -13.89 16.66 -34.48
CA ASP B 342 -13.66 16.46 -33.06
C ASP B 342 -13.24 17.72 -32.33
N PHE B 343 -12.95 18.80 -33.04
CA PHE B 343 -12.43 19.99 -32.41
C PHE B 343 -13.34 21.19 -32.61
N GLY B 344 -13.27 22.13 -31.68
CA GLY B 344 -13.68 23.50 -31.93
C GLY B 344 -12.45 24.37 -32.20
N PHE B 345 -12.70 25.61 -32.62
CA PHE B 345 -11.62 26.44 -33.11
C PHE B 345 -11.79 27.87 -32.64
N VAL B 346 -10.69 28.46 -32.18
CA VAL B 346 -10.65 29.82 -31.64
C VAL B 346 -9.54 30.61 -32.31
N LEU B 347 -9.84 31.84 -32.65
CA LEU B 347 -8.93 32.75 -33.27
C LEU B 347 -8.59 33.81 -32.25
N ALA B 348 -7.33 33.86 -31.83
CA ALA B 348 -6.84 34.85 -30.89
C ALA B 348 -6.23 36.03 -31.62
N VAL B 349 -6.59 37.24 -31.24
CA VAL B 349 -6.30 38.43 -32.02
C VAL B 349 -5.85 39.56 -31.10
N ARG B 350 -4.73 40.18 -31.42
CA ARG B 350 -4.21 41.34 -30.71
C ARG B 350 -3.98 42.46 -31.71
N ALA B 351 -4.39 43.67 -31.37
CA ALA B 351 -4.10 44.77 -32.27
C ALA B 351 -4.11 46.08 -31.50
N ASP B 352 -3.41 47.07 -32.03
CA ASP B 352 -3.24 48.37 -31.36
C ASP B 352 -4.33 49.35 -31.70
N VAL B 353 -5.55 48.85 -31.64
CA VAL B 353 -6.74 49.66 -31.75
C VAL B 353 -7.53 49.41 -30.50
N ALA B 354 -8.52 50.25 -30.27
CA ALA B 354 -9.43 50.01 -29.17
C ALA B 354 -10.19 48.70 -29.37
N ALA B 355 -10.57 48.09 -28.25
CA ALA B 355 -11.39 46.89 -28.31
C ALA B 355 -12.67 47.13 -29.09
N GLU B 356 -13.24 48.32 -28.95
CA GLU B 356 -14.41 48.65 -29.74
C GLU B 356 -14.15 48.51 -31.23
N VAL B 357 -12.99 48.97 -31.69
CA VAL B 357 -12.64 48.83 -33.10
C VAL B 357 -12.49 47.35 -33.45
N LEU B 358 -11.76 46.63 -32.62
CA LEU B 358 -11.52 45.23 -32.91
C LEU B 358 -12.84 44.48 -33.03
N LEU B 359 -13.74 44.69 -32.08
CA LEU B 359 -14.98 43.92 -32.07
C LEU B 359 -15.88 44.30 -33.22
N THR B 360 -15.86 45.54 -33.65
CA THR B 360 -16.76 45.89 -34.72
C THR B 360 -16.16 45.63 -36.09
N HIS B 361 -14.89 45.97 -36.29
CA HIS B 361 -14.34 45.95 -37.63
C HIS B 361 -13.61 44.67 -37.96
N PHE B 362 -12.97 44.03 -37.00
CA PHE B 362 -12.23 42.81 -37.33
C PHE B 362 -13.13 41.70 -37.82
N PRO B 363 -14.22 41.35 -37.15
CA PRO B 363 -15.05 40.27 -37.69
C PRO B 363 -15.59 40.62 -39.03
N ALA B 364 -15.93 41.89 -39.22
CA ALA B 364 -16.46 42.32 -40.49
C ALA B 364 -15.44 42.14 -41.62
N GLN B 365 -14.15 42.27 -41.35
CA GLN B 365 -13.17 42.24 -42.42
C GLN B 365 -12.48 40.89 -42.59
N MET B 366 -12.64 39.98 -41.65
CA MET B 366 -12.08 38.66 -41.76
C MET B 366 -13.11 37.70 -42.35
N LYS B 367 -12.68 36.90 -43.30
CA LYS B 367 -13.48 35.85 -43.90
C LYS B 367 -12.72 34.55 -43.74
N ILE B 368 -13.30 33.61 -43.02
CA ILE B 368 -12.74 32.29 -42.86
C ILE B 368 -13.57 31.31 -43.65
N ALA B 369 -12.90 30.41 -44.36
CA ALA B 369 -13.59 29.46 -45.20
C ALA B 369 -12.64 28.33 -45.53
N PRO B 370 -13.14 27.18 -45.96
CA PRO B 370 -12.26 26.21 -46.61
C PRO B 370 -11.60 26.83 -47.82
N VAL B 371 -10.37 26.39 -48.06
CA VAL B 371 -9.54 26.93 -49.13
C VAL B 371 -10.31 27.00 -50.43
N THR B 372 -11.16 26.01 -50.66
CA THR B 372 -11.89 25.86 -51.91
C THR B 372 -12.93 26.94 -52.14
N ARG B 373 -13.37 27.64 -51.10
CA ARG B 373 -14.37 28.66 -51.23
C ARG B 373 -13.88 30.08 -50.94
N ILE B 374 -12.63 30.27 -50.52
CA ILE B 374 -12.22 31.59 -50.07
C ILE B 374 -12.23 32.59 -51.22
N ARG B 375 -11.77 32.19 -52.39
CA ARG B 375 -11.84 33.05 -53.56
C ARG B 375 -13.27 33.43 -53.89
N ASP B 376 -14.19 32.48 -53.86
CA ASP B 376 -15.58 32.81 -54.10
C ASP B 376 -16.09 33.80 -53.09
N LEU B 377 -15.73 33.60 -51.83
CA LEU B 377 -16.24 34.49 -50.80
C LEU B 377 -15.74 35.91 -51.01
N VAL B 378 -14.51 36.05 -51.47
CA VAL B 378 -14.00 37.39 -51.66
C VAL B 378 -14.52 37.98 -52.95
N GLN B 379 -14.56 37.19 -54.00
CA GLN B 379 -15.00 37.70 -55.28
C GLN B 379 -16.47 38.09 -55.23
N LEU B 380 -17.29 37.32 -54.52
CA LEU B 380 -18.71 37.60 -54.53
C LEU B 380 -19.16 38.42 -53.33
N GLN B 381 -18.26 38.68 -52.39
CA GLN B 381 -18.53 39.51 -51.24
C GLN B 381 -19.59 38.90 -50.34
N LEU B 382 -19.27 37.73 -49.83
CA LEU B 382 -20.14 37.02 -48.91
C LEU B 382 -19.40 36.74 -47.63
N PRO B 383 -20.09 36.58 -46.52
CA PRO B 383 -19.41 36.26 -45.26
C PRO B 383 -18.81 34.86 -45.31
N GLY B 384 -17.90 34.64 -44.37
CA GLY B 384 -17.43 33.31 -44.05
C GLY B 384 -17.94 32.83 -42.71
N ILE B 385 -17.28 31.81 -42.20
CA ILE B 385 -17.64 31.24 -40.91
C ILE B 385 -17.79 32.34 -39.89
N GLY B 386 -18.80 32.24 -39.07
CA GLY B 386 -19.02 33.24 -38.08
C GLY B 386 -18.06 33.24 -36.93
N LEU B 387 -17.93 34.38 -36.30
CA LEU B 387 -17.05 34.53 -35.20
C LEU B 387 -17.81 34.98 -33.99
N ARG B 388 -17.60 34.30 -32.90
CA ARG B 388 -18.28 34.66 -31.68
C ARG B 388 -17.28 35.06 -30.65
N THR B 389 -17.46 36.23 -30.09
CA THR B 389 -16.56 36.74 -29.09
C THR B 389 -16.65 35.99 -27.79
N MET B 390 -15.53 35.53 -27.29
CA MET B 390 -15.51 34.82 -26.04
C MET B 390 -15.21 35.82 -24.98
N PRO B 391 -15.76 35.63 -23.80
CA PRO B 391 -15.51 36.65 -22.78
C PRO B 391 -14.07 36.68 -22.36
N VAL B 392 -13.41 35.54 -22.38
CA VAL B 392 -12.06 35.44 -21.86
C VAL B 392 -11.42 34.24 -22.51
N ALA B 393 -10.11 34.18 -22.47
CA ALA B 393 -9.42 33.05 -23.06
C ALA B 393 -9.98 31.77 -22.47
N PRO B 394 -10.29 30.77 -23.29
CA PRO B 394 -10.59 29.46 -22.76
C PRO B 394 -9.43 28.97 -21.91
N ARG B 395 -9.67 27.86 -21.25
CA ARG B 395 -8.74 27.35 -20.28
C ARG B 395 -7.76 26.40 -20.90
N GLN B 396 -8.09 25.86 -22.06
CA GLN B 396 -7.21 24.92 -22.71
C GLN B 396 -6.09 25.61 -23.46
N ILE B 397 -6.17 26.91 -23.65
CA ILE B 397 -5.10 27.61 -24.34
C ILE B 397 -4.47 28.60 -23.37
N PRO B 398 -3.19 28.90 -23.55
CA PRO B 398 -2.50 29.80 -22.63
C PRO B 398 -3.06 31.20 -22.71
N TYR B 399 -3.18 31.82 -21.54
CA TYR B 399 -3.57 33.22 -21.47
C TYR B 399 -2.50 34.11 -22.10
N HIS B 400 -2.93 35.02 -22.97
CA HIS B 400 -2.06 36.07 -23.49
C HIS B 400 -2.80 37.38 -23.28
N ALA B 401 -2.33 38.18 -22.35
CA ALA B 401 -2.98 39.45 -22.07
C ALA B 401 -3.00 40.29 -23.33
N GLY B 402 -4.09 41.01 -23.53
CA GLY B 402 -4.26 41.83 -24.69
C GLY B 402 -4.99 41.18 -25.84
N TYR B 403 -5.10 39.86 -25.88
CA TYR B 403 -5.72 39.19 -27.01
C TYR B 403 -7.22 39.02 -26.85
N THR B 404 -7.94 39.16 -27.95
CA THR B 404 -9.37 38.90 -27.99
C THR B 404 -9.62 37.56 -28.66
N TYR B 405 -10.45 36.74 -28.04
CA TYR B 405 -10.76 35.41 -28.51
C TYR B 405 -12.08 35.30 -29.22
N PHE B 406 -12.08 34.65 -30.36
CA PHE B 406 -13.27 34.45 -31.16
C PHE B 406 -13.43 33.00 -31.48
N GLU B 407 -14.59 32.46 -31.20
CA GLU B 407 -14.83 31.08 -31.49
C GLU B 407 -15.47 30.94 -32.86
N LEU B 408 -15.00 30.02 -33.68
CA LEU B 408 -15.62 29.77 -34.97
C LEU B 408 -16.94 29.05 -34.79
N GLU B 409 -17.98 29.55 -35.41
CA GLU B 409 -19.30 28.98 -35.27
C GLU B 409 -19.54 27.86 -36.25
N LYS B 410 -19.93 26.71 -35.75
CA LYS B 410 -20.14 25.60 -36.66
C LYS B 410 -21.58 25.57 -37.14
N GLY B 411 -21.85 24.68 -38.07
CA GLY B 411 -23.21 24.62 -38.54
C GLY B 411 -23.39 25.39 -39.82
N GLY B 412 -24.26 24.89 -40.66
CA GLY B 412 -24.57 25.50 -41.92
C GLY B 412 -23.78 24.87 -43.05
N ASP B 413 -24.11 25.35 -44.24
CA ASP B 413 -23.57 24.76 -45.45
C ASP B 413 -22.08 25.06 -45.63
N LEU B 414 -21.64 26.25 -45.25
CA LEU B 414 -20.23 26.58 -45.35
C LEU B 414 -19.42 25.73 -44.38
N TRP B 415 -19.87 25.62 -43.14
CA TRP B 415 -19.15 24.77 -42.22
C TRP B 415 -19.14 23.31 -42.67
N LYS B 416 -20.19 22.84 -43.34
CA LYS B 416 -20.17 21.48 -43.84
C LYS B 416 -19.06 21.27 -44.85
N GLN B 417 -18.82 22.27 -45.71
CA GLN B 417 -17.69 22.16 -46.63
C GLN B 417 -16.38 22.21 -45.87
N MET B 418 -16.35 22.91 -44.75
CA MET B 418 -15.14 22.96 -43.94
C MET B 418 -14.81 21.59 -43.39
N GLU B 419 -15.82 20.86 -42.95
CA GLU B 419 -15.59 19.54 -42.40
C GLU B 419 -15.05 18.58 -43.43
N LYS B 420 -15.22 18.88 -44.71
CA LYS B 420 -14.66 18.04 -45.74
C LYS B 420 -13.29 18.50 -46.16
N SER B 421 -12.79 19.58 -45.58
CA SER B 421 -11.56 20.22 -46.01
C SER B 421 -10.40 19.85 -45.11
N SER B 422 -9.21 20.19 -45.57
CA SER B 422 -7.98 19.99 -44.82
C SER B 422 -7.33 21.29 -44.36
N ALA B 423 -7.77 22.44 -44.83
CA ALA B 423 -7.15 23.68 -44.42
C ALA B 423 -8.17 24.78 -44.26
N PHE B 424 -8.02 25.57 -43.21
CA PHE B 424 -8.72 26.83 -43.12
C PHE B 424 -8.03 27.88 -43.96
N ALA B 425 -8.82 28.80 -44.48
CA ALA B 425 -8.34 29.96 -45.21
C ALA B 425 -8.89 31.18 -44.50
N LEU B 426 -8.01 32.06 -44.05
CA LEU B 426 -8.39 33.29 -43.38
C LEU B 426 -7.93 34.44 -44.26
N HIS B 427 -8.86 35.14 -44.87
CA HIS B 427 -8.52 36.29 -45.69
C HIS B 427 -9.01 37.58 -45.04
N LEU B 428 -8.08 38.42 -44.62
CA LEU B 428 -8.41 39.68 -43.99
C LEU B 428 -8.27 40.85 -44.95
N ALA B 429 -9.26 41.70 -44.98
CA ALA B 429 -9.24 42.92 -45.76
C ALA B 429 -8.74 44.08 -44.90
N GLY B 430 -8.02 45.00 -45.52
CA GLY B 430 -7.49 46.11 -44.78
C GLY B 430 -6.36 45.71 -43.85
N GLU B 431 -6.10 46.59 -42.88
CA GLU B 431 -5.01 46.38 -41.95
C GLU B 431 -5.43 46.80 -40.55
N PHE B 432 -4.71 46.27 -39.58
CA PHE B 432 -4.80 46.68 -38.19
C PHE B 432 -3.38 46.84 -37.66
N PRO B 433 -3.05 47.97 -37.05
CA PRO B 433 -1.69 48.20 -36.56
C PRO B 433 -1.32 47.22 -35.46
N GLY B 434 -0.16 46.59 -35.62
CA GLY B 434 0.33 45.70 -34.59
C GLY B 434 -0.42 44.40 -34.48
N LEU B 435 -1.04 43.97 -35.57
CA LEU B 435 -1.92 42.81 -35.60
C LEU B 435 -1.15 41.53 -35.35
N ASP B 436 -1.70 40.68 -34.50
CA ASP B 436 -1.14 39.35 -34.34
C ASP B 436 -2.26 38.34 -34.09
N MET B 437 -2.13 37.17 -34.69
CA MET B 437 -3.17 36.17 -34.57
C MET B 437 -2.59 34.82 -34.17
N GLU B 438 -3.33 34.10 -33.34
CA GLU B 438 -3.08 32.69 -33.08
C GLU B 438 -4.34 31.89 -33.38
N PHE B 439 -4.15 30.70 -33.94
CA PHE B 439 -5.26 29.84 -34.36
C PHE B 439 -5.20 28.52 -33.61
N TRP B 440 -6.22 28.27 -32.80
CA TRP B 440 -6.21 27.15 -31.87
C TRP B 440 -7.36 26.18 -32.12
N ALA B 441 -7.06 24.89 -31.97
CA ALA B 441 -8.05 23.83 -32.03
C ALA B 441 -8.18 23.22 -30.65
N ILE B 442 -9.40 23.15 -30.15
CA ILE B 442 -9.69 22.55 -28.86
C ILE B 442 -10.66 21.39 -29.04
N ARG B 443 -10.33 20.24 -28.46
CA ARG B 443 -11.23 19.09 -28.51
C ARG B 443 -12.56 19.40 -27.85
N SER B 444 -13.62 18.83 -28.42
CA SER B 444 -14.94 18.95 -27.83
C SER B 444 -15.22 17.79 -26.89
N ASP C 3 -13.23 -31.65 12.52
CA ASP C 3 -13.96 -30.45 12.94
C ASP C 3 -14.43 -30.54 14.38
N ALA C 4 -13.79 -29.78 15.26
CA ALA C 4 -13.97 -29.90 16.71
C ALA C 4 -14.99 -28.90 17.20
N HIS C 5 -15.91 -29.36 18.03
CA HIS C 5 -17.01 -28.52 18.47
C HIS C 5 -16.85 -28.16 19.94
N LYS C 6 -17.62 -27.17 20.34
CA LYS C 6 -17.61 -26.69 21.71
C LYS C 6 -18.17 -27.76 22.64
N VAL C 7 -17.46 -28.04 23.74
CA VAL C 7 -17.94 -28.94 24.79
C VAL C 7 -18.95 -28.21 25.65
N VAL C 8 -20.14 -28.79 25.84
CA VAL C 8 -21.14 -28.19 26.73
C VAL C 8 -20.95 -28.73 28.13
N TRP C 9 -20.92 -27.84 29.12
CA TRP C 9 -20.73 -28.19 30.52
C TRP C 9 -22.04 -27.97 31.28
N THR C 10 -22.48 -29.00 31.99
CA THR C 10 -23.80 -28.97 32.60
C THR C 10 -23.70 -29.21 34.09
N GLU C 11 -24.80 -28.90 34.76
CA GLU C 11 -24.75 -28.66 36.19
C GLU C 11 -24.28 -29.87 36.97
N GLY C 12 -24.67 -31.08 36.56
CA GLY C 12 -24.28 -32.25 37.29
C GLY C 12 -23.21 -33.09 36.66
N MET C 13 -22.55 -32.62 35.62
CA MET C 13 -21.81 -33.47 34.70
C MET C 13 -20.66 -34.19 35.40
N PHE C 14 -20.41 -35.42 34.98
CA PHE C 14 -19.31 -36.22 35.50
C PHE C 14 -18.09 -36.03 34.60
N LEU C 15 -16.99 -35.56 35.17
CA LEU C 15 -15.88 -35.10 34.36
C LEU C 15 -14.99 -36.25 33.93
N ARG C 16 -14.73 -36.32 32.64
CA ARG C 16 -13.91 -37.34 32.03
C ARG C 16 -12.77 -36.66 31.29
N PRO C 17 -11.60 -37.28 31.21
CA PRO C 17 -10.50 -36.67 30.46
C PRO C 17 -10.94 -36.27 29.07
N HIS C 18 -11.83 -37.07 28.49
CA HIS C 18 -12.42 -36.74 27.20
C HIS C 18 -12.85 -35.29 27.17
N HIS C 19 -13.46 -34.79 28.24
CA HIS C 19 -13.99 -33.44 28.23
C HIS C 19 -12.90 -32.41 28.00
N PHE C 20 -11.83 -32.53 28.75
CA PHE C 20 -10.76 -31.60 28.61
C PHE C 20 -10.13 -31.76 27.26
N GLN C 21 -9.86 -32.98 26.87
CA GLN C 21 -9.26 -33.28 25.60
C GLN C 21 -10.03 -32.66 24.47
N GLN C 22 -11.34 -32.84 24.45
CA GLN C 22 -12.15 -32.28 23.41
C GLN C 22 -12.20 -30.79 23.41
N ALA C 23 -12.14 -30.19 24.59
CA ALA C 23 -12.20 -28.75 24.71
C ALA C 23 -10.93 -28.11 24.23
N GLU C 24 -9.81 -28.78 24.43
CA GLU C 24 -8.56 -28.25 23.95
C GLU C 24 -8.56 -28.30 22.44
N ASN C 25 -9.10 -29.35 21.87
CA ASN C 25 -9.17 -29.45 20.44
C ASN C 25 -9.99 -28.34 19.88
N TYR C 26 -11.12 -28.04 20.48
CA TYR C 26 -11.99 -27.01 19.99
C TYR C 26 -11.39 -25.63 20.07
N LEU C 27 -10.59 -25.39 21.08
CA LEU C 27 -9.96 -24.11 21.23
C LEU C 27 -8.86 -24.01 20.22
N GLU C 28 -7.99 -25.00 20.13
CA GLU C 28 -6.91 -24.98 19.18
C GLU C 28 -7.41 -24.79 17.76
N GLY C 29 -8.51 -25.41 17.45
CA GLY C 29 -9.09 -25.21 16.14
C GLY C 29 -9.83 -23.92 15.99
N TYR C 30 -10.24 -23.32 17.07
CA TYR C 30 -10.77 -21.96 16.97
C TYR C 30 -9.66 -20.98 16.64
N MET C 31 -8.51 -21.14 17.27
CA MET C 31 -7.33 -20.36 16.93
C MET C 31 -6.92 -20.60 15.48
N ARG C 32 -6.61 -21.86 15.17
CA ARG C 32 -6.27 -22.24 13.80
C ARG C 32 -7.23 -21.65 12.78
N ASN C 33 -8.51 -21.58 13.11
CA ASN C 33 -9.47 -21.08 12.13
C ASN C 33 -9.35 -19.58 11.96
N TRP C 34 -9.09 -18.85 13.04
CA TRP C 34 -8.87 -17.41 12.93
C TRP C 34 -7.59 -17.12 12.14
N GLY C 35 -6.50 -17.77 12.53
CA GLY C 35 -5.24 -17.55 11.83
C GLY C 35 -5.33 -17.86 10.35
N GLN C 36 -5.90 -19.01 10.01
CA GLN C 36 -5.90 -19.43 8.63
C GLN C 36 -6.86 -18.63 7.78
N ALA C 37 -7.84 -17.99 8.40
CA ALA C 37 -8.71 -17.12 7.63
C ALA C 37 -8.00 -15.89 7.13
N HIS C 38 -6.86 -15.53 7.70
CA HIS C 38 -6.26 -14.26 7.35
C HIS C 38 -4.79 -14.35 6.95
N SER C 39 -4.24 -15.55 6.74
CA SER C 39 -2.85 -15.68 6.35
C SER C 39 -2.71 -16.75 5.30
N GLY C 40 -2.18 -16.35 4.15
CA GLY C 40 -2.17 -17.20 2.99
C GLY C 40 -1.16 -18.32 3.06
N CYS C 41 0.08 -18.01 3.42
CA CYS C 41 1.14 -18.99 3.45
C CYS C 41 1.60 -19.07 4.89
N PHE C 42 0.72 -19.58 5.73
CA PHE C 42 0.84 -19.51 7.17
C PHE C 42 1.83 -20.49 7.76
N TRP C 43 2.35 -21.40 6.97
CA TRP C 43 3.25 -22.40 7.52
C TRP C 43 4.69 -22.08 7.10
N GLY C 44 5.62 -22.64 7.85
CA GLY C 44 7.02 -22.51 7.53
C GLY C 44 7.79 -22.18 8.77
N PHE C 45 9.05 -21.83 8.59
CA PHE C 45 9.94 -21.54 9.70
C PHE C 45 10.02 -20.05 9.99
N LEU C 46 9.97 -19.70 11.28
CA LEU C 46 10.45 -18.44 11.81
C LEU C 46 11.91 -18.49 12.13
N THR C 47 12.40 -19.61 12.62
CA THR C 47 13.79 -19.74 12.98
C THR C 47 14.22 -21.17 12.69
N LEU C 48 15.51 -21.33 12.40
CA LEU C 48 16.04 -22.65 12.08
C LEU C 48 17.55 -22.58 12.27
N ASP C 49 18.06 -23.34 13.22
CA ASP C 49 19.48 -23.46 13.49
C ASP C 49 19.84 -24.94 13.43
N LEU C 50 20.19 -25.40 12.24
CA LEU C 50 20.77 -26.73 12.12
C LEU C 50 22.16 -26.74 12.76
N ASP C 51 22.57 -27.93 13.25
CA ASP C 51 23.86 -28.07 13.93
C ASP C 51 24.89 -28.68 13.00
N GLN C 52 25.87 -27.87 12.61
CA GLN C 52 27.00 -28.38 11.85
C GLN C 52 27.72 -29.48 12.59
N THR C 53 27.96 -29.28 13.90
CA THR C 53 28.78 -30.22 14.67
C THR C 53 28.32 -31.66 14.47
N LEU C 54 27.05 -31.86 14.17
CA LEU C 54 26.52 -33.20 13.92
C LEU C 54 26.54 -33.58 12.45
N LEU C 55 27.08 -32.74 11.58
CA LEU C 55 27.09 -33.06 10.17
C LEU C 55 28.40 -33.69 9.70
N ARG C 56 29.42 -33.71 10.56
CA ARG C 56 30.54 -34.60 10.32
C ARG C 56 30.21 -36.04 10.64
N GLN C 57 29.03 -36.29 11.20
CA GLN C 57 28.62 -37.60 11.67
C GLN C 57 27.53 -38.22 10.82
N GLY C 58 27.27 -37.67 9.65
CA GLY C 58 26.18 -38.15 8.84
C GLY C 58 24.86 -38.03 9.57
N LYS C 59 24.63 -36.90 10.23
CA LYS C 59 23.46 -36.75 11.11
C LYS C 59 22.92 -35.32 11.02
N ILE C 60 21.76 -35.18 10.38
CA ILE C 60 21.07 -33.91 10.33
C ILE C 60 20.37 -33.69 11.65
N ALA C 61 20.83 -32.71 12.42
CA ALA C 61 20.22 -32.39 13.70
C ALA C 61 20.01 -30.89 13.80
N LEU C 62 18.90 -30.49 14.42
CA LEU C 62 18.57 -29.09 14.62
C LEU C 62 18.80 -28.71 16.06
N ASN C 63 19.58 -27.66 16.29
CA ASN C 63 19.67 -27.14 17.63
C ASN C 63 18.39 -26.46 18.06
N ALA C 64 17.67 -25.88 17.12
CA ALA C 64 16.52 -25.07 17.47
C ALA C 64 15.72 -24.77 16.22
N ALA C 65 14.44 -24.50 16.42
CA ALA C 65 13.56 -24.14 15.33
C ALA C 65 12.29 -23.56 15.93
N SER C 66 11.57 -22.82 15.10
CA SER C 66 10.25 -22.37 15.48
C SER C 66 9.48 -22.13 14.21
N GLY C 67 8.19 -22.41 14.24
CA GLY C 67 7.39 -22.20 13.06
C GLY C 67 5.99 -22.74 13.23
N ILE C 68 5.35 -22.97 12.09
CA ILE C 68 4.01 -23.52 12.03
C ILE C 68 3.96 -24.59 10.95
N MET C 69 3.43 -25.75 11.30
CA MET C 69 3.37 -26.88 10.39
C MET C 69 2.28 -26.67 9.36
N PRO C 70 2.33 -27.37 8.25
CA PRO C 70 1.33 -27.15 7.21
C PRO C 70 -0.08 -27.41 7.64
N ASP C 71 -0.30 -28.13 8.73
CA ASP C 71 -1.65 -28.35 9.21
C ASP C 71 -2.12 -27.27 10.16
N GLY C 72 -1.24 -26.32 10.50
CA GLY C 72 -1.56 -25.24 11.38
C GLY C 72 -0.94 -25.36 12.74
N THR C 73 -0.09 -26.33 12.96
CA THR C 73 0.37 -26.61 14.30
C THR C 73 1.59 -25.77 14.65
N PRO C 74 1.51 -24.93 15.65
CA PRO C 74 2.67 -24.16 16.06
C PRO C 74 3.65 -25.01 16.84
N PHE C 75 4.91 -24.65 16.76
CA PHE C 75 5.97 -25.39 17.44
C PHE C 75 7.16 -24.49 17.64
N ARG C 76 8.07 -24.94 18.49
CA ARG C 76 9.18 -24.13 18.98
C ARG C 76 10.04 -24.98 19.89
N PHE C 77 11.32 -25.05 19.61
CA PHE C 77 12.21 -25.82 20.44
C PHE C 77 13.65 -25.44 20.29
N SER C 78 14.43 -25.72 21.31
CA SER C 78 15.82 -25.40 21.26
C SER C 78 16.60 -26.29 22.21
N GLY C 79 17.66 -26.90 21.71
CA GLY C 79 18.49 -27.75 22.55
C GLY C 79 18.29 -29.24 22.38
N ALA C 80 19.34 -29.99 22.67
CA ALA C 80 19.34 -31.44 22.54
C ALA C 80 18.13 -32.17 23.11
N GLN C 81 17.69 -31.79 24.30
CA GLN C 81 16.55 -32.44 24.92
C GLN C 81 15.25 -32.31 24.12
N GLN C 82 14.85 -31.10 23.82
CA GLN C 82 13.61 -30.90 23.09
C GLN C 82 13.71 -31.21 21.62
N ALA C 83 14.92 -31.22 21.09
CA ALA C 83 15.10 -31.48 19.69
C ALA C 83 14.78 -32.85 19.23
N PRO C 84 14.07 -32.92 18.13
CA PRO C 84 13.76 -34.21 17.51
C PRO C 84 14.99 -35.07 17.29
N ALA C 85 14.80 -36.34 17.14
CA ALA C 85 15.93 -37.21 16.90
C ALA C 85 16.71 -36.81 15.66
N PRO C 86 18.03 -36.67 15.74
CA PRO C 86 18.81 -36.51 14.52
C PRO C 86 18.57 -37.68 13.60
N LEU C 87 18.59 -37.40 12.30
CA LEU C 87 18.43 -38.43 11.29
C LEU C 87 19.81 -38.77 10.74
N ALA C 88 20.25 -40.00 10.97
CA ALA C 88 21.47 -40.48 10.35
C ALA C 88 21.15 -40.98 8.95
N ILE C 89 22.02 -40.68 8.00
CA ILE C 89 21.69 -40.85 6.60
C ILE C 89 22.59 -41.93 5.99
N ALA C 90 22.06 -42.56 4.95
CA ALA C 90 22.69 -43.69 4.28
C ALA C 90 23.63 -43.22 3.18
N ASP C 91 24.66 -44.04 2.93
CA ASP C 91 25.55 -43.84 1.80
C ASP C 91 24.81 -44.07 0.50
N ASN C 92 23.81 -44.94 0.53
CA ASN C 92 22.75 -44.96 -0.47
C ASN C 92 22.37 -43.56 -0.94
N LYS C 93 21.94 -42.69 -0.03
CA LYS C 93 21.09 -41.57 -0.41
C LYS C 93 21.89 -40.42 -1.02
N THR C 94 21.46 -39.96 -2.20
CA THR C 94 21.95 -38.74 -2.84
C THR C 94 20.81 -38.14 -3.63
N GLY C 95 20.63 -36.82 -3.51
CA GLY C 95 19.51 -36.17 -4.17
C GLY C 95 18.18 -36.49 -3.51
N GLU C 96 17.98 -35.98 -2.30
CA GLU C 96 16.70 -36.12 -1.62
C GLU C 96 16.58 -35.03 -0.56
N ASN C 97 15.36 -34.52 -0.39
CA ASN C 97 15.11 -33.50 0.61
C ASN C 97 14.85 -34.14 1.97
N VAL C 98 15.43 -33.54 3.00
CA VAL C 98 15.12 -33.87 4.39
C VAL C 98 14.07 -32.90 4.89
N VAL C 99 13.18 -33.37 5.76
CA VAL C 99 12.08 -32.56 6.24
C VAL C 99 11.89 -32.77 7.74
N LEU C 100 11.11 -31.88 8.32
CA LEU C 100 10.65 -31.95 9.69
C LEU C 100 9.16 -32.16 9.62
N ALA C 101 8.66 -33.21 10.28
CA ALA C 101 7.29 -33.63 10.06
C ALA C 101 6.57 -33.93 11.36
N LEU C 102 5.26 -33.92 11.26
CA LEU C 102 4.38 -34.17 12.36
C LEU C 102 3.22 -35.00 11.83
N PRO C 103 2.76 -35.98 12.59
CA PRO C 103 1.61 -36.76 12.14
C PRO C 103 0.39 -35.89 12.09
N THR C 104 -0.44 -36.12 11.08
CA THR C 104 -1.74 -35.50 11.09
C THR C 104 -2.51 -35.99 12.30
N TYR C 105 -3.63 -35.34 12.57
CA TYR C 105 -4.52 -35.77 13.62
C TYR C 105 -5.77 -36.32 12.96
N ARG C 106 -6.07 -37.60 13.22
CA ARG C 106 -7.37 -38.15 12.89
C ARG C 106 -7.99 -38.70 14.16
N ALA C 107 -9.32 -38.66 14.21
CA ALA C 107 -10.02 -39.15 15.38
C ALA C 107 -9.84 -40.65 15.58
N GLY C 108 -9.62 -41.40 14.51
CA GLY C 108 -9.49 -42.84 14.61
C GLY C 108 -8.11 -43.35 14.97
N ARG C 109 -7.42 -42.67 15.89
CA ARG C 109 -6.19 -43.18 16.48
C ARG C 109 -5.71 -42.29 17.62
N GLU C 110 -4.97 -42.87 18.55
CA GLU C 110 -4.42 -42.12 19.67
C GLU C 110 -3.35 -41.13 19.21
N ASP C 111 -3.34 -39.93 19.80
CA ASP C 111 -2.23 -39.02 19.59
C ASP C 111 -1.57 -38.59 20.88
N VAL C 112 -1.88 -39.25 21.98
CA VAL C 112 -1.02 -39.27 23.16
C VAL C 112 -0.56 -40.70 23.35
N ILE C 113 0.74 -40.87 23.54
CA ILE C 113 1.32 -42.14 23.91
C ILE C 113 2.26 -41.85 25.07
N PHE C 114 2.69 -42.91 25.72
CA PHE C 114 3.47 -42.79 26.93
C PHE C 114 4.81 -43.48 26.84
N GLN C 115 5.04 -44.27 25.79
CA GLN C 115 6.33 -44.85 25.46
C GLN C 115 6.55 -44.63 23.96
N GLU C 116 7.77 -44.23 23.59
CA GLU C 116 8.01 -43.90 22.20
C GLU C 116 8.03 -45.15 21.33
N SER C 117 7.51 -45.01 20.11
CA SER C 117 7.46 -46.10 19.14
C SER C 117 7.34 -45.51 17.74
N PRO C 118 8.41 -45.58 16.94
CA PRO C 118 8.41 -44.96 15.61
C PRO C 118 7.19 -45.20 14.71
N GLU C 119 6.53 -46.35 14.84
CA GLU C 119 5.37 -46.63 13.99
C GLU C 119 4.12 -45.88 14.45
N ALA C 120 4.08 -45.42 15.69
CA ALA C 120 2.89 -44.73 16.18
C ALA C 120 2.70 -43.39 15.48
N LEU C 121 1.46 -43.11 15.10
CA LEU C 121 1.06 -41.82 14.56
C LEU C 121 0.52 -40.89 15.62
N ALA C 122 1.07 -40.95 16.82
CA ALA C 122 0.61 -40.12 17.92
C ALA C 122 1.33 -38.77 17.87
N ARG C 123 0.59 -37.71 18.18
CA ARG C 123 1.14 -36.37 18.05
C ARG C 123 1.98 -35.97 19.25
N TYR C 124 1.65 -36.42 20.44
CA TYR C 124 2.38 -36.02 21.62
C TYR C 124 2.92 -37.23 22.34
N LEU C 125 4.10 -37.08 22.91
CA LEU C 125 4.66 -38.06 23.82
C LEU C 125 4.51 -37.51 25.23
N ALA C 126 3.82 -38.23 26.09
CA ALA C 126 3.57 -37.74 27.43
C ALA C 126 4.83 -37.83 28.30
N TYR C 127 4.93 -36.94 29.27
CA TYR C 127 6.10 -36.91 30.13
C TYR C 127 5.78 -36.21 31.44
N GLU C 128 6.66 -36.38 32.40
CA GLU C 128 6.43 -35.98 33.78
C GLU C 128 7.21 -34.72 34.10
N ASN C 129 6.56 -33.82 34.83
CA ASN C 129 7.23 -32.60 35.29
C ASN C 129 6.42 -32.02 36.43
N GLU C 130 7.11 -31.46 37.41
CA GLU C 130 6.48 -30.90 38.59
C GLU C 130 6.49 -29.38 38.50
N VAL C 131 5.37 -28.75 38.82
CA VAL C 131 5.20 -27.32 38.64
C VAL C 131 4.58 -26.71 39.89
N ASP C 132 4.99 -25.48 40.18
CA ASP C 132 4.46 -24.73 41.29
C ASP C 132 3.07 -24.18 40.98
N ASP C 133 2.32 -23.89 42.04
CA ASP C 133 1.04 -23.23 41.90
C ASP C 133 1.28 -21.79 41.45
N LEU C 134 0.36 -21.27 40.64
CA LEU C 134 0.49 -19.89 40.22
C LEU C 134 -0.08 -18.92 41.23
N ASN C 135 -1.01 -19.35 42.07
CA ASN C 135 -1.60 -18.44 43.04
C ASN C 135 -0.61 -18.16 44.17
N ALA C 136 -0.88 -17.07 44.87
CA ALA C 136 -0.12 -16.75 46.07
C ALA C 136 -0.67 -17.49 47.29
N VAL C 137 -1.96 -17.81 47.30
CA VAL C 137 -2.54 -18.71 48.29
C VAL C 137 -2.39 -20.12 47.70
N SER C 138 -1.32 -20.80 48.08
CA SER C 138 -0.99 -22.08 47.48
C SER C 138 -0.63 -23.09 48.56
N VAL C 139 -0.74 -24.36 48.20
CA VAL C 139 -0.29 -25.43 49.05
C VAL C 139 1.08 -25.95 48.65
N GLY C 140 1.34 -26.02 47.35
CA GLY C 140 2.68 -26.39 46.91
C GLY C 140 2.66 -26.90 45.48
N SER C 141 3.80 -27.46 45.10
CA SER C 141 4.01 -27.92 43.74
C SER C 141 3.18 -29.17 43.49
N ALA C 142 3.26 -29.65 42.26
CA ALA C 142 2.40 -30.73 41.81
C ALA C 142 3.02 -31.32 40.56
N ALA C 143 3.09 -32.65 40.50
CA ALA C 143 3.63 -33.34 39.34
C ALA C 143 2.52 -33.52 38.31
N LEU C 144 2.78 -33.08 37.09
CA LEU C 144 1.82 -33.20 36.01
C LEU C 144 2.39 -34.01 34.89
N GLN C 145 1.53 -34.41 33.98
CA GLN C 145 1.93 -35.01 32.73
C GLN C 145 1.65 -34.04 31.60
N PHE C 146 2.70 -33.69 30.87
CA PHE C 146 2.62 -32.81 29.73
C PHE C 146 2.84 -33.59 28.46
N GLY C 147 2.57 -32.94 27.34
CA GLY C 147 2.71 -33.53 26.03
C GLY C 147 3.85 -32.89 25.25
N ARG C 148 4.73 -33.73 24.73
CA ARG C 148 5.84 -33.27 23.90
C ARG C 148 5.50 -33.56 22.44
N LEU C 149 5.65 -32.54 21.61
CA LEU C 149 5.34 -32.69 20.19
C LEU C 149 6.32 -33.65 19.55
N ARG C 150 5.81 -34.68 18.91
CA ARG C 150 6.62 -35.73 18.32
C ARG C 150 6.99 -35.30 16.90
N LEU C 151 8.04 -34.51 16.80
CA LEU C 151 8.49 -33.96 15.53
C LEU C 151 9.55 -34.86 14.92
N ARG C 152 9.33 -35.25 13.69
CA ARG C 152 10.16 -36.23 13.01
C ARG C 152 11.09 -35.54 12.03
N LEU C 153 12.35 -35.94 12.02
CA LEU C 153 13.25 -35.67 10.92
C LEU C 153 13.27 -36.91 10.03
N MET C 154 12.76 -36.78 8.81
CA MET C 154 12.66 -37.93 7.91
C MET C 154 12.91 -37.53 6.47
N LEU C 155 13.16 -38.53 5.63
CA LEU C 155 13.33 -38.30 4.21
C LEU C 155 12.01 -37.92 3.57
N GLU C 156 12.09 -37.14 2.50
CA GLU C 156 10.86 -36.77 1.80
C GLU C 156 10.19 -38.00 1.22
N SER C 157 10.95 -38.97 0.75
CA SER C 157 10.34 -40.18 0.21
C SER C 157 9.53 -40.91 1.28
N GLU C 158 9.95 -40.81 2.54
CA GLU C 158 9.22 -41.48 3.60
C GLU C 158 7.84 -40.88 3.83
N LEU C 159 7.63 -39.62 3.43
CA LEU C 159 6.38 -38.93 3.67
C LEU C 159 5.21 -39.72 3.12
N ASN C 160 4.04 -39.52 3.71
CA ASN C 160 2.81 -40.08 3.17
C ASN C 160 1.64 -39.28 3.73
N ALA C 161 0.45 -39.60 3.24
CA ALA C 161 -0.74 -38.80 3.54
C ALA C 161 -1.01 -38.64 5.03
N GLU C 162 -0.33 -39.37 5.90
CA GLU C 162 -0.56 -39.26 7.32
C GLU C 162 0.47 -38.35 8.00
N TRP C 163 1.02 -37.39 7.26
CA TRP C 163 1.93 -36.43 7.86
C TRP C 163 1.76 -35.08 7.18
N THR C 164 2.28 -34.06 7.83
CA THR C 164 2.65 -32.81 7.17
C THR C 164 4.08 -32.49 7.55
N ALA C 165 4.76 -31.79 6.66
CA ALA C 165 6.18 -31.61 6.90
C ALA C 165 6.63 -30.29 6.31
N LEU C 166 7.77 -29.83 6.80
CA LEU C 166 8.42 -28.64 6.31
C LEU C 166 9.79 -29.01 5.77
N GLY C 167 10.07 -28.60 4.54
CA GLY C 167 11.38 -28.82 3.96
C GLY C 167 12.46 -28.22 4.82
N VAL C 168 13.48 -28.99 5.18
CA VAL C 168 14.56 -28.53 6.03
C VAL C 168 15.85 -28.35 5.24
N THR C 169 16.13 -29.27 4.31
CA THR C 169 17.32 -29.18 3.48
C THR C 169 17.29 -30.32 2.46
N ARG C 170 18.41 -30.64 1.82
CA ARG C 170 18.40 -31.71 0.84
C ARG C 170 19.81 -32.17 0.46
N VAL C 171 20.19 -33.39 0.85
CA VAL C 171 21.59 -33.81 0.73
C VAL C 171 21.89 -34.27 -0.69
N LEU C 172 22.96 -33.73 -1.23
CA LEU C 172 23.38 -34.08 -2.58
C LEU C 172 24.50 -35.08 -2.56
N GLU C 173 25.22 -35.19 -1.45
CA GLU C 173 26.34 -36.11 -1.39
C GLU C 173 26.72 -36.62 0.00
N LYS C 174 26.71 -37.93 0.17
CA LYS C 174 27.15 -38.55 1.42
C LYS C 174 28.54 -38.95 1.01
N ARG C 175 29.54 -38.21 1.45
CA ARG C 175 30.89 -38.50 1.00
C ARG C 175 31.57 -39.70 1.64
N GLY C 176 32.78 -39.99 1.18
CA GLY C 176 33.54 -41.11 1.72
C GLY C 176 34.14 -40.79 3.06
N ASP C 177 33.96 -39.54 3.50
CA ASP C 177 34.50 -39.06 4.75
C ASP C 177 33.44 -39.02 5.81
N ASN C 178 32.41 -39.84 5.64
CA ASN C 178 31.29 -39.94 6.56
C ASN C 178 30.66 -38.58 6.84
N SER C 179 30.44 -37.81 5.78
CA SER C 179 29.84 -36.50 5.94
C SER C 179 29.18 -36.07 4.66
N LEU C 180 28.31 -35.08 4.77
CA LEU C 180 27.61 -34.63 3.60
C LEU C 180 27.77 -33.18 3.24
N ARG C 181 27.51 -32.96 1.96
CA ARG C 181 27.51 -31.67 1.31
C ARG C 181 26.04 -31.39 1.19
N LEU C 182 25.60 -30.22 1.66
CA LEU C 182 24.19 -29.86 1.58
C LEU C 182 24.00 -28.84 0.49
N ASP C 183 22.83 -28.81 -0.11
CA ASP C 183 22.56 -27.83 -1.13
C ASP C 183 22.17 -26.54 -0.46
N THR C 184 23.15 -25.80 0.02
CA THR C 184 22.90 -24.56 0.73
C THR C 184 22.04 -23.60 -0.05
N ALA C 185 21.79 -23.87 -1.32
CA ALA C 185 20.89 -23.03 -2.09
C ALA C 185 19.42 -23.36 -1.89
N GLN C 186 19.10 -24.41 -1.13
CA GLN C 186 17.70 -24.72 -0.88
C GLN C 186 17.18 -23.86 0.25
N ILE C 187 15.93 -23.42 0.12
CA ILE C 187 15.32 -22.48 1.06
C ILE C 187 14.11 -23.15 1.70
N PRO C 188 14.10 -23.33 3.01
CA PRO C 188 12.93 -23.84 3.69
C PRO C 188 11.75 -22.91 3.47
N PRO C 189 10.53 -23.36 3.67
CA PRO C 189 9.41 -22.41 3.69
C PRO C 189 9.61 -21.48 4.86
N MET C 190 9.53 -20.20 4.61
CA MET C 190 9.88 -19.25 5.64
C MET C 190 8.73 -18.30 5.91
N LEU C 191 8.52 -18.03 7.17
CA LEU C 191 7.53 -17.03 7.54
C LEU C 191 8.17 -15.67 7.76
N ASN C 192 9.49 -15.61 7.89
CA ASN C 192 10.21 -14.36 8.05
C ASN C 192 11.52 -14.41 7.29
N CYS C 193 11.70 -13.46 6.37
CA CYS C 193 12.90 -13.46 5.54
C CYS C 193 14.18 -13.35 6.39
N GLN C 194 14.12 -12.62 7.50
CA GLN C 194 15.29 -12.50 8.36
C GLN C 194 15.69 -13.82 8.97
N GLY C 195 14.86 -14.85 8.85
CA GLY C 195 15.16 -16.12 9.45
C GLY C 195 16.08 -17.01 8.63
N ASN C 196 16.23 -16.72 7.35
CA ASN C 196 17.01 -17.56 6.47
C ASN C 196 18.10 -16.75 5.79
N PRO C 197 19.34 -17.23 5.77
CA PRO C 197 20.43 -16.41 5.27
C PRO C 197 20.39 -16.21 3.77
N VAL C 198 19.85 -17.16 3.01
CA VAL C 198 19.81 -16.95 1.58
C VAL C 198 18.92 -15.79 1.23
N LEU C 199 17.74 -15.72 1.85
CA LEU C 199 16.84 -14.60 1.61
C LEU C 199 17.47 -13.29 2.02
N LYS C 200 18.22 -13.28 3.11
CA LYS C 200 18.81 -12.04 3.56
C LYS C 200 19.83 -11.53 2.55
N THR C 201 20.70 -12.41 2.06
CA THR C 201 21.65 -11.98 1.06
C THR C 201 20.93 -11.58 -0.21
N PHE C 202 19.80 -12.18 -0.53
CA PHE C 202 18.99 -11.64 -1.62
C PHE C 202 18.76 -10.16 -1.42
N ILE C 203 18.22 -9.80 -0.26
CA ILE C 203 17.83 -8.43 0.00
C ILE C 203 19.04 -7.52 0.01
N ASN C 204 20.11 -7.95 0.65
CA ASN C 204 21.29 -7.13 0.75
C ASN C 204 21.91 -6.91 -0.62
N ASP C 205 21.88 -7.91 -1.48
CA ASP C 205 22.49 -7.80 -2.79
C ASP C 205 21.69 -6.92 -3.73
N LEU C 206 20.36 -6.96 -3.62
CA LEU C 206 19.58 -6.06 -4.44
C LEU C 206 19.74 -4.63 -3.96
N GLN C 207 19.88 -4.43 -2.67
CA GLN C 207 20.15 -3.10 -2.16
C GLN C 207 21.44 -2.55 -2.75
N GLY C 208 22.53 -3.28 -2.56
CA GLY C 208 23.81 -2.78 -3.05
C GLY C 208 23.78 -2.52 -4.54
N LEU C 209 23.12 -3.37 -5.29
CA LEU C 209 23.09 -3.19 -6.72
C LEU C 209 22.25 -1.98 -7.10
N LEU C 210 21.19 -1.73 -6.34
CA LEU C 210 20.40 -0.54 -6.61
C LEU C 210 21.15 0.70 -6.20
N GLN C 211 21.92 0.63 -5.13
CA GLN C 211 22.73 1.78 -4.75
C GLN C 211 23.75 2.07 -5.84
N GLN C 212 24.36 1.02 -6.37
CA GLN C 212 25.34 1.17 -7.44
C GLN C 212 24.72 1.84 -8.66
N ARG C 213 23.65 1.27 -9.21
CA ARG C 213 23.07 1.86 -10.40
C ARG C 213 22.52 3.25 -10.13
N SER C 214 22.09 3.49 -8.90
CA SER C 214 21.55 4.79 -8.55
C SER C 214 22.61 5.87 -8.62
N GLN C 215 23.75 5.63 -7.99
CA GLN C 215 24.85 6.58 -8.08
C GLN C 215 25.34 6.67 -9.52
N GLN C 216 25.39 5.53 -10.19
CA GLN C 216 25.82 5.50 -11.57
C GLN C 216 25.00 6.42 -12.44
N MET C 217 23.69 6.31 -12.36
CA MET C 217 22.82 7.08 -13.23
C MET C 217 22.64 8.53 -12.88
N SER C 218 22.59 8.81 -11.61
CA SER C 218 22.47 10.19 -11.17
C SER C 218 23.71 10.99 -11.55
N GLN C 219 24.90 10.39 -11.39
CA GLN C 219 26.12 11.09 -11.77
C GLN C 219 26.08 11.52 -13.22
N ARG C 220 25.62 10.66 -14.11
CA ARG C 220 25.57 11.04 -15.49
C ARG C 220 24.55 12.15 -15.70
N LEU C 221 23.34 11.99 -15.17
CA LEU C 221 22.31 13.00 -15.35
C LEU C 221 22.69 14.34 -14.74
N LEU C 222 23.50 14.37 -13.69
CA LEU C 222 23.88 15.66 -13.10
C LEU C 222 24.80 16.47 -14.02
N GLN C 223 25.56 15.85 -14.75
CA GLN C 223 26.53 16.61 -15.53
C GLN C 223 26.00 16.99 -16.89
N PRO C 224 26.39 18.14 -17.42
CA PRO C 224 26.05 18.48 -18.80
C PRO C 224 26.72 17.54 -19.79
N GLY C 225 26.05 17.34 -20.92
CA GLY C 225 26.44 16.37 -21.91
C GLY C 225 25.68 16.67 -23.18
N ARG C 226 25.90 15.86 -24.20
CA ARG C 226 25.20 16.11 -25.45
C ARG C 226 23.71 15.80 -25.36
N GLY C 227 23.35 14.75 -24.65
CA GLY C 227 21.95 14.35 -24.61
C GLY C 227 21.59 13.36 -25.69
N GLY C 228 20.30 13.32 -26.01
CA GLY C 228 19.78 12.40 -26.99
C GLY C 228 18.56 11.66 -26.49
N SER C 229 18.08 10.74 -27.32
CA SER C 229 16.84 10.03 -27.01
C SER C 229 16.97 9.18 -25.75
N SER C 230 18.15 8.65 -25.49
CA SER C 230 18.36 7.87 -24.29
C SER C 230 18.19 8.70 -23.04
N GLU C 231 18.44 10.00 -23.10
CA GLU C 231 18.48 10.82 -21.89
C GLU C 231 17.19 10.68 -21.10
N MET C 232 16.05 10.93 -21.72
CA MET C 232 14.77 10.80 -21.03
C MET C 232 14.49 9.39 -20.59
N VAL C 233 14.93 8.41 -21.34
CA VAL C 233 14.75 7.04 -20.91
C VAL C 233 15.57 6.78 -19.67
N ASP C 234 16.80 7.32 -19.62
CA ASP C 234 17.63 7.14 -18.44
C ASP C 234 16.98 7.72 -17.20
N PHE C 235 16.33 8.86 -17.33
CA PHE C 235 15.71 9.47 -16.18
C PHE C 235 14.53 8.61 -15.71
N MET C 236 13.81 8.01 -16.66
CA MET C 236 12.72 7.09 -16.35
C MET C 236 13.22 5.90 -15.56
N LEU C 237 14.33 5.33 -15.98
CA LEU C 237 14.85 4.20 -15.24
C LEU C 237 15.35 4.59 -13.87
N LEU C 238 15.88 5.81 -13.72
CA LEU C 238 16.37 6.22 -12.42
C LEU C 238 15.23 6.40 -11.43
N GLN C 239 14.11 6.95 -11.89
CA GLN C 239 12.91 7.00 -11.07
C GLN C 239 12.52 5.64 -10.54
N LEU C 240 12.46 4.66 -11.43
CA LEU C 240 12.11 3.30 -11.05
C LEU C 240 13.09 2.74 -10.02
N ILE C 241 14.39 2.96 -10.23
CA ILE C 241 15.36 2.51 -9.26
C ILE C 241 15.22 3.28 -7.96
N ASN C 242 14.92 4.58 -8.05
CA ASN C 242 14.79 5.37 -6.85
C ASN C 242 13.62 4.89 -5.99
N ARG C 243 12.49 4.53 -6.61
CA ARG C 243 11.39 3.93 -5.87
C ARG C 243 11.85 2.71 -5.10
N HIS C 244 12.63 1.86 -5.73
CA HIS C 244 12.96 0.62 -5.05
C HIS C 244 14.09 0.76 -4.06
N LEU C 245 14.86 1.85 -4.11
CA LEU C 245 15.78 2.12 -3.01
C LEU C 245 15.05 2.22 -1.68
N GLY C 246 13.89 2.88 -1.67
CA GLY C 246 13.10 2.94 -0.46
C GLY C 246 12.50 1.60 -0.09
N GLN C 247 11.87 0.94 -1.05
CA GLN C 247 11.25 -0.35 -0.82
C GLN C 247 12.24 -1.33 -0.21
N VAL C 248 13.41 -1.44 -0.83
CA VAL C 248 14.35 -2.44 -0.37
C VAL C 248 15.00 -2.01 0.93
N SER C 249 15.10 -0.71 1.19
CA SER C 249 15.62 -0.28 2.48
C SER C 249 14.68 -0.67 3.60
N HIS C 250 13.39 -0.47 3.38
CA HIS C 250 12.40 -0.93 4.33
C HIS C 250 12.50 -2.44 4.54
N ALA C 251 12.53 -3.20 3.45
CA ALA C 251 12.67 -4.64 3.59
C ALA C 251 13.96 -5.00 4.32
N TYR C 252 15.02 -4.23 4.11
CA TYR C 252 16.29 -4.54 4.75
C TYR C 252 16.24 -4.33 6.25
N HIS C 253 15.42 -3.39 6.73
CA HIS C 253 15.42 -3.04 8.12
C HIS C 253 14.33 -3.69 8.94
N LEU C 254 13.29 -4.21 8.31
CA LEU C 254 12.21 -4.85 9.04
C LEU C 254 12.69 -6.07 9.80
N ASP C 255 12.24 -6.19 11.03
CA ASP C 255 12.58 -7.38 11.78
C ASP C 255 11.79 -8.59 11.31
N HIS C 256 10.63 -8.36 10.70
CA HIS C 256 9.73 -9.44 10.30
C HIS C 256 9.19 -9.13 8.92
N LEU C 257 9.40 -10.03 7.98
CA LEU C 257 8.91 -9.79 6.64
C LEU C 257 8.63 -11.13 5.97
N HIS C 258 7.42 -11.33 5.55
CA HIS C 258 7.03 -12.58 4.95
C HIS C 258 7.48 -12.62 3.50
N PRO C 259 8.12 -13.71 3.06
CA PRO C 259 8.67 -13.76 1.71
C PRO C 259 7.68 -13.51 0.61
N GLU C 260 6.39 -13.71 0.84
CA GLU C 260 5.44 -13.48 -0.23
C GLU C 260 5.29 -12.00 -0.50
N ARG C 261 5.24 -11.20 0.54
CA ARG C 261 5.23 -9.77 0.37
C ARG C 261 6.47 -9.27 -0.36
N LEU C 262 7.65 -9.79 -0.01
CA LEU C 262 8.85 -9.40 -0.73
C LEU C 262 8.76 -9.80 -2.19
N PHE C 263 8.23 -10.99 -2.48
CA PHE C 263 8.17 -11.50 -3.84
C PHE C 263 7.18 -10.71 -4.68
N ALA C 264 6.07 -10.31 -4.10
CA ALA C 264 5.11 -9.55 -4.88
C ALA C 264 5.67 -8.21 -5.31
N ASP C 265 6.46 -7.58 -4.46
CA ASP C 265 7.08 -6.32 -4.83
C ASP C 265 8.13 -6.52 -5.90
N TRP C 266 9.03 -7.48 -5.72
CA TRP C 266 10.08 -7.67 -6.69
C TRP C 266 9.53 -8.10 -8.04
N LEU C 267 8.38 -8.77 -8.05
CA LEU C 267 7.86 -9.21 -9.33
C LEU C 267 7.36 -8.05 -10.15
N GLN C 268 6.68 -7.09 -9.53
CA GLN C 268 6.25 -5.91 -10.27
C GLN C 268 7.44 -5.11 -10.72
N PHE C 269 8.48 -5.11 -9.91
CA PHE C 269 9.70 -4.46 -10.29
C PHE C 269 10.23 -5.08 -11.57
N ALA C 270 10.43 -6.39 -11.56
CA ALA C 270 10.96 -7.06 -12.73
C ALA C 270 10.11 -6.81 -13.95
N THR C 271 8.80 -6.76 -13.80
CA THR C 271 8.03 -6.58 -15.01
C THR C 271 7.97 -5.13 -15.46
N GLU C 272 8.09 -4.17 -14.54
CA GLU C 272 8.29 -2.81 -15.02
C GLU C 272 9.67 -2.68 -15.63
N LEU C 273 10.64 -3.34 -15.05
CA LEU C 273 12.00 -3.30 -15.53
C LEU C 273 12.10 -3.72 -16.98
N ALA C 274 11.28 -4.67 -17.42
CA ALA C 274 11.36 -5.15 -18.77
C ALA C 274 11.02 -4.10 -19.79
N SER C 275 10.43 -2.99 -19.36
CA SER C 275 10.14 -1.91 -20.29
C SER C 275 11.41 -1.34 -20.89
N PHE C 276 12.50 -1.39 -20.12
CA PHE C 276 13.81 -0.88 -20.52
C PHE C 276 14.69 -1.97 -21.08
N SER C 277 14.12 -3.10 -21.45
CA SER C 277 14.81 -4.09 -22.25
C SER C 277 14.32 -3.97 -23.69
N ALA C 278 14.95 -4.75 -24.56
CA ALA C 278 14.68 -4.62 -25.98
C ALA C 278 13.27 -5.02 -26.32
N GLN C 279 12.67 -5.89 -25.51
CA GLN C 279 11.31 -6.35 -25.77
C GLN C 279 10.27 -5.29 -25.48
N ARG C 280 10.55 -4.35 -24.57
CA ARG C 280 9.62 -3.33 -24.11
C ARG C 280 8.49 -3.92 -23.27
N THR C 281 8.56 -5.19 -22.93
CA THR C 281 7.52 -5.86 -22.18
C THR C 281 8.03 -7.24 -21.82
N PRO C 282 7.53 -7.85 -20.76
CA PRO C 282 8.11 -9.12 -20.36
C PRO C 282 7.77 -10.19 -21.37
N GLU C 283 8.66 -11.15 -21.48
CA GLU C 283 8.61 -12.13 -22.54
C GLU C 283 8.69 -13.52 -21.91
N GLY C 284 7.78 -14.38 -22.30
CA GLY C 284 7.78 -15.72 -21.75
C GLY C 284 6.79 -15.90 -20.64
N ARG C 285 7.18 -16.62 -19.61
CA ARG C 285 6.29 -16.94 -18.50
C ARG C 285 6.88 -16.37 -17.24
N LEU C 286 6.05 -15.65 -16.50
CA LEU C 286 6.50 -15.04 -15.28
C LEU C 286 6.78 -16.10 -14.23
N PRO C 287 7.71 -15.84 -13.32
CA PRO C 287 7.85 -16.70 -12.15
C PRO C 287 6.61 -16.61 -11.29
N VAL C 288 6.29 -17.71 -10.61
CA VAL C 288 5.12 -17.81 -9.74
C VAL C 288 5.59 -18.10 -8.34
N TYR C 289 5.00 -17.42 -7.36
CA TYR C 289 5.45 -17.59 -6.00
C TYR C 289 5.09 -18.97 -5.48
N ASP C 290 6.08 -19.68 -4.97
CA ASP C 290 5.94 -21.03 -4.44
C ASP C 290 6.56 -21.05 -3.05
N HIS C 291 5.70 -21.10 -2.04
CA HIS C 291 6.17 -21.03 -0.67
C HIS C 291 7.05 -22.21 -0.30
N ASP C 292 6.84 -23.34 -0.94
CA ASP C 292 7.62 -24.52 -0.66
C ASP C 292 8.70 -24.77 -1.69
N ASN C 293 8.97 -23.78 -2.53
CA ASN C 293 10.12 -23.83 -3.40
C ASN C 293 10.65 -22.42 -3.61
N LEU C 294 10.93 -21.73 -2.49
CA LEU C 294 11.39 -20.36 -2.54
C LEU C 294 12.69 -20.22 -3.33
N ALA C 295 13.53 -21.24 -3.31
CA ALA C 295 14.79 -21.13 -4.04
C ALA C 295 14.55 -21.03 -5.53
N LEU C 296 13.52 -21.68 -6.03
CA LEU C 296 13.32 -21.67 -7.46
C LEU C 296 12.68 -20.38 -7.91
N CYS C 297 11.57 -19.99 -7.28
CA CYS C 297 10.87 -18.78 -7.68
C CYS C 297 11.75 -17.55 -7.48
N PHE C 298 12.35 -17.40 -6.29
CA PHE C 298 13.21 -16.25 -6.09
C PHE C 298 14.43 -16.32 -6.99
N GLY C 299 14.93 -17.53 -7.24
CA GLY C 299 16.02 -17.68 -8.17
C GLY C 299 15.70 -17.12 -9.54
N LYS C 300 14.51 -17.41 -10.04
CA LYS C 300 14.13 -16.88 -11.34
C LYS C 300 14.02 -15.37 -11.28
N LEU C 301 13.20 -14.88 -10.35
CA LEU C 301 12.98 -13.44 -10.20
C LEU C 301 14.31 -12.69 -10.07
N MET C 302 15.21 -13.19 -9.23
CA MET C 302 16.48 -12.52 -9.03
C MET C 302 17.27 -12.40 -10.34
N LEU C 303 17.18 -13.41 -11.21
CA LEU C 303 17.88 -13.31 -12.48
C LEU C 303 17.22 -12.30 -13.38
N LEU C 304 15.90 -12.24 -13.37
CA LEU C 304 15.24 -11.16 -14.09
C LEU C 304 15.77 -9.83 -13.61
N LEU C 305 15.94 -9.68 -12.30
CA LEU C 305 16.36 -8.39 -11.78
C LEU C 305 17.80 -8.08 -12.15
N ARG C 306 18.70 -9.04 -12.00
CA ARG C 306 20.08 -8.74 -12.34
C ARG C 306 20.23 -8.39 -13.80
N GLN C 307 19.41 -8.99 -14.65
CA GLN C 307 19.45 -8.61 -16.06
C GLN C 307 19.09 -7.15 -16.23
N GLY C 308 17.93 -6.75 -15.70
CA GLY C 308 17.48 -5.38 -15.87
C GLY C 308 18.45 -4.35 -15.35
N LEU C 309 19.20 -4.66 -14.30
CA LEU C 309 20.06 -3.68 -13.64
C LEU C 309 21.52 -3.81 -14.04
N SER C 310 21.79 -4.07 -15.31
CA SER C 310 23.15 -4.29 -15.79
C SER C 310 23.47 -3.32 -16.91
N VAL C 311 24.70 -2.79 -16.87
CA VAL C 311 25.23 -1.93 -17.93
C VAL C 311 26.73 -2.18 -18.09
N ALA C 317 32.83 2.96 -22.42
CA ALA C 317 33.88 3.89 -22.78
C ALA C 317 35.22 3.30 -22.41
N ILE C 318 36.15 3.33 -23.35
CA ILE C 318 37.45 2.73 -23.07
C ILE C 318 38.53 3.54 -23.77
N GLN C 319 39.63 3.69 -23.05
CA GLN C 319 40.79 4.44 -23.47
C GLN C 319 41.78 3.47 -24.06
N LEU C 320 42.22 3.77 -25.27
CA LEU C 320 43.19 2.95 -25.97
C LEU C 320 44.54 3.61 -25.81
N THR C 321 45.62 2.82 -25.73
CA THR C 321 46.93 3.37 -25.43
C THR C 321 47.57 3.93 -26.68
N LEU C 322 48.08 5.13 -26.54
CA LEU C 322 48.76 5.81 -27.60
C LEU C 322 50.23 5.45 -27.46
N VAL C 323 50.59 4.25 -27.87
CA VAL C 323 51.96 3.79 -27.77
C VAL C 323 52.93 4.44 -28.74
N GLU C 324 54.01 4.96 -28.16
CA GLU C 324 55.08 5.65 -28.86
C GLU C 324 55.95 4.74 -29.71
N ARG C 325 56.21 5.15 -30.94
CA ARG C 325 57.06 4.38 -31.84
C ARG C 325 58.08 5.32 -32.46
N SER C 326 57.69 6.58 -32.59
CA SER C 326 58.55 7.63 -33.11
C SER C 326 57.94 8.97 -32.74
N HIS C 327 58.64 10.06 -33.01
CA HIS C 327 58.08 11.36 -32.72
C HIS C 327 57.19 11.66 -33.91
N GLY C 328 55.93 11.95 -33.63
CA GLY C 328 54.98 12.26 -34.67
C GLY C 328 54.08 11.07 -34.97
N LEU C 329 54.44 9.91 -34.47
CA LEU C 329 53.62 8.77 -34.73
C LEU C 329 53.44 7.83 -33.55
N ASN C 330 52.19 7.60 -33.19
CA ASN C 330 51.89 6.68 -32.12
C ASN C 330 50.87 5.68 -32.63
N VAL C 331 50.91 4.47 -32.09
CA VAL C 331 49.96 3.47 -32.53
C VAL C 331 48.73 3.46 -31.69
N ALA C 332 47.60 3.30 -32.34
CA ALA C 332 46.36 3.19 -31.61
C ALA C 332 45.81 1.80 -31.91
N THR C 333 46.50 0.79 -31.40
CA THR C 333 46.02 -0.57 -31.60
C THR C 333 44.67 -0.76 -30.92
N VAL C 334 43.62 -0.88 -31.72
CA VAL C 334 42.30 -1.17 -31.20
C VAL C 334 42.36 -2.63 -30.82
N GLN C 335 41.75 -3.03 -29.72
CA GLN C 335 41.86 -4.43 -29.30
C GLN C 335 40.87 -5.40 -29.92
N ASP C 336 40.08 -4.92 -30.86
CA ASP C 336 39.09 -5.75 -31.52
C ASP C 336 38.70 -5.00 -32.76
N THR C 337 38.60 -5.69 -33.88
CA THR C 337 38.17 -5.01 -35.07
C THR C 337 36.66 -4.82 -35.04
N LYS C 338 36.00 -5.57 -34.17
CA LYS C 338 34.57 -5.48 -33.97
C LYS C 338 34.31 -4.04 -33.63
N MET C 339 34.96 -3.62 -32.54
CA MET C 339 34.94 -2.28 -31.99
C MET C 339 34.85 -1.12 -32.94
N MET C 340 35.70 -1.16 -33.96
CA MET C 340 35.86 -0.12 -34.95
C MET C 340 34.70 0.46 -35.80
N ARG C 341 33.48 -0.08 -35.74
CA ARG C 341 32.40 0.50 -36.50
C ARG C 341 31.17 0.81 -35.65
N ASP C 342 31.14 0.33 -34.42
CA ASP C 342 30.02 0.67 -33.56
C ASP C 342 30.42 1.76 -32.58
N PHE C 343 31.71 1.94 -32.41
CA PHE C 343 32.15 2.94 -31.51
C PHE C 343 32.59 4.18 -32.21
N GLY C 344 32.37 5.28 -31.54
CA GLY C 344 32.99 6.53 -31.96
C GLY C 344 34.33 6.67 -31.30
N PHE C 345 35.09 7.64 -31.77
CA PHE C 345 36.42 7.85 -31.23
C PHE C 345 36.69 9.34 -31.05
N VAL C 346 37.35 9.66 -29.95
CA VAL C 346 37.53 11.05 -29.55
C VAL C 346 38.96 11.27 -29.09
N LEU C 347 39.48 12.43 -29.40
CA LEU C 347 40.83 12.84 -29.03
C LEU C 347 40.74 13.90 -27.96
N ALA C 348 41.21 13.62 -26.76
CA ALA C 348 41.24 14.62 -25.73
C ALA C 348 42.61 15.25 -25.89
N VAL C 349 42.67 16.54 -26.18
CA VAL C 349 43.96 17.14 -26.42
C VAL C 349 44.25 18.43 -25.68
N ARG C 350 45.41 18.52 -25.05
CA ARG C 350 45.81 19.72 -24.37
C ARG C 350 47.26 20.03 -24.67
N ALA C 351 47.57 21.29 -24.96
CA ALA C 351 48.93 21.72 -25.24
C ALA C 351 49.15 23.08 -24.60
N ASP C 352 50.41 23.36 -24.27
CA ASP C 352 50.79 24.65 -23.71
C ASP C 352 50.80 25.72 -24.79
N VAL C 353 49.71 25.84 -25.55
CA VAL C 353 49.59 26.78 -26.65
C VAL C 353 48.23 27.45 -26.56
N ALA C 354 48.08 28.56 -27.27
CA ALA C 354 46.86 29.34 -27.20
C ALA C 354 45.66 28.48 -27.59
N ALA C 355 44.55 28.70 -26.89
CA ALA C 355 43.34 27.96 -27.17
C ALA C 355 42.93 28.13 -28.62
N GLU C 356 42.90 29.37 -29.10
CA GLU C 356 42.36 29.65 -30.43
C GLU C 356 43.10 28.87 -31.51
N VAL C 357 44.42 28.83 -31.44
CA VAL C 357 45.16 28.15 -32.50
C VAL C 357 45.06 26.64 -32.37
N LEU C 358 45.03 26.12 -31.15
CA LEU C 358 44.90 24.70 -30.96
C LEU C 358 43.56 24.21 -31.50
N LEU C 359 42.57 25.08 -31.49
CA LEU C 359 41.28 24.75 -32.09
C LEU C 359 41.29 24.84 -33.60
N THR C 360 42.17 25.63 -34.18
CA THR C 360 42.28 25.76 -35.63
C THR C 360 43.42 24.93 -36.22
N HIS C 361 44.62 25.17 -35.78
CA HIS C 361 45.67 24.39 -36.34
C HIS C 361 45.65 22.92 -36.04
N PHE C 362 45.63 22.57 -34.77
CA PHE C 362 45.71 21.15 -34.43
C PHE C 362 44.76 20.32 -35.28
N PRO C 363 43.50 20.73 -35.54
CA PRO C 363 42.67 19.98 -36.49
C PRO C 363 43.30 19.82 -37.86
N ALA C 364 44.31 20.63 -38.21
CA ALA C 364 44.91 20.44 -39.53
C ALA C 364 46.27 19.73 -39.48
N GLN C 365 47.11 19.98 -38.49
CA GLN C 365 48.39 19.28 -38.53
C GLN C 365 48.36 17.90 -37.90
N MET C 366 47.19 17.34 -37.64
CA MET C 366 47.12 15.98 -37.13
C MET C 366 46.06 15.28 -37.97
N LYS C 367 46.48 14.46 -38.92
CA LYS C 367 45.55 13.63 -39.67
C LYS C 367 45.88 12.17 -39.39
N ILE C 368 44.86 11.34 -39.60
CA ILE C 368 44.96 9.93 -39.34
C ILE C 368 44.79 9.19 -40.66
N ARG C 373 48.97 3.25 -44.73
CA ARG C 373 48.90 4.22 -45.81
C ARG C 373 49.31 5.65 -45.42
N ILE C 374 49.52 5.95 -44.14
CA ILE C 374 49.47 7.34 -43.72
C ILE C 374 50.70 8.09 -44.22
N ARG C 375 51.90 7.54 -43.99
CA ARG C 375 53.06 8.32 -44.39
C ARG C 375 53.11 8.54 -45.90
N ASP C 376 52.24 7.87 -46.65
CA ASP C 376 51.91 8.36 -47.99
C ASP C 376 51.28 9.76 -47.88
N LEU C 377 50.20 9.88 -47.11
CA LEU C 377 49.51 11.17 -46.99
C LEU C 377 50.40 12.25 -46.39
N VAL C 378 51.39 11.89 -45.57
CA VAL C 378 52.20 12.91 -44.91
C VAL C 378 53.09 13.63 -45.92
N GLN C 379 53.49 12.93 -46.97
CA GLN C 379 54.33 13.54 -47.99
C GLN C 379 53.55 13.59 -49.29
N PRO C 383 45.17 15.16 -46.91
CA PRO C 383 44.99 15.38 -45.47
C PRO C 383 44.23 14.23 -44.85
N GLY C 384 44.15 14.22 -43.53
CA GLY C 384 43.50 13.16 -42.78
C GLY C 384 42.00 13.22 -42.53
N ILE C 385 41.54 12.35 -41.64
CA ILE C 385 40.12 12.27 -41.31
C ILE C 385 39.64 13.52 -40.64
N GLY C 386 38.42 13.91 -40.95
CA GLY C 386 37.86 15.11 -40.33
C GLY C 386 37.85 14.99 -38.83
N LEU C 387 38.24 16.07 -38.17
CA LEU C 387 38.26 16.12 -36.73
C LEU C 387 37.32 17.24 -36.35
N ARG C 388 36.25 16.92 -35.65
CA ARG C 388 35.29 17.96 -35.31
C ARG C 388 35.38 18.37 -33.85
N THR C 389 35.35 19.67 -33.62
CA THR C 389 35.39 20.24 -32.29
C THR C 389 34.17 19.75 -31.54
N MET C 390 34.33 19.30 -30.30
CA MET C 390 33.19 18.83 -29.50
C MET C 390 32.98 19.80 -28.39
N PRO C 391 32.00 20.67 -28.54
CA PRO C 391 31.70 21.69 -27.55
C PRO C 391 31.59 21.12 -26.16
N VAL C 392 30.86 20.03 -26.01
CA VAL C 392 30.66 19.39 -24.72
C VAL C 392 31.32 18.04 -24.78
N ALA C 393 32.11 17.73 -23.77
CA ALA C 393 32.73 16.42 -23.72
C ALA C 393 31.67 15.36 -23.39
N PRO C 394 31.72 14.20 -24.03
CA PRO C 394 30.84 13.10 -23.63
C PRO C 394 31.13 12.67 -22.21
N ARG C 395 30.08 12.41 -21.46
CA ARG C 395 30.24 12.13 -20.04
C ARG C 395 30.87 10.78 -19.76
N GLN C 396 30.92 9.88 -20.75
CA GLN C 396 31.58 8.60 -20.53
C GLN C 396 33.08 8.74 -20.38
N ILE C 397 33.67 9.77 -20.97
CA ILE C 397 35.09 10.01 -20.77
C ILE C 397 35.29 10.72 -19.44
N PRO C 398 36.27 10.34 -18.64
CA PRO C 398 36.43 10.96 -17.33
C PRO C 398 36.74 12.45 -17.46
N TYR C 399 36.33 13.19 -16.45
CA TYR C 399 36.43 14.65 -16.47
C TYR C 399 37.85 15.10 -16.65
N HIS C 400 38.09 15.98 -17.60
CA HIS C 400 39.43 16.51 -17.75
C HIS C 400 39.41 17.98 -18.09
N ALA C 401 39.54 18.78 -17.06
CA ALA C 401 39.51 20.20 -17.18
C ALA C 401 40.57 20.76 -18.08
N GLY C 402 40.16 21.59 -19.02
CA GLY C 402 41.11 22.24 -19.88
C GLY C 402 41.47 21.57 -21.15
N TYR C 403 40.77 20.51 -21.47
CA TYR C 403 41.08 19.81 -22.67
C TYR C 403 40.05 20.11 -23.70
N THR C 404 40.43 19.94 -24.94
CA THR C 404 39.53 20.16 -26.03
C THR C 404 39.27 18.79 -26.60
N TYR C 405 38.04 18.52 -26.96
CA TYR C 405 37.67 17.22 -27.47
C TYR C 405 37.40 17.22 -28.96
N PHE C 406 37.93 16.21 -29.63
CA PHE C 406 37.81 16.12 -31.07
C PHE C 406 37.24 14.77 -31.44
N GLU C 407 36.18 14.80 -32.24
CA GLU C 407 35.50 13.60 -32.70
C GLU C 407 36.01 13.25 -34.09
N LEU C 408 36.43 12.01 -34.26
CA LEU C 408 36.97 11.57 -35.53
C LEU C 408 35.83 11.28 -36.50
N GLU C 409 35.78 12.03 -37.60
CA GLU C 409 34.61 12.01 -38.47
C GLU C 409 34.43 10.64 -39.12
N LYS C 410 33.25 10.07 -38.93
CA LYS C 410 32.84 8.95 -39.75
C LYS C 410 32.28 9.51 -41.06
N TRP C 415 37.38 6.68 -45.19
CA TRP C 415 36.56 6.08 -44.16
C TRP C 415 36.84 4.61 -43.99
N LYS C 416 36.83 3.84 -45.07
CA LYS C 416 36.51 2.43 -44.99
C LYS C 416 37.72 1.56 -45.18
N GLN C 417 38.89 2.16 -45.35
CA GLN C 417 40.12 1.39 -45.31
C GLN C 417 40.34 0.75 -43.93
N MET C 418 39.89 1.40 -42.86
CA MET C 418 40.26 1.10 -41.46
C MET C 418 39.18 0.31 -40.72
N GLU C 419 37.95 0.21 -41.26
CA GLU C 419 37.01 -0.80 -40.76
C GLU C 419 37.55 -2.21 -40.95
N LYS C 420 38.43 -2.37 -41.96
CA LYS C 420 39.02 -3.67 -42.27
C LYS C 420 40.43 -3.81 -41.71
N SER C 421 41.05 -2.73 -41.24
CA SER C 421 42.37 -2.77 -40.62
C SER C 421 42.26 -2.99 -39.12
N SER C 422 43.26 -2.57 -38.31
CA SER C 422 43.22 -2.95 -36.89
C SER C 422 43.87 -1.96 -35.92
N ALA C 423 44.25 -0.76 -36.36
CA ALA C 423 44.92 0.18 -35.46
C ALA C 423 45.08 1.56 -36.10
N PHE C 424 45.01 2.62 -35.30
CA PHE C 424 45.09 3.96 -35.88
C PHE C 424 46.51 4.48 -35.91
N ALA C 425 46.81 5.28 -36.93
CA ALA C 425 48.08 5.95 -37.01
C ALA C 425 47.86 7.44 -37.08
N LEU C 426 48.34 8.11 -36.04
CA LEU C 426 48.28 9.53 -35.81
C LEU C 426 49.67 10.07 -36.11
N HIS C 427 49.79 11.14 -36.89
CA HIS C 427 51.10 11.74 -37.15
C HIS C 427 50.95 13.26 -37.21
N LEU C 428 51.50 13.96 -36.22
CA LEU C 428 51.23 15.39 -36.08
C LEU C 428 52.42 16.25 -36.50
N ALA C 429 52.10 17.40 -37.09
CA ALA C 429 53.11 18.27 -37.70
C ALA C 429 53.73 19.16 -36.64
N GLY C 430 54.78 18.66 -36.04
CA GLY C 430 55.73 19.50 -35.33
C GLY C 430 55.33 19.70 -33.87
N GLU C 431 55.13 20.97 -33.50
CA GLU C 431 55.24 21.36 -32.11
C GLU C 431 54.01 22.06 -31.61
N PHE C 432 53.50 21.54 -30.48
CA PHE C 432 52.61 22.26 -29.58
C PHE C 432 53.18 21.85 -28.23
N PRO C 433 54.01 22.68 -27.61
CA PRO C 433 54.78 22.23 -26.43
C PRO C 433 53.89 21.78 -25.28
N GLY C 434 54.44 20.90 -24.44
CA GLY C 434 53.74 20.41 -23.28
C GLY C 434 52.52 19.57 -23.57
N LEU C 435 52.48 18.95 -24.75
CA LEU C 435 51.28 18.28 -25.23
C LEU C 435 50.92 17.08 -24.36
N ASP C 436 49.61 16.84 -24.27
CA ASP C 436 49.04 15.66 -23.65
C ASP C 436 47.93 15.21 -24.58
N MET C 437 47.68 13.93 -24.61
CA MET C 437 46.66 13.41 -25.52
C MET C 437 46.06 12.13 -25.00
N GLU C 438 44.74 12.03 -25.08
CA GLU C 438 44.04 10.81 -24.77
C GLU C 438 43.17 10.45 -25.94
N PHE C 439 43.05 9.14 -26.18
CA PHE C 439 42.27 8.63 -27.30
C PHE C 439 41.29 7.61 -26.75
N TRP C 440 40.00 7.86 -26.95
CA TRP C 440 38.94 7.06 -26.36
C TRP C 440 37.99 6.58 -27.43
N ALA C 441 37.46 5.39 -27.23
CA ALA C 441 36.38 4.85 -28.04
C ALA C 441 35.14 4.71 -27.17
N ILE C 442 34.00 5.14 -27.71
CA ILE C 442 32.69 5.01 -27.07
C ILE C 442 31.77 4.33 -28.07
N ARG C 443 30.93 3.44 -27.57
CA ARG C 443 29.96 2.63 -28.29
C ARG C 443 28.60 3.31 -28.37
S SO4 D . -2.33 2.38 1.94
O1 SO4 D . -2.23 2.31 3.38
O2 SO4 D . -1.39 3.47 1.68
O3 SO4 D . -1.95 1.04 1.44
O4 SO4 D . -3.71 2.62 1.58
S SO4 E . -9.86 -27.69 41.94
O1 SO4 E . -9.40 -27.63 43.33
O2 SO4 E . -8.73 -27.61 41.04
O3 SO4 E . -10.63 -28.92 41.72
O4 SO4 E . -10.64 -26.50 41.61
S SO4 F . -1.74 -8.09 -5.50
O1 SO4 F . -0.75 -7.40 -4.66
O2 SO4 F . -2.17 -7.36 -6.69
O3 SO4 F . -1.21 -9.40 -5.83
O4 SO4 F . -2.98 -8.16 -4.78
S SO4 G . 26.91 12.60 -23.58
O1 SO4 G . 27.40 12.52 -22.24
O2 SO4 G . 27.54 13.65 -24.30
O3 SO4 G . 27.23 11.35 -24.20
O4 SO4 G . 25.51 12.91 -23.64
S SO4 H . 8.60 -4.49 1.19
O1 SO4 H . 9.34 -3.66 2.11
O2 SO4 H . 9.29 -4.79 -0.08
O3 SO4 H . 8.51 -5.79 1.80
O4 SO4 H . 7.22 -3.99 1.03
#